data_3H5I
# 
_entry.id   3H5I 
# 
_audit_conform.dict_name       mmcif_pdbx.dic 
_audit_conform.dict_version    5.387 
_audit_conform.dict_location   http://mmcif.pdb.org/dictionaries/ascii/mmcif_pdbx.dic 
# 
loop_
_database_2.database_id 
_database_2.database_code 
_database_2.pdbx_database_accession 
_database_2.pdbx_DOI 
PDB   3H5I         pdb_00003h5i 10.2210/pdb3h5i/pdb 
RCSB  RCSB052717   ?            ?                   
WWPDB D_1000052717 ?            ?                   
# 
loop_
_pdbx_audit_revision_history.ordinal 
_pdbx_audit_revision_history.data_content_type 
_pdbx_audit_revision_history.major_revision 
_pdbx_audit_revision_history.minor_revision 
_pdbx_audit_revision_history.revision_date 
1 'Structure model' 1 0 2009-05-05 
2 'Structure model' 1 1 2011-07-13 
3 'Structure model' 1 2 2017-11-01 
4 'Structure model' 1 3 2018-11-21 
5 'Structure model' 1 4 2021-02-10 
6 'Structure model' 1 5 2024-02-21 
# 
_pdbx_audit_revision_details.ordinal             1 
_pdbx_audit_revision_details.revision_ordinal    1 
_pdbx_audit_revision_details.data_content_type   'Structure model' 
_pdbx_audit_revision_details.provider            repository 
_pdbx_audit_revision_details.type                'Initial release' 
_pdbx_audit_revision_details.description         ? 
_pdbx_audit_revision_details.details             ? 
# 
loop_
_pdbx_audit_revision_group.ordinal 
_pdbx_audit_revision_group.revision_ordinal 
_pdbx_audit_revision_group.data_content_type 
_pdbx_audit_revision_group.group 
1 2 'Structure model' 'Version format compliance' 
2 3 'Structure model' 'Refinement description'    
3 4 'Structure model' 'Data collection'           
4 4 'Structure model' 'Structure summary'         
5 5 'Structure model' 'Database references'       
6 5 'Structure model' 'Derived calculations'      
7 5 'Structure model' 'Structure summary'         
8 6 'Structure model' 'Data collection'           
9 6 'Structure model' 'Database references'       
# 
loop_
_pdbx_audit_revision_category.ordinal 
_pdbx_audit_revision_category.revision_ordinal 
_pdbx_audit_revision_category.data_content_type 
_pdbx_audit_revision_category.category 
1 3 'Structure model' software        
2 4 'Structure model' audit_author    
3 5 'Structure model' audit_author    
4 5 'Structure model' citation_author 
5 5 'Structure model' struct_site     
6 6 'Structure model' chem_comp_atom  
7 6 'Structure model' chem_comp_bond  
8 6 'Structure model' database_2      
# 
loop_
_pdbx_audit_revision_item.ordinal 
_pdbx_audit_revision_item.revision_ordinal 
_pdbx_audit_revision_item.data_content_type 
_pdbx_audit_revision_item.item 
1 4 'Structure model' '_audit_author.identifier_ORCID'      
2 5 'Structure model' '_audit_author.identifier_ORCID'      
3 5 'Structure model' '_citation_author.identifier_ORCID'   
4 5 'Structure model' '_struct_site.pdbx_auth_asym_id'      
5 5 'Structure model' '_struct_site.pdbx_auth_comp_id'      
6 5 'Structure model' '_struct_site.pdbx_auth_seq_id'       
7 6 'Structure model' '_database_2.pdbx_DOI'                
8 6 'Structure model' '_database_2.pdbx_database_accession' 
# 
_pdbx_database_status.entry_id                        3H5I 
_pdbx_database_status.status_code                     REL 
_pdbx_database_status.deposit_site                    RCSB 
_pdbx_database_status.process_site                    RCSB 
_pdbx_database_status.recvd_initial_deposition_date   2009-04-22 
_pdbx_database_status.status_code_sf                  REL 
_pdbx_database_status.status_code_mr                  ? 
_pdbx_database_status.SG_entry                        Y 
_pdbx_database_status.pdb_format_compatible           Y 
_pdbx_database_status.status_code_cs                  ? 
_pdbx_database_status.methods_development_category    ? 
_pdbx_database_status.status_code_nmr_data            ? 
# 
_pdbx_database_related.db_name        TargetDB 
_pdbx_database_related.db_id          NYSGXRC-11022t 
_pdbx_database_related.details        . 
_pdbx_database_related.content_type   unspecified 
# 
loop_
_audit_author.name 
_audit_author.pdbx_ordinal 
_audit_author.identifier_ORCID 
'Bonanno, J.B.'                                                  1  ?                   
'Gilmore, M.'                                                    2  ?                   
'Bain, K.T.'                                                     3  ?                   
'Iizuka, M.'                                                     4  ?                   
'Romero, R.'                                                     5  ?                   
'Wasserman, S.'                                                  6  ?                   
'Sauder, J.M.'                                                   7  0000-0002-0254-4955 
'Burley, S.K.'                                                   8  0000-0002-2487-9713 
'Almo, S.C.'                                                     9  ?                   
'New York SGX Research Center for Structural Genomics (NYSGXRC)' 10 ?                   
# 
_citation.id                        primary 
_citation.title                     
;Crystal structure of the N-terminal domain of a response regulator/sensory box/GGDEF 3-domain protein from Carboxydothermus hydrogenoformans
;
_citation.journal_abbrev            'To be Published' 
_citation.journal_volume            ? 
_citation.page_first                ? 
_citation.page_last                 ? 
_citation.year                      ? 
_citation.journal_id_ASTM           ? 
_citation.country                   ? 
_citation.journal_id_ISSN           ? 
_citation.journal_id_CSD            0353 
_citation.book_publisher            ? 
_citation.pdbx_database_id_PubMed   ? 
_citation.pdbx_database_id_DOI      ? 
# 
loop_
_citation_author.citation_id 
_citation_author.name 
_citation_author.ordinal 
_citation_author.identifier_ORCID 
primary 'Bonanno, J.B.' 1 ?                   
primary 'Gilmore, M.'   2 ?                   
primary 'Bain, K.T.'    3 ?                   
primary 'Iizuka, M.'    4 ?                   
primary 'Romero, R.'    5 ?                   
primary 'Wasserman, S.' 6 ?                   
primary 'Sauder, J.M.'  7 ?                   
primary 'Burley, S.K.'  8 0000-0002-2487-9713 
primary 'Almo, S.C.'    9 ?                   
# 
loop_
_entity.id 
_entity.type 
_entity.src_method 
_entity.pdbx_description 
_entity.formula_weight 
_entity.pdbx_number_of_molecules 
_entity.pdbx_ec 
_entity.pdbx_mutation 
_entity.pdbx_fragment 
_entity.details 
1 polymer     man 'Response regulator/sensory box protein/GGDEF domain protein' 15515.825 1  ? ? 'residues 2-130' ? 
2 non-polymer syn 'SODIUM ION'                                                  22.990    1  ? ? ?                ? 
3 non-polymer syn 'CHLORIDE ION'                                                35.453    1  ? ? ?                ? 
4 water       nat water                                                         18.015    22 ? ? ?                ? 
# 
_entity_poly.entity_id                      1 
_entity_poly.type                           'polypeptide(L)' 
_entity_poly.nstd_linkage                   no 
_entity_poly.nstd_monomer                   no 
_entity_poly.pdbx_seq_one_letter_code       
;MSLKDKKILIVEDSKFQAKTIANILNKYGYTVEIALTGEAAVEKVSGGWYPDLILMDIELGEGMDGVQTALAIQQISELP
VVFLTAHTEPAVVEKIRSVTAYGYVMKSATEQVLITIVEMALRLYEANVHANEGHHHHHH
;
_entity_poly.pdbx_seq_one_letter_code_can   
;MSLKDKKILIVEDSKFQAKTIANILNKYGYTVEIALTGEAAVEKVSGGWYPDLILMDIELGEGMDGVQTALAIQQISELP
VVFLTAHTEPAVVEKIRSVTAYGYVMKSATEQVLITIVEMALRLYEANVHANEGHHHHHH
;
_entity_poly.pdbx_strand_id                 A 
_entity_poly.pdbx_target_identifier         NYSGXRC-11022t 
# 
loop_
_pdbx_entity_nonpoly.entity_id 
_pdbx_entity_nonpoly.name 
_pdbx_entity_nonpoly.comp_id 
2 'SODIUM ION'   NA  
3 'CHLORIDE ION' CL  
4 water          HOH 
# 
loop_
_entity_poly_seq.entity_id 
_entity_poly_seq.num 
_entity_poly_seq.mon_id 
_entity_poly_seq.hetero 
1 1   MET n 
1 2   SER n 
1 3   LEU n 
1 4   LYS n 
1 5   ASP n 
1 6   LYS n 
1 7   LYS n 
1 8   ILE n 
1 9   LEU n 
1 10  ILE n 
1 11  VAL n 
1 12  GLU n 
1 13  ASP n 
1 14  SER n 
1 15  LYS n 
1 16  PHE n 
1 17  GLN n 
1 18  ALA n 
1 19  LYS n 
1 20  THR n 
1 21  ILE n 
1 22  ALA n 
1 23  ASN n 
1 24  ILE n 
1 25  LEU n 
1 26  ASN n 
1 27  LYS n 
1 28  TYR n 
1 29  GLY n 
1 30  TYR n 
1 31  THR n 
1 32  VAL n 
1 33  GLU n 
1 34  ILE n 
1 35  ALA n 
1 36  LEU n 
1 37  THR n 
1 38  GLY n 
1 39  GLU n 
1 40  ALA n 
1 41  ALA n 
1 42  VAL n 
1 43  GLU n 
1 44  LYS n 
1 45  VAL n 
1 46  SER n 
1 47  GLY n 
1 48  GLY n 
1 49  TRP n 
1 50  TYR n 
1 51  PRO n 
1 52  ASP n 
1 53  LEU n 
1 54  ILE n 
1 55  LEU n 
1 56  MET n 
1 57  ASP n 
1 58  ILE n 
1 59  GLU n 
1 60  LEU n 
1 61  GLY n 
1 62  GLU n 
1 63  GLY n 
1 64  MET n 
1 65  ASP n 
1 66  GLY n 
1 67  VAL n 
1 68  GLN n 
1 69  THR n 
1 70  ALA n 
1 71  LEU n 
1 72  ALA n 
1 73  ILE n 
1 74  GLN n 
1 75  GLN n 
1 76  ILE n 
1 77  SER n 
1 78  GLU n 
1 79  LEU n 
1 80  PRO n 
1 81  VAL n 
1 82  VAL n 
1 83  PHE n 
1 84  LEU n 
1 85  THR n 
1 86  ALA n 
1 87  HIS n 
1 88  THR n 
1 89  GLU n 
1 90  PRO n 
1 91  ALA n 
1 92  VAL n 
1 93  VAL n 
1 94  GLU n 
1 95  LYS n 
1 96  ILE n 
1 97  ARG n 
1 98  SER n 
1 99  VAL n 
1 100 THR n 
1 101 ALA n 
1 102 TYR n 
1 103 GLY n 
1 104 TYR n 
1 105 VAL n 
1 106 MET n 
1 107 LYS n 
1 108 SER n 
1 109 ALA n 
1 110 THR n 
1 111 GLU n 
1 112 GLN n 
1 113 VAL n 
1 114 LEU n 
1 115 ILE n 
1 116 THR n 
1 117 ILE n 
1 118 VAL n 
1 119 GLU n 
1 120 MET n 
1 121 ALA n 
1 122 LEU n 
1 123 ARG n 
1 124 LEU n 
1 125 TYR n 
1 126 GLU n 
1 127 ALA n 
1 128 ASN n 
1 129 VAL n 
1 130 HIS n 
1 131 ALA n 
1 132 ASN n 
1 133 GLU n 
1 134 GLY n 
1 135 HIS n 
1 136 HIS n 
1 137 HIS n 
1 138 HIS n 
1 139 HIS n 
1 140 HIS n 
# 
_entity_src_gen.entity_id                          1 
_entity_src_gen.pdbx_src_id                        1 
_entity_src_gen.pdbx_alt_source_flag               sample 
_entity_src_gen.pdbx_seq_type                      ? 
_entity_src_gen.pdbx_beg_seq_num                   ? 
_entity_src_gen.pdbx_end_seq_num                   ? 
_entity_src_gen.gene_src_common_name               ? 
_entity_src_gen.gene_src_genus                     ? 
_entity_src_gen.pdbx_gene_src_gene                 CHY_0880 
_entity_src_gen.gene_src_species                   ? 
_entity_src_gen.gene_src_strain                    ? 
_entity_src_gen.gene_src_tissue                    ? 
_entity_src_gen.gene_src_tissue_fraction           ? 
_entity_src_gen.gene_src_details                   ? 
_entity_src_gen.pdbx_gene_src_fragment             ? 
_entity_src_gen.pdbx_gene_src_scientific_name      'Carboxydothermus hydrogenoformans Z-2901' 
_entity_src_gen.pdbx_gene_src_ncbi_taxonomy_id     246194 
_entity_src_gen.pdbx_gene_src_variant              ? 
_entity_src_gen.pdbx_gene_src_cell_line            ? 
_entity_src_gen.pdbx_gene_src_atcc                 ? 
_entity_src_gen.pdbx_gene_src_organ                ? 
_entity_src_gen.pdbx_gene_src_organelle            ? 
_entity_src_gen.pdbx_gene_src_cell                 ? 
_entity_src_gen.pdbx_gene_src_cellular_location    ? 
_entity_src_gen.host_org_common_name               ? 
_entity_src_gen.pdbx_host_org_scientific_name      'Escherichia coli' 
_entity_src_gen.pdbx_host_org_ncbi_taxonomy_id     562 
_entity_src_gen.host_org_genus                     ? 
_entity_src_gen.pdbx_host_org_gene                 ? 
_entity_src_gen.pdbx_host_org_organ                ? 
_entity_src_gen.host_org_species                   ? 
_entity_src_gen.pdbx_host_org_tissue               ? 
_entity_src_gen.pdbx_host_org_tissue_fraction      ? 
_entity_src_gen.pdbx_host_org_strain               'BL21(DE3)' 
_entity_src_gen.pdbx_host_org_variant              ? 
_entity_src_gen.pdbx_host_org_cell_line            ? 
_entity_src_gen.pdbx_host_org_atcc                 ? 
_entity_src_gen.pdbx_host_org_culture_collection   ? 
_entity_src_gen.pdbx_host_org_cell                 ? 
_entity_src_gen.pdbx_host_org_organelle            ? 
_entity_src_gen.pdbx_host_org_cellular_location    ? 
_entity_src_gen.pdbx_host_org_vector_type          plasmid 
_entity_src_gen.pdbx_host_org_vector               ? 
_entity_src_gen.host_org_details                   ? 
_entity_src_gen.expression_system_id               ? 
_entity_src_gen.plasmid_name                       'modified pET26' 
_entity_src_gen.plasmid_details                    ? 
_entity_src_gen.pdbx_description                   ? 
# 
loop_
_chem_comp.id 
_chem_comp.type 
_chem_comp.mon_nstd_flag 
_chem_comp.name 
_chem_comp.pdbx_synonyms 
_chem_comp.formula 
_chem_comp.formula_weight 
ALA 'L-peptide linking' y ALANINE         ? 'C3 H7 N O2'     89.093  
ARG 'L-peptide linking' y ARGININE        ? 'C6 H15 N4 O2 1' 175.209 
ASN 'L-peptide linking' y ASPARAGINE      ? 'C4 H8 N2 O3'    132.118 
ASP 'L-peptide linking' y 'ASPARTIC ACID' ? 'C4 H7 N O4'     133.103 
CL  non-polymer         . 'CHLORIDE ION'  ? 'Cl -1'          35.453  
GLN 'L-peptide linking' y GLUTAMINE       ? 'C5 H10 N2 O3'   146.144 
GLU 'L-peptide linking' y 'GLUTAMIC ACID' ? 'C5 H9 N O4'     147.129 
GLY 'peptide linking'   y GLYCINE         ? 'C2 H5 N O2'     75.067  
HIS 'L-peptide linking' y HISTIDINE       ? 'C6 H10 N3 O2 1' 156.162 
HOH non-polymer         . WATER           ? 'H2 O'           18.015  
ILE 'L-peptide linking' y ISOLEUCINE      ? 'C6 H13 N O2'    131.173 
LEU 'L-peptide linking' y LEUCINE         ? 'C6 H13 N O2'    131.173 
LYS 'L-peptide linking' y LYSINE          ? 'C6 H15 N2 O2 1' 147.195 
MET 'L-peptide linking' y METHIONINE      ? 'C5 H11 N O2 S'  149.211 
NA  non-polymer         . 'SODIUM ION'    ? 'Na 1'           22.990  
PHE 'L-peptide linking' y PHENYLALANINE   ? 'C9 H11 N O2'    165.189 
PRO 'L-peptide linking' y PROLINE         ? 'C5 H9 N O2'     115.130 
SER 'L-peptide linking' y SERINE          ? 'C3 H7 N O3'     105.093 
THR 'L-peptide linking' y THREONINE       ? 'C4 H9 N O3'     119.119 
TRP 'L-peptide linking' y TRYPTOPHAN      ? 'C11 H12 N2 O2'  204.225 
TYR 'L-peptide linking' y TYROSINE        ? 'C9 H11 N O3'    181.189 
VAL 'L-peptide linking' y VALINE          ? 'C5 H11 N O2'    117.146 
# 
loop_
_pdbx_poly_seq_scheme.asym_id 
_pdbx_poly_seq_scheme.entity_id 
_pdbx_poly_seq_scheme.seq_id 
_pdbx_poly_seq_scheme.mon_id 
_pdbx_poly_seq_scheme.ndb_seq_num 
_pdbx_poly_seq_scheme.pdb_seq_num 
_pdbx_poly_seq_scheme.auth_seq_num 
_pdbx_poly_seq_scheme.pdb_mon_id 
_pdbx_poly_seq_scheme.auth_mon_id 
_pdbx_poly_seq_scheme.pdb_strand_id 
_pdbx_poly_seq_scheme.pdb_ins_code 
_pdbx_poly_seq_scheme.hetero 
A 1 1   MET 1   -1  ?   ?   ?   A . n 
A 1 2   SER 2   0   ?   ?   ?   A . n 
A 1 3   LEU 3   1   ?   ?   ?   A . n 
A 1 4   LYS 4   2   ?   ?   ?   A . n 
A 1 5   ASP 5   3   ?   ?   ?   A . n 
A 1 6   LYS 6   4   4   LYS LYS A . n 
A 1 7   LYS 7   5   5   LYS LYS A . n 
A 1 8   ILE 8   6   6   ILE ILE A . n 
A 1 9   LEU 9   7   7   LEU LEU A . n 
A 1 10  ILE 10  8   8   ILE ILE A . n 
A 1 11  VAL 11  9   9   VAL VAL A . n 
A 1 12  GLU 12  10  10  GLU GLU A . n 
A 1 13  ASP 13  11  11  ASP ASP A . n 
A 1 14  SER 14  12  12  SER SER A . n 
A 1 15  LYS 15  13  13  LYS LYS A . n 
A 1 16  PHE 16  14  14  PHE PHE A . n 
A 1 17  GLN 17  15  15  GLN GLN A . n 
A 1 18  ALA 18  16  16  ALA ALA A . n 
A 1 19  LYS 19  17  17  LYS LYS A . n 
A 1 20  THR 20  18  18  THR THR A . n 
A 1 21  ILE 21  19  19  ILE ILE A . n 
A 1 22  ALA 22  20  20  ALA ALA A . n 
A 1 23  ASN 23  21  21  ASN ASN A . n 
A 1 24  ILE 24  22  22  ILE ILE A . n 
A 1 25  LEU 25  23  23  LEU LEU A . n 
A 1 26  ASN 26  24  24  ASN ASN A . n 
A 1 27  LYS 27  25  25  LYS LYS A . n 
A 1 28  TYR 28  26  26  TYR TYR A . n 
A 1 29  GLY 29  27  27  GLY GLY A . n 
A 1 30  TYR 30  28  28  TYR TYR A . n 
A 1 31  THR 31  29  29  THR THR A . n 
A 1 32  VAL 32  30  30  VAL VAL A . n 
A 1 33  GLU 33  31  31  GLU GLU A . n 
A 1 34  ILE 34  32  32  ILE ILE A . n 
A 1 35  ALA 35  33  33  ALA ALA A . n 
A 1 36  LEU 36  34  34  LEU LEU A . n 
A 1 37  THR 37  35  35  THR THR A . n 
A 1 38  GLY 38  36  36  GLY GLY A . n 
A 1 39  GLU 39  37  37  GLU GLU A . n 
A 1 40  ALA 40  38  38  ALA ALA A . n 
A 1 41  ALA 41  39  39  ALA ALA A . n 
A 1 42  VAL 42  40  40  VAL VAL A . n 
A 1 43  GLU 43  41  41  GLU GLU A . n 
A 1 44  LYS 44  42  42  LYS LYS A . n 
A 1 45  VAL 45  43  43  VAL VAL A . n 
A 1 46  SER 46  44  44  SER SER A . n 
A 1 47  GLY 47  45  45  GLY GLY A . n 
A 1 48  GLY 48  46  46  GLY GLY A . n 
A 1 49  TRP 49  47  47  TRP TRP A . n 
A 1 50  TYR 50  48  48  TYR TYR A . n 
A 1 51  PRO 51  49  49  PRO PRO A . n 
A 1 52  ASP 52  50  50  ASP ASP A . n 
A 1 53  LEU 53  51  51  LEU LEU A . n 
A 1 54  ILE 54  52  52  ILE ILE A . n 
A 1 55  LEU 55  53  53  LEU LEU A . n 
A 1 56  MET 56  54  54  MET MET A . n 
A 1 57  ASP 57  55  55  ASP ASP A . n 
A 1 58  ILE 58  56  56  ILE ILE A . n 
A 1 59  GLU 59  57  57  GLU GLU A . n 
A 1 60  LEU 60  58  58  LEU LEU A . n 
A 1 61  GLY 61  59  59  GLY GLY A . n 
A 1 62  GLU 62  60  60  GLU GLU A . n 
A 1 63  GLY 63  61  61  GLY GLY A . n 
A 1 64  MET 64  62  62  MET MET A . n 
A 1 65  ASP 65  63  63  ASP ASP A . n 
A 1 66  GLY 66  64  64  GLY GLY A . n 
A 1 67  VAL 67  65  65  VAL VAL A . n 
A 1 68  GLN 68  66  66  GLN GLN A . n 
A 1 69  THR 69  67  67  THR THR A . n 
A 1 70  ALA 70  68  68  ALA ALA A . n 
A 1 71  LEU 71  69  69  LEU LEU A . n 
A 1 72  ALA 72  70  70  ALA ALA A . n 
A 1 73  ILE 73  71  71  ILE ILE A . n 
A 1 74  GLN 74  72  72  GLN GLN A . n 
A 1 75  GLN 75  73  73  GLN GLN A . n 
A 1 76  ILE 76  74  74  ILE ILE A . n 
A 1 77  SER 77  75  75  SER SER A . n 
A 1 78  GLU 78  76  76  GLU GLU A . n 
A 1 79  LEU 79  77  77  LEU LEU A . n 
A 1 80  PRO 80  78  78  PRO PRO A . n 
A 1 81  VAL 81  79  79  VAL VAL A . n 
A 1 82  VAL 82  80  80  VAL VAL A . n 
A 1 83  PHE 83  81  81  PHE PHE A . n 
A 1 84  LEU 84  82  82  LEU LEU A . n 
A 1 85  THR 85  83  83  THR THR A . n 
A 1 86  ALA 86  84  84  ALA ALA A . n 
A 1 87  HIS 87  85  85  HIS HIS A . n 
A 1 88  THR 88  86  86  THR THR A . n 
A 1 89  GLU 89  87  87  GLU GLU A . n 
A 1 90  PRO 90  88  88  PRO PRO A . n 
A 1 91  ALA 91  89  89  ALA ALA A . n 
A 1 92  VAL 92  90  90  VAL VAL A . n 
A 1 93  VAL 93  91  91  VAL VAL A . n 
A 1 94  GLU 94  92  92  GLU GLU A . n 
A 1 95  LYS 95  93  93  LYS LYS A . n 
A 1 96  ILE 96  94  94  ILE ILE A . n 
A 1 97  ARG 97  95  95  ARG ARG A . n 
A 1 98  SER 98  96  96  SER SER A . n 
A 1 99  VAL 99  97  97  VAL VAL A . n 
A 1 100 THR 100 98  98  THR THR A . n 
A 1 101 ALA 101 99  99  ALA ALA A . n 
A 1 102 TYR 102 100 100 TYR TYR A . n 
A 1 103 GLY 103 101 101 GLY GLY A . n 
A 1 104 TYR 104 102 102 TYR TYR A . n 
A 1 105 VAL 105 103 103 VAL VAL A . n 
A 1 106 MET 106 104 104 MET MET A . n 
A 1 107 LYS 107 105 105 LYS LYS A . n 
A 1 108 SER 108 106 106 SER SER A . n 
A 1 109 ALA 109 107 107 ALA ALA A . n 
A 1 110 THR 110 108 108 THR THR A . n 
A 1 111 GLU 111 109 109 GLU GLU A . n 
A 1 112 GLN 112 110 110 GLN GLN A . n 
A 1 113 VAL 113 111 111 VAL VAL A . n 
A 1 114 LEU 114 112 112 LEU LEU A . n 
A 1 115 ILE 115 113 113 ILE ILE A . n 
A 1 116 THR 116 114 114 THR THR A . n 
A 1 117 ILE 117 115 115 ILE ILE A . n 
A 1 118 VAL 118 116 116 VAL VAL A . n 
A 1 119 GLU 119 117 117 GLU GLU A . n 
A 1 120 MET 120 118 118 MET MET A . n 
A 1 121 ALA 121 119 119 ALA ALA A . n 
A 1 122 LEU 122 120 120 LEU LEU A . n 
A 1 123 ARG 123 121 121 ARG ARG A . n 
A 1 124 LEU 124 122 122 LEU LEU A . n 
A 1 125 TYR 125 123 123 TYR TYR A . n 
A 1 126 GLU 126 124 124 GLU GLU A . n 
A 1 127 ALA 127 125 125 ALA ALA A . n 
A 1 128 ASN 128 126 126 ASN ASN A . n 
A 1 129 VAL 129 127 127 VAL VAL A . n 
A 1 130 HIS 130 128 128 HIS HIS A . n 
A 1 131 ALA 131 129 ?   ?   ?   A . n 
A 1 132 ASN 132 130 ?   ?   ?   A . n 
A 1 133 GLU 133 131 ?   ?   ?   A . n 
A 1 134 GLY 134 132 ?   ?   ?   A . n 
A 1 135 HIS 135 133 ?   ?   ?   A . n 
A 1 136 HIS 136 134 ?   ?   ?   A . n 
A 1 137 HIS 137 135 ?   ?   ?   A . n 
A 1 138 HIS 138 136 ?   ?   ?   A . n 
A 1 139 HIS 139 137 ?   ?   ?   A . n 
A 1 140 HIS 140 138 ?   ?   ?   A . n 
# 
loop_
_pdbx_nonpoly_scheme.asym_id 
_pdbx_nonpoly_scheme.entity_id 
_pdbx_nonpoly_scheme.mon_id 
_pdbx_nonpoly_scheme.ndb_seq_num 
_pdbx_nonpoly_scheme.pdb_seq_num 
_pdbx_nonpoly_scheme.auth_seq_num 
_pdbx_nonpoly_scheme.pdb_mon_id 
_pdbx_nonpoly_scheme.auth_mon_id 
_pdbx_nonpoly_scheme.pdb_strand_id 
_pdbx_nonpoly_scheme.pdb_ins_code 
B 2 NA  1  139 1  NA  NA  A . 
C 3 CL  1  140 1  CL  CL  A . 
D 4 HOH 1  141 1  HOH HOH A . 
D 4 HOH 2  142 2  HOH HOH A . 
D 4 HOH 3  143 3  HOH HOH A . 
D 4 HOH 4  144 4  HOH HOH A . 
D 4 HOH 5  145 5  HOH HOH A . 
D 4 HOH 6  146 6  HOH HOH A . 
D 4 HOH 7  147 7  HOH HOH A . 
D 4 HOH 8  148 8  HOH HOH A . 
D 4 HOH 9  149 9  HOH HOH A . 
D 4 HOH 10 150 10 HOH HOH A . 
D 4 HOH 11 151 11 HOH HOH A . 
D 4 HOH 12 152 12 HOH HOH A . 
D 4 HOH 13 153 13 HOH HOH A . 
D 4 HOH 14 154 14 HOH HOH A . 
D 4 HOH 15 155 15 HOH HOH A . 
D 4 HOH 16 156 16 HOH HOH A . 
D 4 HOH 17 157 17 HOH HOH A . 
D 4 HOH 18 158 18 HOH HOH A . 
D 4 HOH 19 159 19 HOH HOH A . 
D 4 HOH 20 160 20 HOH HOH A . 
D 4 HOH 21 161 21 HOH HOH A . 
D 4 HOH 22 162 22 HOH HOH A . 
# 
loop_
_pdbx_unobs_or_zero_occ_atoms.id 
_pdbx_unobs_or_zero_occ_atoms.PDB_model_num 
_pdbx_unobs_or_zero_occ_atoms.polymer_flag 
_pdbx_unobs_or_zero_occ_atoms.occupancy_flag 
_pdbx_unobs_or_zero_occ_atoms.auth_asym_id 
_pdbx_unobs_or_zero_occ_atoms.auth_comp_id 
_pdbx_unobs_or_zero_occ_atoms.auth_seq_id 
_pdbx_unobs_or_zero_occ_atoms.PDB_ins_code 
_pdbx_unobs_or_zero_occ_atoms.auth_atom_id 
_pdbx_unobs_or_zero_occ_atoms.label_alt_id 
_pdbx_unobs_or_zero_occ_atoms.label_asym_id 
_pdbx_unobs_or_zero_occ_atoms.label_comp_id 
_pdbx_unobs_or_zero_occ_atoms.label_seq_id 
_pdbx_unobs_or_zero_occ_atoms.label_atom_id 
1  1 Y 1 A GLU 57  ? CG  ? A GLU 59  CG  
2  1 Y 1 A GLU 57  ? CD  ? A GLU 59  CD  
3  1 Y 1 A GLU 57  ? OE1 ? A GLU 59  OE1 
4  1 Y 1 A GLU 57  ? OE2 ? A GLU 59  OE2 
5  1 Y 1 A GLU 60  ? CG  ? A GLU 62  CG  
6  1 Y 1 A GLU 60  ? CD  ? A GLU 62  CD  
7  1 Y 1 A GLU 60  ? OE1 ? A GLU 62  OE1 
8  1 Y 1 A GLU 60  ? OE2 ? A GLU 62  OE2 
9  1 Y 1 A GLU 76  ? CG  ? A GLU 78  CG  
10 1 Y 1 A GLU 76  ? CD  ? A GLU 78  CD  
11 1 Y 1 A GLU 76  ? OE1 ? A GLU 78  OE1 
12 1 Y 1 A GLU 76  ? OE2 ? A GLU 78  OE2 
13 1 Y 1 A VAL 127 ? CG1 ? A VAL 129 CG1 
14 1 Y 1 A VAL 127 ? CG2 ? A VAL 129 CG2 
# 
loop_
_software.pdbx_ordinal 
_software.name 
_software.version 
_software.date 
_software.type 
_software.contact_author 
_software.contact_author_email 
_software.classification 
_software.location 
_software.language 
_software.citation_id 
1 SCALA       3.3.9 2008/10/21      other   'Phil R. Evans'      pre@mrc-lmb.cam.ac.uk 'data scaling'    
http://www.ccp4.ac.uk/dist/html/scala.html   Fortran_77 ? 
2 REFMAC      .     ?               program 'Garib N. Murshudov' garib@ysbl.york.ac.uk refinement        
http://www.ccp4.ac.uk/dist/html/refmac5.html Fortran_77 ? 
3 PDB_EXTRACT 3.005 'June 11, 2008' package PDB                  help@deposit.rcsb.org 'data extraction' 
http://sw-tools.pdb.org/apps/PDB_EXTRACT/    C++        ? 
4 MAR345      CCD   ?               ?       ?                    ?                     'data collection' ? ?          ? 
5 MOSFLM      .     ?               ?       ?                    ?                     'data reduction'  ? ?          ? 
6 SHELXCD     .     ?               ?       ?                    ?                     phasing           ? ?          ? 
7 SHELXE      .     ?               ?       ?                    ?                     'model building'  ? ?          ? 
# 
_cell.length_a           86.668 
_cell.length_b           86.668 
_cell.length_c           131.156 
_cell.angle_alpha        90.000 
_cell.angle_beta         90.000 
_cell.angle_gamma        120.000 
_cell.entry_id           3H5I 
_cell.pdbx_unique_axis   ? 
_cell.Z_PDB              18 
_cell.length_a_esd       ? 
_cell.length_b_esd       ? 
_cell.length_c_esd       ? 
_cell.angle_alpha_esd    ? 
_cell.angle_beta_esd     ? 
_cell.angle_gamma_esd    ? 
# 
_symmetry.space_group_name_H-M             'H 3 2' 
_symmetry.entry_id                         3H5I 
_symmetry.Int_Tables_number                155 
_symmetry.pdbx_full_space_group_name_H-M   ? 
_symmetry.cell_setting                     ? 
_symmetry.space_group_name_Hall            ? 
# 
_exptl.crystals_number   1 
_exptl.entry_id          3H5I 
_exptl.method            'X-RAY DIFFRACTION' 
# 
_exptl_crystal.id                    1 
_exptl_crystal.density_Matthews      3.05 
_exptl_crystal.density_meas          ? 
_exptl_crystal.density_percent_sol   59.74 
_exptl_crystal.description           ? 
_exptl_crystal.F_000                 ? 
_exptl_crystal.preparation           ? 
# 
_exptl_crystal_grow.crystal_id      1 
_exptl_crystal_grow.method          'VAPOR DIFFUSION' 
_exptl_crystal_grow.pH              8.5 
_exptl_crystal_grow.temp            294 
_exptl_crystal_grow.pdbx_details    '100mM Hepes pH 8.5, 4.2M sodium chloride, vapor diffusion, temperature 294K' 
_exptl_crystal_grow.temp_details    ? 
_exptl_crystal_grow.pdbx_pH_range   ? 
# 
_diffrn.id                     1 
_diffrn.ambient_temp           100 
_diffrn.ambient_temp_details   ? 
_diffrn.crystal_id             1 
# 
_diffrn_detector.diffrn_id              1 
_diffrn_detector.detector               CCD 
_diffrn_detector.type                   'MAR CCD 165 mm' 
_diffrn_detector.pdbx_collection_date   2009-04-21 
_diffrn_detector.details                ? 
# 
_diffrn_radiation.diffrn_id                        1 
_diffrn_radiation.pdbx_diffrn_protocol             'SINGLE WAVELENGTH' 
_diffrn_radiation.monochromator                    diamond 
_diffrn_radiation.wavelength_id                    1 
_diffrn_radiation.pdbx_monochromatic_or_laue_m_l   M 
_diffrn_radiation.pdbx_scattering_type             x-ray 
# 
_diffrn_radiation_wavelength.id           1 
_diffrn_radiation_wavelength.wavelength   0.97958 
_diffrn_radiation_wavelength.wt           1.0 
# 
_diffrn_source.diffrn_id                   1 
_diffrn_source.source                      SYNCHROTRON 
_diffrn_source.type                        'APS BEAMLINE 31-ID' 
_diffrn_source.pdbx_wavelength_list        0.97958 
_diffrn_source.pdbx_wavelength             ? 
_diffrn_source.pdbx_synchrotron_site       APS 
_diffrn_source.pdbx_synchrotron_beamline   31-ID 
# 
_reflns.entry_id                     3H5I 
_reflns.d_resolution_high            1.900 
_reflns.d_resolution_low             65.144 
_reflns.number_all                   15201 
_reflns.number_obs                   15186 
_reflns.pdbx_Rsym_value              0.106 
_reflns.pdbx_redundancy              12.400 
_reflns.percent_possible_obs         99.900 
_reflns.observed_criterion_sigma_F   0 
_reflns.observed_criterion_sigma_I   0 
_reflns.pdbx_Rmerge_I_obs            0.106 
_reflns.pdbx_netI_over_sigmaI        14.7 
_reflns.B_iso_Wilson_estimate        26.0 
_reflns.R_free_details               ? 
_reflns.limit_h_max                  ? 
_reflns.limit_h_min                  ? 
_reflns.limit_k_max                  ? 
_reflns.limit_k_min                  ? 
_reflns.limit_l_max                  ? 
_reflns.limit_l_min                  ? 
_reflns.observed_criterion_F_max     ? 
_reflns.observed_criterion_F_min     ? 
_reflns.pdbx_chi_squared             ? 
_reflns.pdbx_scaling_rejects         ? 
_reflns.pdbx_diffrn_id               1 
_reflns.pdbx_ordinal                 1 
# 
_reflns_shell.d_res_high             1.90 
_reflns_shell.d_res_low              2.00 
_reflns_shell.percent_possible_obs   ? 
_reflns_shell.percent_possible_all   100.0 
_reflns_shell.Rmerge_I_obs           0.681 
_reflns_shell.meanI_over_sigI_obs    4.1 
_reflns_shell.pdbx_Rsym_value        0.681 
_reflns_shell.pdbx_redundancy        12.5 
_reflns_shell.number_unique_all      2176 
_reflns_shell.number_measured_all    ? 
_reflns_shell.number_measured_obs    ? 
_reflns_shell.number_unique_obs      ? 
_reflns_shell.pdbx_chi_squared       ? 
_reflns_shell.pdbx_diffrn_id         ? 
_reflns_shell.pdbx_ordinal           1 
# 
_refine.entry_id                                 3H5I 
_refine.ls_d_res_high                            1.900 
_refine.ls_d_res_low                             20.000 
_refine.pdbx_ls_sigma_F                          0.00 
_refine.pdbx_data_cutoff_high_absF               ? 
_refine.pdbx_data_cutoff_low_absF                ? 
_refine.ls_percent_reflns_obs                    99.910 
_refine.ls_number_reflns_obs                     15174 
_refine.ls_number_reflns_all                     15188 
_refine.pdbx_ls_cross_valid_method               THROUGHOUT 
_refine.pdbx_R_Free_selection_details            RANDOM 
_refine.details                                  'HYDROGENS HAVE BEEN ADDED IN THE RIDING POSITIONS' 
_refine.ls_R_factor_all                          ? 
_refine.ls_R_factor_obs                          0.213 
_refine.ls_R_factor_R_work                       0.212 
_refine.ls_wR_factor_R_work                      0.215 
_refine.ls_R_factor_R_free                       0.238 
_refine.ls_wR_factor_R_free                      0.241 
_refine.ls_percent_reflns_R_free                 5.000 
_refine.ls_number_reflns_R_free                  762 
_refine.ls_R_factor_R_free_error                 ? 
_refine.B_iso_mean                               35.116 
_refine.solvent_model_param_bsol                 ? 
_refine.solvent_model_param_ksol                 ? 
_refine.pdbx_isotropic_thermal_model             ? 
_refine.aniso_B[1][1]                            -0.580 
_refine.aniso_B[2][2]                            -0.580 
_refine.aniso_B[3][3]                            0.860 
_refine.aniso_B[1][2]                            -0.290 
_refine.aniso_B[1][3]                            0.000 
_refine.aniso_B[2][3]                            0.000 
_refine.correlation_coeff_Fo_to_Fc               0.949 
_refine.correlation_coeff_Fo_to_Fc_free          0.933 
_refine.overall_SU_R_Cruickshank_DPI             0.126 
_refine.overall_SU_R_free                        0.120 
_refine.pdbx_overall_ESU_R                       0.126 
_refine.pdbx_overall_ESU_R_Free                  0.120 
_refine.overall_SU_ML                            0.085 
_refine.overall_SU_B                             2.869 
_refine.solvent_model_details                    'BABINET MODEL WITH MASK' 
_refine.pdbx_solvent_vdw_probe_radii             1.400 
_refine.pdbx_solvent_ion_probe_radii             0.800 
_refine.pdbx_solvent_shrinkage_radii             0.800 
_refine.ls_number_parameters                     ? 
_refine.ls_number_restraints                     ? 
_refine.pdbx_starting_model                      ? 
_refine.pdbx_method_to_determine_struct          SAD 
_refine.pdbx_stereochemistry_target_values       'MAXIMUM LIKELIHOOD' 
_refine.pdbx_stereochem_target_val_spec_case     ? 
_refine.overall_FOM_work_R_set                   0.843 
_refine.B_iso_max                                77.51 
_refine.B_iso_min                                17.33 
_refine.occupancy_max                            1.00 
_refine.occupancy_min                            0.33 
_refine.pdbx_ls_sigma_I                          0 
_refine.ls_redundancy_reflns_obs                 ? 
_refine.ls_R_factor_R_free_error_details         ? 
_refine.pdbx_data_cutoff_high_rms_absF           ? 
_refine.overall_FOM_free_R_set                   ? 
_refine.pdbx_overall_phase_error                 ? 
_refine.pdbx_refine_id                           'X-RAY DIFFRACTION' 
_refine.pdbx_diffrn_id                           1 
_refine.pdbx_TLS_residual_ADP_flag               ? 
_refine.pdbx_overall_SU_R_free_Cruickshank_DPI   ? 
_refine.pdbx_overall_SU_R_Blow_DPI               ? 
_refine.pdbx_overall_SU_R_free_Blow_DPI          ? 
# 
_refine_hist.pdbx_refine_id                   'X-RAY DIFFRACTION' 
_refine_hist.cycle_id                         LAST 
_refine_hist.pdbx_number_atoms_protein        961 
_refine_hist.pdbx_number_atoms_nucleic_acid   0 
_refine_hist.pdbx_number_atoms_ligand         2 
_refine_hist.number_atoms_solvent             22 
_refine_hist.number_atoms_total               985 
_refine_hist.d_res_high                       1.900 
_refine_hist.d_res_low                        20.000 
# 
loop_
_refine_ls_restr.type 
_refine_ls_restr.number 
_refine_ls_restr.dev_ideal 
_refine_ls_restr.dev_ideal_target 
_refine_ls_restr.weight 
_refine_ls_restr.pdbx_refine_id 
_refine_ls_restr.pdbx_restraint_function 
r_bond_refined_d       977  0.016  0.022  ? 'X-RAY DIFFRACTION' ? 
r_bond_other_d         624  0.001  0.020  ? 'X-RAY DIFFRACTION' ? 
r_angle_refined_deg    1330 1.444  1.974  ? 'X-RAY DIFFRACTION' ? 
r_angle_other_deg      1553 0.895  3.000  ? 'X-RAY DIFFRACTION' ? 
r_dihedral_angle_1_deg 128  5.718  5.000  ? 'X-RAY DIFFRACTION' ? 
r_dihedral_angle_2_deg 35   35.135 25.714 ? 'X-RAY DIFFRACTION' ? 
r_dihedral_angle_3_deg 176  14.236 15.000 ? 'X-RAY DIFFRACTION' ? 
r_dihedral_angle_4_deg 2    25.051 15.000 ? 'X-RAY DIFFRACTION' ? 
r_chiral_restr         165  0.083  0.200  ? 'X-RAY DIFFRACTION' ? 
r_gen_planes_refined   1067 0.006  0.020  ? 'X-RAY DIFFRACTION' ? 
r_gen_planes_other     174  0.001  0.020  ? 'X-RAY DIFFRACTION' ? 
r_mcbond_it            625  1.063  1.500  ? 'X-RAY DIFFRACTION' ? 
r_mcbond_other         256  0.243  1.500  ? 'X-RAY DIFFRACTION' ? 
r_mcangle_it           1011 2.013  2.000  ? 'X-RAY DIFFRACTION' ? 
r_scbond_it            352  2.828  3.000  ? 'X-RAY DIFFRACTION' ? 
r_scangle_it           317  4.689  4.500  ? 'X-RAY DIFFRACTION' ? 
# 
_refine_ls_shell.d_res_high                       1.900 
_refine_ls_shell.d_res_low                        1.949 
_refine_ls_shell.pdbx_total_number_of_bins_used   20 
_refine_ls_shell.percent_reflns_obs               99.820 
_refine_ls_shell.number_reflns_R_work             1039 
_refine_ls_shell.R_factor_all                     ? 
_refine_ls_shell.R_factor_R_work                  0.258 
_refine_ls_shell.R_factor_R_free                  0.275 
_refine_ls_shell.percent_reflns_R_free            ? 
_refine_ls_shell.number_reflns_R_free             55 
_refine_ls_shell.R_factor_R_free_error            ? 
_refine_ls_shell.number_reflns_all                1094 
_refine_ls_shell.number_reflns_obs                1039 
_refine_ls_shell.redundancy_reflns_obs            ? 
_refine_ls_shell.pdbx_refine_id                   'X-RAY DIFFRACTION' 
# 
_struct.entry_id                  3H5I 
_struct.title                     
;Crystal structure of the N-terminal domain of a response regulator/sensory box/GGDEF 3-domain protein from Carboxydothermus hydrogenoformans
;
_struct.pdbx_model_details        ? 
_struct.pdbx_CASP_flag            ? 
_struct.pdbx_model_type_details   ? 
# 
_struct_keywords.entry_id        3H5I 
_struct_keywords.text            
;STRUCTURAL GENOMICS, TRANSCRIPTION, PSI-2, Protein Structure Initiative, New York SGX Research Center for Structural Genomics, NYSGXRC
;
_struct_keywords.pdbx_keywords   TRANSCRIPTION 
# 
loop_
_struct_asym.id 
_struct_asym.pdbx_blank_PDB_chainid_flag 
_struct_asym.pdbx_modified 
_struct_asym.entity_id 
_struct_asym.details 
A N N 1 ? 
B N N 2 ? 
C N N 3 ? 
D N N 4 ? 
# 
_struct_ref.id                         1 
_struct_ref.db_name                    UNP 
_struct_ref.db_code                    Q3ADQ4_CARHZ 
_struct_ref.pdbx_db_accession          Q3ADQ4 
_struct_ref.entity_id                  1 
_struct_ref.pdbx_seq_one_letter_code   
;KDKKILIVEDSKFQAKTIANILNKYGYTVEIALTGEAAVEKVSGGWYPDLILMDIELGEGMDGVQTALAIQQISELPVVF
LTAHTEPAVVEKIRSVTAYGYVMKSATEQVLITIVEMALRLYEANVHAN
;
_struct_ref.pdbx_align_begin           2 
_struct_ref.pdbx_db_isoform            ? 
# 
_struct_ref_seq.align_id                      1 
_struct_ref_seq.ref_id                        1 
_struct_ref_seq.pdbx_PDB_id_code              3H5I 
_struct_ref_seq.pdbx_strand_id                A 
_struct_ref_seq.seq_align_beg                 4 
_struct_ref_seq.pdbx_seq_align_beg_ins_code   ? 
_struct_ref_seq.seq_align_end                 132 
_struct_ref_seq.pdbx_seq_align_end_ins_code   ? 
_struct_ref_seq.pdbx_db_accession             Q3ADQ4 
_struct_ref_seq.db_align_beg                  2 
_struct_ref_seq.pdbx_db_align_beg_ins_code    ? 
_struct_ref_seq.db_align_end                  130 
_struct_ref_seq.pdbx_db_align_end_ins_code    ? 
_struct_ref_seq.pdbx_auth_seq_align_beg       2 
_struct_ref_seq.pdbx_auth_seq_align_end       130 
# 
loop_
_struct_ref_seq_dif.align_id 
_struct_ref_seq_dif.pdbx_pdb_id_code 
_struct_ref_seq_dif.mon_id 
_struct_ref_seq_dif.pdbx_pdb_strand_id 
_struct_ref_seq_dif.seq_num 
_struct_ref_seq_dif.pdbx_pdb_ins_code 
_struct_ref_seq_dif.pdbx_seq_db_name 
_struct_ref_seq_dif.pdbx_seq_db_accession_code 
_struct_ref_seq_dif.db_mon_id 
_struct_ref_seq_dif.pdbx_seq_db_seq_num 
_struct_ref_seq_dif.details 
_struct_ref_seq_dif.pdbx_auth_seq_num 
_struct_ref_seq_dif.pdbx_ordinal 
1 3H5I MET A 1   ? UNP Q3ADQ4 ? ? 'expression tag' -1  1  
1 3H5I SER A 2   ? UNP Q3ADQ4 ? ? 'expression tag' 0   2  
1 3H5I LEU A 3   ? UNP Q3ADQ4 ? ? 'expression tag' 1   3  
1 3H5I GLU A 133 ? UNP Q3ADQ4 ? ? 'expression tag' 131 4  
1 3H5I GLY A 134 ? UNP Q3ADQ4 ? ? 'expression tag' 132 5  
1 3H5I HIS A 135 ? UNP Q3ADQ4 ? ? 'expression tag' 133 6  
1 3H5I HIS A 136 ? UNP Q3ADQ4 ? ? 'expression tag' 134 7  
1 3H5I HIS A 137 ? UNP Q3ADQ4 ? ? 'expression tag' 135 8  
1 3H5I HIS A 138 ? UNP Q3ADQ4 ? ? 'expression tag' 136 9  
1 3H5I HIS A 139 ? UNP Q3ADQ4 ? ? 'expression tag' 137 10 
1 3H5I HIS A 140 ? UNP Q3ADQ4 ? ? 'expression tag' 138 11 
# 
_pdbx_struct_assembly.id                   1 
_pdbx_struct_assembly.details              author_and_software_defined_assembly 
_pdbx_struct_assembly.method_details       PISA 
_pdbx_struct_assembly.oligomeric_details   trimeric 
_pdbx_struct_assembly.oligomeric_count     3 
# 
loop_
_pdbx_struct_assembly_prop.biol_id 
_pdbx_struct_assembly_prop.type 
_pdbx_struct_assembly_prop.value 
_pdbx_struct_assembly_prop.details 
1 'ABSA (A^2)' 5090  ? 
1 MORE         -71   ? 
1 'SSA (A^2)'  15340 ? 
# 
_pdbx_struct_assembly_gen.assembly_id       1 
_pdbx_struct_assembly_gen.oper_expression   1,2,3 
_pdbx_struct_assembly_gen.asym_id_list      A,B,C,D 
# 
loop_
_pdbx_struct_oper_list.id 
_pdbx_struct_oper_list.type 
_pdbx_struct_oper_list.name 
_pdbx_struct_oper_list.symmetry_operation 
_pdbx_struct_oper_list.matrix[1][1] 
_pdbx_struct_oper_list.matrix[1][2] 
_pdbx_struct_oper_list.matrix[1][3] 
_pdbx_struct_oper_list.vector[1] 
_pdbx_struct_oper_list.matrix[2][1] 
_pdbx_struct_oper_list.matrix[2][2] 
_pdbx_struct_oper_list.matrix[2][3] 
_pdbx_struct_oper_list.vector[2] 
_pdbx_struct_oper_list.matrix[3][1] 
_pdbx_struct_oper_list.matrix[3][2] 
_pdbx_struct_oper_list.matrix[3][3] 
_pdbx_struct_oper_list.vector[3] 
1 'identity operation'         1_555 x,y,z     1.0000000000  0.0000000000 0.0000000000  0.0000000000  0.0000000000 1.0000000000 0.0000000000  0.0000000000  0.0000000000  0.0000000000  1.0000000000  0.0000000000  
2 'crystal symmetry operation' 2_555 -y,x-y,z  -0.4530678903 0.2491493760 0.8559521454  -2.6196581368 0.2730846631 0.9527814414 -0.1327866400 0.0835944747  -0.8486190273 0.1735860404  -0.4997135510 27.5784849004 
3 'crystal symmetry operation' 3_555 -x+y,-x,z -0.4530678903 0.2730846631 -0.8486190273 22.1939156766 0.2491493760 0.9527814414 0.1735860404  -4.2142010682 0.8559521454  -0.1327866400 -0.4997135510 16.0347448527 
# 
_struct_biol.id        1 
_struct_biol.details   'probable trimer' 
# 
loop_
_struct_conf.conf_type_id 
_struct_conf.id 
_struct_conf.pdbx_PDB_helix_id 
_struct_conf.beg_label_comp_id 
_struct_conf.beg_label_asym_id 
_struct_conf.beg_label_seq_id 
_struct_conf.pdbx_beg_PDB_ins_code 
_struct_conf.end_label_comp_id 
_struct_conf.end_label_asym_id 
_struct_conf.end_label_seq_id 
_struct_conf.pdbx_end_PDB_ins_code 
_struct_conf.beg_auth_comp_id 
_struct_conf.beg_auth_asym_id 
_struct_conf.beg_auth_seq_id 
_struct_conf.end_auth_comp_id 
_struct_conf.end_auth_asym_id 
_struct_conf.end_auth_seq_id 
_struct_conf.pdbx_PDB_helix_class 
_struct_conf.details 
_struct_conf.pdbx_PDB_helix_length 
HELX_P HELX_P1 1 SER A 14  ? TYR A 28  ? SER A 12  TYR A 26  1 ? 15 
HELX_P HELX_P2 2 THR A 37  ? GLY A 47  ? THR A 35  GLY A 45  1 ? 11 
HELX_P HELX_P3 3 ASP A 65  ? SER A 77  ? ASP A 63  SER A 75  1 ? 13 
HELX_P HELX_P4 4 VAL A 93  ? VAL A 99  ? VAL A 91  VAL A 97  5 ? 7  
HELX_P HELX_P5 5 THR A 110 ? HIS A 130 ? THR A 108 HIS A 128 1 ? 21 
# 
_struct_conf_type.id          HELX_P 
_struct_conf_type.criteria    ? 
_struct_conf_type.reference   ? 
# 
loop_
_struct_conn.id 
_struct_conn.conn_type_id 
_struct_conn.pdbx_leaving_atom_flag 
_struct_conn.pdbx_PDB_id 
_struct_conn.ptnr1_label_asym_id 
_struct_conn.ptnr1_label_comp_id 
_struct_conn.ptnr1_label_seq_id 
_struct_conn.ptnr1_label_atom_id 
_struct_conn.pdbx_ptnr1_label_alt_id 
_struct_conn.pdbx_ptnr1_PDB_ins_code 
_struct_conn.pdbx_ptnr1_standard_comp_id 
_struct_conn.ptnr1_symmetry 
_struct_conn.ptnr2_label_asym_id 
_struct_conn.ptnr2_label_comp_id 
_struct_conn.ptnr2_label_seq_id 
_struct_conn.ptnr2_label_atom_id 
_struct_conn.pdbx_ptnr2_label_alt_id 
_struct_conn.pdbx_ptnr2_PDB_ins_code 
_struct_conn.ptnr1_auth_asym_id 
_struct_conn.ptnr1_auth_comp_id 
_struct_conn.ptnr1_auth_seq_id 
_struct_conn.ptnr2_auth_asym_id 
_struct_conn.ptnr2_auth_comp_id 
_struct_conn.ptnr2_auth_seq_id 
_struct_conn.ptnr2_symmetry 
_struct_conn.pdbx_ptnr3_label_atom_id 
_struct_conn.pdbx_ptnr3_label_seq_id 
_struct_conn.pdbx_ptnr3_label_comp_id 
_struct_conn.pdbx_ptnr3_label_asym_id 
_struct_conn.pdbx_ptnr3_label_alt_id 
_struct_conn.pdbx_ptnr3_PDB_ins_code 
_struct_conn.details 
_struct_conn.pdbx_dist_value 
_struct_conn.pdbx_value_order 
_struct_conn.pdbx_role 
metalc1 metalc ? ? A HIS 130 NE2 ? ? ? 1_555 B NA  . NA ? ? A HIS 128 A NA  139 1_555 ? ? ? ? ? ? ? 2.626 ? ? 
metalc2 metalc ? ? B NA  .   NA  ? ? ? 1_555 D HOH . O  ? ? A NA  139 A HOH 141 1_555 ? ? ? ? ? ? ? 2.589 ? ? 
# 
_struct_conn_type.id          metalc 
_struct_conn_type.criteria    ? 
_struct_conn_type.reference   ? 
# 
_pdbx_struct_conn_angle.id                    1 
_pdbx_struct_conn_angle.ptnr1_label_atom_id   NE2 
_pdbx_struct_conn_angle.ptnr1_label_alt_id    ? 
_pdbx_struct_conn_angle.ptnr1_label_asym_id   A 
_pdbx_struct_conn_angle.ptnr1_label_comp_id   HIS 
_pdbx_struct_conn_angle.ptnr1_label_seq_id    130 
_pdbx_struct_conn_angle.ptnr1_auth_atom_id    ? 
_pdbx_struct_conn_angle.ptnr1_auth_asym_id    A 
_pdbx_struct_conn_angle.ptnr1_auth_comp_id    HIS 
_pdbx_struct_conn_angle.ptnr1_auth_seq_id     128 
_pdbx_struct_conn_angle.ptnr1_PDB_ins_code    ? 
_pdbx_struct_conn_angle.ptnr1_symmetry        1_555 
_pdbx_struct_conn_angle.ptnr2_label_atom_id   NA 
_pdbx_struct_conn_angle.ptnr2_label_alt_id    ? 
_pdbx_struct_conn_angle.ptnr2_label_asym_id   B 
_pdbx_struct_conn_angle.ptnr2_label_comp_id   NA 
_pdbx_struct_conn_angle.ptnr2_label_seq_id    . 
_pdbx_struct_conn_angle.ptnr2_auth_atom_id    ? 
_pdbx_struct_conn_angle.ptnr2_auth_asym_id    A 
_pdbx_struct_conn_angle.ptnr2_auth_comp_id    NA 
_pdbx_struct_conn_angle.ptnr2_auth_seq_id     139 
_pdbx_struct_conn_angle.ptnr2_PDB_ins_code    ? 
_pdbx_struct_conn_angle.ptnr2_symmetry        1_555 
_pdbx_struct_conn_angle.ptnr3_label_atom_id   O 
_pdbx_struct_conn_angle.ptnr3_label_alt_id    ? 
_pdbx_struct_conn_angle.ptnr3_label_asym_id   D 
_pdbx_struct_conn_angle.ptnr3_label_comp_id   HOH 
_pdbx_struct_conn_angle.ptnr3_label_seq_id    . 
_pdbx_struct_conn_angle.ptnr3_auth_atom_id    ? 
_pdbx_struct_conn_angle.ptnr3_auth_asym_id    A 
_pdbx_struct_conn_angle.ptnr3_auth_comp_id    HOH 
_pdbx_struct_conn_angle.ptnr3_auth_seq_id     141 
_pdbx_struct_conn_angle.ptnr3_PDB_ins_code    ? 
_pdbx_struct_conn_angle.ptnr3_symmetry        1_555 
_pdbx_struct_conn_angle.value                 85.5 
_pdbx_struct_conn_angle.value_esd             ? 
# 
_struct_sheet.id               A 
_struct_sheet.type             ? 
_struct_sheet.number_strands   5 
_struct_sheet.details          ? 
# 
loop_
_struct_sheet_order.sheet_id 
_struct_sheet_order.range_id_1 
_struct_sheet_order.range_id_2 
_struct_sheet_order.offset 
_struct_sheet_order.sense 
A 1 2 ? parallel 
A 2 3 ? parallel 
A 3 4 ? parallel 
A 4 5 ? parallel 
# 
loop_
_struct_sheet_range.sheet_id 
_struct_sheet_range.id 
_struct_sheet_range.beg_label_comp_id 
_struct_sheet_range.beg_label_asym_id 
_struct_sheet_range.beg_label_seq_id 
_struct_sheet_range.pdbx_beg_PDB_ins_code 
_struct_sheet_range.end_label_comp_id 
_struct_sheet_range.end_label_asym_id 
_struct_sheet_range.end_label_seq_id 
_struct_sheet_range.pdbx_end_PDB_ins_code 
_struct_sheet_range.beg_auth_comp_id 
_struct_sheet_range.beg_auth_asym_id 
_struct_sheet_range.beg_auth_seq_id 
_struct_sheet_range.end_auth_comp_id 
_struct_sheet_range.end_auth_asym_id 
_struct_sheet_range.end_auth_seq_id 
A 1 THR A 31  ? ALA A 35  ? THR A 29 ALA A 33  
A 2 LYS A 7   ? VAL A 11  ? LYS A 5  VAL A 9   
A 3 LEU A 53  ? ASP A 57  ? LEU A 51 ASP A 55  
A 4 VAL A 81  ? THR A 85  ? VAL A 79 THR A 83  
A 5 ALA A 101 ? MET A 106 ? ALA A 99 MET A 104 
# 
loop_
_pdbx_struct_sheet_hbond.sheet_id 
_pdbx_struct_sheet_hbond.range_id_1 
_pdbx_struct_sheet_hbond.range_id_2 
_pdbx_struct_sheet_hbond.range_1_label_atom_id 
_pdbx_struct_sheet_hbond.range_1_label_comp_id 
_pdbx_struct_sheet_hbond.range_1_label_asym_id 
_pdbx_struct_sheet_hbond.range_1_label_seq_id 
_pdbx_struct_sheet_hbond.range_1_PDB_ins_code 
_pdbx_struct_sheet_hbond.range_1_auth_atom_id 
_pdbx_struct_sheet_hbond.range_1_auth_comp_id 
_pdbx_struct_sheet_hbond.range_1_auth_asym_id 
_pdbx_struct_sheet_hbond.range_1_auth_seq_id 
_pdbx_struct_sheet_hbond.range_2_label_atom_id 
_pdbx_struct_sheet_hbond.range_2_label_comp_id 
_pdbx_struct_sheet_hbond.range_2_label_asym_id 
_pdbx_struct_sheet_hbond.range_2_label_seq_id 
_pdbx_struct_sheet_hbond.range_2_PDB_ins_code 
_pdbx_struct_sheet_hbond.range_2_auth_atom_id 
_pdbx_struct_sheet_hbond.range_2_auth_comp_id 
_pdbx_struct_sheet_hbond.range_2_auth_asym_id 
_pdbx_struct_sheet_hbond.range_2_auth_seq_id 
A 1 2 O ALA A 35 ? O ALA A 33 N ILE A 10  ? N ILE A 8   
A 2 3 N VAL A 11 ? N VAL A 9  O LEU A 55  ? O LEU A 53  
A 3 4 N MET A 56 ? N MET A 54 O VAL A 82  ? O VAL A 80  
A 4 5 N VAL A 81 ? N VAL A 79 O TYR A 102 ? O TYR A 100 
# 
loop_
_struct_site.id 
_struct_site.pdbx_evidence_code 
_struct_site.pdbx_auth_asym_id 
_struct_site.pdbx_auth_comp_id 
_struct_site.pdbx_auth_seq_id 
_struct_site.pdbx_auth_ins_code 
_struct_site.pdbx_num_residues 
_struct_site.details 
AC1 Software A NA 139 ? 6 'BINDING SITE FOR RESIDUE NA A 139' 
AC2 Software A CL 140 ? 1 'BINDING SITE FOR RESIDUE CL A 140' 
# 
loop_
_struct_site_gen.id 
_struct_site_gen.site_id 
_struct_site_gen.pdbx_num_res 
_struct_site_gen.label_comp_id 
_struct_site_gen.label_asym_id 
_struct_site_gen.label_seq_id 
_struct_site_gen.pdbx_auth_ins_code 
_struct_site_gen.auth_comp_id 
_struct_site_gen.auth_asym_id 
_struct_site_gen.auth_seq_id 
_struct_site_gen.label_atom_id 
_struct_site_gen.label_alt_id 
_struct_site_gen.symmetry 
_struct_site_gen.details 
1 AC1 6 HIS A 130 ? HIS A 128 . ? 1_555 ? 
2 AC1 6 HIS A 130 ? HIS A 128 . ? 2_555 ? 
3 AC1 6 HIS A 130 ? HIS A 128 . ? 3_555 ? 
4 AC1 6 HOH D .   ? HOH A 141 . ? 2_555 ? 
5 AC1 6 HOH D .   ? HOH A 141 . ? 3_555 ? 
6 AC1 6 HOH D .   ? HOH A 141 . ? 1_555 ? 
7 AC2 1 LEU A 36  ? LEU A 34  . ? 1_555 ? 
# 
_pdbx_validate_torsion.id              1 
_pdbx_validate_torsion.PDB_model_num   1 
_pdbx_validate_torsion.auth_comp_id    LEU 
_pdbx_validate_torsion.auth_asym_id    A 
_pdbx_validate_torsion.auth_seq_id     58 
_pdbx_validate_torsion.PDB_ins_code    ? 
_pdbx_validate_torsion.label_alt_id    ? 
_pdbx_validate_torsion.phi             59.62 
_pdbx_validate_torsion.psi             -153.40 
# 
_pdbx_SG_project.id                    1 
_pdbx_SG_project.project_name          'PSI, Protein Structure Initiative' 
_pdbx_SG_project.full_name_of_center   'New York SGX Research Center for Structural Genomics' 
_pdbx_SG_project.initial_of_center     NYSGXRC 
# 
loop_
_pdbx_struct_special_symmetry.id 
_pdbx_struct_special_symmetry.PDB_model_num 
_pdbx_struct_special_symmetry.auth_asym_id 
_pdbx_struct_special_symmetry.auth_comp_id 
_pdbx_struct_special_symmetry.auth_seq_id 
_pdbx_struct_special_symmetry.PDB_ins_code 
_pdbx_struct_special_symmetry.label_asym_id 
_pdbx_struct_special_symmetry.label_comp_id 
_pdbx_struct_special_symmetry.label_seq_id 
1 1 A NA  139 ? B NA  . 
2 1 A HOH 142 ? D HOH . 
# 
loop_
_pdbx_unobs_or_zero_occ_residues.id 
_pdbx_unobs_or_zero_occ_residues.PDB_model_num 
_pdbx_unobs_or_zero_occ_residues.polymer_flag 
_pdbx_unobs_or_zero_occ_residues.occupancy_flag 
_pdbx_unobs_or_zero_occ_residues.auth_asym_id 
_pdbx_unobs_or_zero_occ_residues.auth_comp_id 
_pdbx_unobs_or_zero_occ_residues.auth_seq_id 
_pdbx_unobs_or_zero_occ_residues.PDB_ins_code 
_pdbx_unobs_or_zero_occ_residues.label_asym_id 
_pdbx_unobs_or_zero_occ_residues.label_comp_id 
_pdbx_unobs_or_zero_occ_residues.label_seq_id 
1  1 Y 1 A MET -1  ? A MET 1   
2  1 Y 1 A SER 0   ? A SER 2   
3  1 Y 1 A LEU 1   ? A LEU 3   
4  1 Y 1 A LYS 2   ? A LYS 4   
5  1 Y 1 A ASP 3   ? A ASP 5   
6  1 Y 1 A ALA 129 ? A ALA 131 
7  1 Y 1 A ASN 130 ? A ASN 132 
8  1 Y 1 A GLU 131 ? A GLU 133 
9  1 Y 1 A GLY 132 ? A GLY 134 
10 1 Y 1 A HIS 133 ? A HIS 135 
11 1 Y 1 A HIS 134 ? A HIS 136 
12 1 Y 1 A HIS 135 ? A HIS 137 
13 1 Y 1 A HIS 136 ? A HIS 138 
14 1 Y 1 A HIS 137 ? A HIS 139 
15 1 Y 1 A HIS 138 ? A HIS 140 
# 
loop_
_chem_comp_atom.comp_id 
_chem_comp_atom.atom_id 
_chem_comp_atom.type_symbol 
_chem_comp_atom.pdbx_aromatic_flag 
_chem_comp_atom.pdbx_stereo_config 
_chem_comp_atom.pdbx_ordinal 
ALA N    N  N N 1   
ALA CA   C  N S 2   
ALA C    C  N N 3   
ALA O    O  N N 4   
ALA CB   C  N N 5   
ALA OXT  O  N N 6   
ALA H    H  N N 7   
ALA H2   H  N N 8   
ALA HA   H  N N 9   
ALA HB1  H  N N 10  
ALA HB2  H  N N 11  
ALA HB3  H  N N 12  
ALA HXT  H  N N 13  
ARG N    N  N N 14  
ARG CA   C  N S 15  
ARG C    C  N N 16  
ARG O    O  N N 17  
ARG CB   C  N N 18  
ARG CG   C  N N 19  
ARG CD   C  N N 20  
ARG NE   N  N N 21  
ARG CZ   C  N N 22  
ARG NH1  N  N N 23  
ARG NH2  N  N N 24  
ARG OXT  O  N N 25  
ARG H    H  N N 26  
ARG H2   H  N N 27  
ARG HA   H  N N 28  
ARG HB2  H  N N 29  
ARG HB3  H  N N 30  
ARG HG2  H  N N 31  
ARG HG3  H  N N 32  
ARG HD2  H  N N 33  
ARG HD3  H  N N 34  
ARG HE   H  N N 35  
ARG HH11 H  N N 36  
ARG HH12 H  N N 37  
ARG HH21 H  N N 38  
ARG HH22 H  N N 39  
ARG HXT  H  N N 40  
ASN N    N  N N 41  
ASN CA   C  N S 42  
ASN C    C  N N 43  
ASN O    O  N N 44  
ASN CB   C  N N 45  
ASN CG   C  N N 46  
ASN OD1  O  N N 47  
ASN ND2  N  N N 48  
ASN OXT  O  N N 49  
ASN H    H  N N 50  
ASN H2   H  N N 51  
ASN HA   H  N N 52  
ASN HB2  H  N N 53  
ASN HB3  H  N N 54  
ASN HD21 H  N N 55  
ASN HD22 H  N N 56  
ASN HXT  H  N N 57  
ASP N    N  N N 58  
ASP CA   C  N S 59  
ASP C    C  N N 60  
ASP O    O  N N 61  
ASP CB   C  N N 62  
ASP CG   C  N N 63  
ASP OD1  O  N N 64  
ASP OD2  O  N N 65  
ASP OXT  O  N N 66  
ASP H    H  N N 67  
ASP H2   H  N N 68  
ASP HA   H  N N 69  
ASP HB2  H  N N 70  
ASP HB3  H  N N 71  
ASP HD2  H  N N 72  
ASP HXT  H  N N 73  
CL  CL   CL N N 74  
GLN N    N  N N 75  
GLN CA   C  N S 76  
GLN C    C  N N 77  
GLN O    O  N N 78  
GLN CB   C  N N 79  
GLN CG   C  N N 80  
GLN CD   C  N N 81  
GLN OE1  O  N N 82  
GLN NE2  N  N N 83  
GLN OXT  O  N N 84  
GLN H    H  N N 85  
GLN H2   H  N N 86  
GLN HA   H  N N 87  
GLN HB2  H  N N 88  
GLN HB3  H  N N 89  
GLN HG2  H  N N 90  
GLN HG3  H  N N 91  
GLN HE21 H  N N 92  
GLN HE22 H  N N 93  
GLN HXT  H  N N 94  
GLU N    N  N N 95  
GLU CA   C  N S 96  
GLU C    C  N N 97  
GLU O    O  N N 98  
GLU CB   C  N N 99  
GLU CG   C  N N 100 
GLU CD   C  N N 101 
GLU OE1  O  N N 102 
GLU OE2  O  N N 103 
GLU OXT  O  N N 104 
GLU H    H  N N 105 
GLU H2   H  N N 106 
GLU HA   H  N N 107 
GLU HB2  H  N N 108 
GLU HB3  H  N N 109 
GLU HG2  H  N N 110 
GLU HG3  H  N N 111 
GLU HE2  H  N N 112 
GLU HXT  H  N N 113 
GLY N    N  N N 114 
GLY CA   C  N N 115 
GLY C    C  N N 116 
GLY O    O  N N 117 
GLY OXT  O  N N 118 
GLY H    H  N N 119 
GLY H2   H  N N 120 
GLY HA2  H  N N 121 
GLY HA3  H  N N 122 
GLY HXT  H  N N 123 
HIS N    N  N N 124 
HIS CA   C  N S 125 
HIS C    C  N N 126 
HIS O    O  N N 127 
HIS CB   C  N N 128 
HIS CG   C  Y N 129 
HIS ND1  N  Y N 130 
HIS CD2  C  Y N 131 
HIS CE1  C  Y N 132 
HIS NE2  N  Y N 133 
HIS OXT  O  N N 134 
HIS H    H  N N 135 
HIS H2   H  N N 136 
HIS HA   H  N N 137 
HIS HB2  H  N N 138 
HIS HB3  H  N N 139 
HIS HD1  H  N N 140 
HIS HD2  H  N N 141 
HIS HE1  H  N N 142 
HIS HE2  H  N N 143 
HIS HXT  H  N N 144 
HOH O    O  N N 145 
HOH H1   H  N N 146 
HOH H2   H  N N 147 
ILE N    N  N N 148 
ILE CA   C  N S 149 
ILE C    C  N N 150 
ILE O    O  N N 151 
ILE CB   C  N S 152 
ILE CG1  C  N N 153 
ILE CG2  C  N N 154 
ILE CD1  C  N N 155 
ILE OXT  O  N N 156 
ILE H    H  N N 157 
ILE H2   H  N N 158 
ILE HA   H  N N 159 
ILE HB   H  N N 160 
ILE HG12 H  N N 161 
ILE HG13 H  N N 162 
ILE HG21 H  N N 163 
ILE HG22 H  N N 164 
ILE HG23 H  N N 165 
ILE HD11 H  N N 166 
ILE HD12 H  N N 167 
ILE HD13 H  N N 168 
ILE HXT  H  N N 169 
LEU N    N  N N 170 
LEU CA   C  N S 171 
LEU C    C  N N 172 
LEU O    O  N N 173 
LEU CB   C  N N 174 
LEU CG   C  N N 175 
LEU CD1  C  N N 176 
LEU CD2  C  N N 177 
LEU OXT  O  N N 178 
LEU H    H  N N 179 
LEU H2   H  N N 180 
LEU HA   H  N N 181 
LEU HB2  H  N N 182 
LEU HB3  H  N N 183 
LEU HG   H  N N 184 
LEU HD11 H  N N 185 
LEU HD12 H  N N 186 
LEU HD13 H  N N 187 
LEU HD21 H  N N 188 
LEU HD22 H  N N 189 
LEU HD23 H  N N 190 
LEU HXT  H  N N 191 
LYS N    N  N N 192 
LYS CA   C  N S 193 
LYS C    C  N N 194 
LYS O    O  N N 195 
LYS CB   C  N N 196 
LYS CG   C  N N 197 
LYS CD   C  N N 198 
LYS CE   C  N N 199 
LYS NZ   N  N N 200 
LYS OXT  O  N N 201 
LYS H    H  N N 202 
LYS H2   H  N N 203 
LYS HA   H  N N 204 
LYS HB2  H  N N 205 
LYS HB3  H  N N 206 
LYS HG2  H  N N 207 
LYS HG3  H  N N 208 
LYS HD2  H  N N 209 
LYS HD3  H  N N 210 
LYS HE2  H  N N 211 
LYS HE3  H  N N 212 
LYS HZ1  H  N N 213 
LYS HZ2  H  N N 214 
LYS HZ3  H  N N 215 
LYS HXT  H  N N 216 
MET N    N  N N 217 
MET CA   C  N S 218 
MET C    C  N N 219 
MET O    O  N N 220 
MET CB   C  N N 221 
MET CG   C  N N 222 
MET SD   S  N N 223 
MET CE   C  N N 224 
MET OXT  O  N N 225 
MET H    H  N N 226 
MET H2   H  N N 227 
MET HA   H  N N 228 
MET HB2  H  N N 229 
MET HB3  H  N N 230 
MET HG2  H  N N 231 
MET HG3  H  N N 232 
MET HE1  H  N N 233 
MET HE2  H  N N 234 
MET HE3  H  N N 235 
MET HXT  H  N N 236 
NA  NA   NA N N 237 
PHE N    N  N N 238 
PHE CA   C  N S 239 
PHE C    C  N N 240 
PHE O    O  N N 241 
PHE CB   C  N N 242 
PHE CG   C  Y N 243 
PHE CD1  C  Y N 244 
PHE CD2  C  Y N 245 
PHE CE1  C  Y N 246 
PHE CE2  C  Y N 247 
PHE CZ   C  Y N 248 
PHE OXT  O  N N 249 
PHE H    H  N N 250 
PHE H2   H  N N 251 
PHE HA   H  N N 252 
PHE HB2  H  N N 253 
PHE HB3  H  N N 254 
PHE HD1  H  N N 255 
PHE HD2  H  N N 256 
PHE HE1  H  N N 257 
PHE HE2  H  N N 258 
PHE HZ   H  N N 259 
PHE HXT  H  N N 260 
PRO N    N  N N 261 
PRO CA   C  N S 262 
PRO C    C  N N 263 
PRO O    O  N N 264 
PRO CB   C  N N 265 
PRO CG   C  N N 266 
PRO CD   C  N N 267 
PRO OXT  O  N N 268 
PRO H    H  N N 269 
PRO HA   H  N N 270 
PRO HB2  H  N N 271 
PRO HB3  H  N N 272 
PRO HG2  H  N N 273 
PRO HG3  H  N N 274 
PRO HD2  H  N N 275 
PRO HD3  H  N N 276 
PRO HXT  H  N N 277 
SER N    N  N N 278 
SER CA   C  N S 279 
SER C    C  N N 280 
SER O    O  N N 281 
SER CB   C  N N 282 
SER OG   O  N N 283 
SER OXT  O  N N 284 
SER H    H  N N 285 
SER H2   H  N N 286 
SER HA   H  N N 287 
SER HB2  H  N N 288 
SER HB3  H  N N 289 
SER HG   H  N N 290 
SER HXT  H  N N 291 
THR N    N  N N 292 
THR CA   C  N S 293 
THR C    C  N N 294 
THR O    O  N N 295 
THR CB   C  N R 296 
THR OG1  O  N N 297 
THR CG2  C  N N 298 
THR OXT  O  N N 299 
THR H    H  N N 300 
THR H2   H  N N 301 
THR HA   H  N N 302 
THR HB   H  N N 303 
THR HG1  H  N N 304 
THR HG21 H  N N 305 
THR HG22 H  N N 306 
THR HG23 H  N N 307 
THR HXT  H  N N 308 
TRP N    N  N N 309 
TRP CA   C  N S 310 
TRP C    C  N N 311 
TRP O    O  N N 312 
TRP CB   C  N N 313 
TRP CG   C  Y N 314 
TRP CD1  C  Y N 315 
TRP CD2  C  Y N 316 
TRP NE1  N  Y N 317 
TRP CE2  C  Y N 318 
TRP CE3  C  Y N 319 
TRP CZ2  C  Y N 320 
TRP CZ3  C  Y N 321 
TRP CH2  C  Y N 322 
TRP OXT  O  N N 323 
TRP H    H  N N 324 
TRP H2   H  N N 325 
TRP HA   H  N N 326 
TRP HB2  H  N N 327 
TRP HB3  H  N N 328 
TRP HD1  H  N N 329 
TRP HE1  H  N N 330 
TRP HE3  H  N N 331 
TRP HZ2  H  N N 332 
TRP HZ3  H  N N 333 
TRP HH2  H  N N 334 
TRP HXT  H  N N 335 
TYR N    N  N N 336 
TYR CA   C  N S 337 
TYR C    C  N N 338 
TYR O    O  N N 339 
TYR CB   C  N N 340 
TYR CG   C  Y N 341 
TYR CD1  C  Y N 342 
TYR CD2  C  Y N 343 
TYR CE1  C  Y N 344 
TYR CE2  C  Y N 345 
TYR CZ   C  Y N 346 
TYR OH   O  N N 347 
TYR OXT  O  N N 348 
TYR H    H  N N 349 
TYR H2   H  N N 350 
TYR HA   H  N N 351 
TYR HB2  H  N N 352 
TYR HB3  H  N N 353 
TYR HD1  H  N N 354 
TYR HD2  H  N N 355 
TYR HE1  H  N N 356 
TYR HE2  H  N N 357 
TYR HH   H  N N 358 
TYR HXT  H  N N 359 
VAL N    N  N N 360 
VAL CA   C  N S 361 
VAL C    C  N N 362 
VAL O    O  N N 363 
VAL CB   C  N N 364 
VAL CG1  C  N N 365 
VAL CG2  C  N N 366 
VAL OXT  O  N N 367 
VAL H    H  N N 368 
VAL H2   H  N N 369 
VAL HA   H  N N 370 
VAL HB   H  N N 371 
VAL HG11 H  N N 372 
VAL HG12 H  N N 373 
VAL HG13 H  N N 374 
VAL HG21 H  N N 375 
VAL HG22 H  N N 376 
VAL HG23 H  N N 377 
VAL HXT  H  N N 378 
# 
loop_
_chem_comp_bond.comp_id 
_chem_comp_bond.atom_id_1 
_chem_comp_bond.atom_id_2 
_chem_comp_bond.value_order 
_chem_comp_bond.pdbx_aromatic_flag 
_chem_comp_bond.pdbx_stereo_config 
_chem_comp_bond.pdbx_ordinal 
ALA N   CA   sing N N 1   
ALA N   H    sing N N 2   
ALA N   H2   sing N N 3   
ALA CA  C    sing N N 4   
ALA CA  CB   sing N N 5   
ALA CA  HA   sing N N 6   
ALA C   O    doub N N 7   
ALA C   OXT  sing N N 8   
ALA CB  HB1  sing N N 9   
ALA CB  HB2  sing N N 10  
ALA CB  HB3  sing N N 11  
ALA OXT HXT  sing N N 12  
ARG N   CA   sing N N 13  
ARG N   H    sing N N 14  
ARG N   H2   sing N N 15  
ARG CA  C    sing N N 16  
ARG CA  CB   sing N N 17  
ARG CA  HA   sing N N 18  
ARG C   O    doub N N 19  
ARG C   OXT  sing N N 20  
ARG CB  CG   sing N N 21  
ARG CB  HB2  sing N N 22  
ARG CB  HB3  sing N N 23  
ARG CG  CD   sing N N 24  
ARG CG  HG2  sing N N 25  
ARG CG  HG3  sing N N 26  
ARG CD  NE   sing N N 27  
ARG CD  HD2  sing N N 28  
ARG CD  HD3  sing N N 29  
ARG NE  CZ   sing N N 30  
ARG NE  HE   sing N N 31  
ARG CZ  NH1  sing N N 32  
ARG CZ  NH2  doub N N 33  
ARG NH1 HH11 sing N N 34  
ARG NH1 HH12 sing N N 35  
ARG NH2 HH21 sing N N 36  
ARG NH2 HH22 sing N N 37  
ARG OXT HXT  sing N N 38  
ASN N   CA   sing N N 39  
ASN N   H    sing N N 40  
ASN N   H2   sing N N 41  
ASN CA  C    sing N N 42  
ASN CA  CB   sing N N 43  
ASN CA  HA   sing N N 44  
ASN C   O    doub N N 45  
ASN C   OXT  sing N N 46  
ASN CB  CG   sing N N 47  
ASN CB  HB2  sing N N 48  
ASN CB  HB3  sing N N 49  
ASN CG  OD1  doub N N 50  
ASN CG  ND2  sing N N 51  
ASN ND2 HD21 sing N N 52  
ASN ND2 HD22 sing N N 53  
ASN OXT HXT  sing N N 54  
ASP N   CA   sing N N 55  
ASP N   H    sing N N 56  
ASP N   H2   sing N N 57  
ASP CA  C    sing N N 58  
ASP CA  CB   sing N N 59  
ASP CA  HA   sing N N 60  
ASP C   O    doub N N 61  
ASP C   OXT  sing N N 62  
ASP CB  CG   sing N N 63  
ASP CB  HB2  sing N N 64  
ASP CB  HB3  sing N N 65  
ASP CG  OD1  doub N N 66  
ASP CG  OD2  sing N N 67  
ASP OD2 HD2  sing N N 68  
ASP OXT HXT  sing N N 69  
GLN N   CA   sing N N 70  
GLN N   H    sing N N 71  
GLN N   H2   sing N N 72  
GLN CA  C    sing N N 73  
GLN CA  CB   sing N N 74  
GLN CA  HA   sing N N 75  
GLN C   O    doub N N 76  
GLN C   OXT  sing N N 77  
GLN CB  CG   sing N N 78  
GLN CB  HB2  sing N N 79  
GLN CB  HB3  sing N N 80  
GLN CG  CD   sing N N 81  
GLN CG  HG2  sing N N 82  
GLN CG  HG3  sing N N 83  
GLN CD  OE1  doub N N 84  
GLN CD  NE2  sing N N 85  
GLN NE2 HE21 sing N N 86  
GLN NE2 HE22 sing N N 87  
GLN OXT HXT  sing N N 88  
GLU N   CA   sing N N 89  
GLU N   H    sing N N 90  
GLU N   H2   sing N N 91  
GLU CA  C    sing N N 92  
GLU CA  CB   sing N N 93  
GLU CA  HA   sing N N 94  
GLU C   O    doub N N 95  
GLU C   OXT  sing N N 96  
GLU CB  CG   sing N N 97  
GLU CB  HB2  sing N N 98  
GLU CB  HB3  sing N N 99  
GLU CG  CD   sing N N 100 
GLU CG  HG2  sing N N 101 
GLU CG  HG3  sing N N 102 
GLU CD  OE1  doub N N 103 
GLU CD  OE2  sing N N 104 
GLU OE2 HE2  sing N N 105 
GLU OXT HXT  sing N N 106 
GLY N   CA   sing N N 107 
GLY N   H    sing N N 108 
GLY N   H2   sing N N 109 
GLY CA  C    sing N N 110 
GLY CA  HA2  sing N N 111 
GLY CA  HA3  sing N N 112 
GLY C   O    doub N N 113 
GLY C   OXT  sing N N 114 
GLY OXT HXT  sing N N 115 
HIS N   CA   sing N N 116 
HIS N   H    sing N N 117 
HIS N   H2   sing N N 118 
HIS CA  C    sing N N 119 
HIS CA  CB   sing N N 120 
HIS CA  HA   sing N N 121 
HIS C   O    doub N N 122 
HIS C   OXT  sing N N 123 
HIS CB  CG   sing N N 124 
HIS CB  HB2  sing N N 125 
HIS CB  HB3  sing N N 126 
HIS CG  ND1  sing Y N 127 
HIS CG  CD2  doub Y N 128 
HIS ND1 CE1  doub Y N 129 
HIS ND1 HD1  sing N N 130 
HIS CD2 NE2  sing Y N 131 
HIS CD2 HD2  sing N N 132 
HIS CE1 NE2  sing Y N 133 
HIS CE1 HE1  sing N N 134 
HIS NE2 HE2  sing N N 135 
HIS OXT HXT  sing N N 136 
HOH O   H1   sing N N 137 
HOH O   H2   sing N N 138 
ILE N   CA   sing N N 139 
ILE N   H    sing N N 140 
ILE N   H2   sing N N 141 
ILE CA  C    sing N N 142 
ILE CA  CB   sing N N 143 
ILE CA  HA   sing N N 144 
ILE C   O    doub N N 145 
ILE C   OXT  sing N N 146 
ILE CB  CG1  sing N N 147 
ILE CB  CG2  sing N N 148 
ILE CB  HB   sing N N 149 
ILE CG1 CD1  sing N N 150 
ILE CG1 HG12 sing N N 151 
ILE CG1 HG13 sing N N 152 
ILE CG2 HG21 sing N N 153 
ILE CG2 HG22 sing N N 154 
ILE CG2 HG23 sing N N 155 
ILE CD1 HD11 sing N N 156 
ILE CD1 HD12 sing N N 157 
ILE CD1 HD13 sing N N 158 
ILE OXT HXT  sing N N 159 
LEU N   CA   sing N N 160 
LEU N   H    sing N N 161 
LEU N   H2   sing N N 162 
LEU CA  C    sing N N 163 
LEU CA  CB   sing N N 164 
LEU CA  HA   sing N N 165 
LEU C   O    doub N N 166 
LEU C   OXT  sing N N 167 
LEU CB  CG   sing N N 168 
LEU CB  HB2  sing N N 169 
LEU CB  HB3  sing N N 170 
LEU CG  CD1  sing N N 171 
LEU CG  CD2  sing N N 172 
LEU CG  HG   sing N N 173 
LEU CD1 HD11 sing N N 174 
LEU CD1 HD12 sing N N 175 
LEU CD1 HD13 sing N N 176 
LEU CD2 HD21 sing N N 177 
LEU CD2 HD22 sing N N 178 
LEU CD2 HD23 sing N N 179 
LEU OXT HXT  sing N N 180 
LYS N   CA   sing N N 181 
LYS N   H    sing N N 182 
LYS N   H2   sing N N 183 
LYS CA  C    sing N N 184 
LYS CA  CB   sing N N 185 
LYS CA  HA   sing N N 186 
LYS C   O    doub N N 187 
LYS C   OXT  sing N N 188 
LYS CB  CG   sing N N 189 
LYS CB  HB2  sing N N 190 
LYS CB  HB3  sing N N 191 
LYS CG  CD   sing N N 192 
LYS CG  HG2  sing N N 193 
LYS CG  HG3  sing N N 194 
LYS CD  CE   sing N N 195 
LYS CD  HD2  sing N N 196 
LYS CD  HD3  sing N N 197 
LYS CE  NZ   sing N N 198 
LYS CE  HE2  sing N N 199 
LYS CE  HE3  sing N N 200 
LYS NZ  HZ1  sing N N 201 
LYS NZ  HZ2  sing N N 202 
LYS NZ  HZ3  sing N N 203 
LYS OXT HXT  sing N N 204 
MET N   CA   sing N N 205 
MET N   H    sing N N 206 
MET N   H2   sing N N 207 
MET CA  C    sing N N 208 
MET CA  CB   sing N N 209 
MET CA  HA   sing N N 210 
MET C   O    doub N N 211 
MET C   OXT  sing N N 212 
MET CB  CG   sing N N 213 
MET CB  HB2  sing N N 214 
MET CB  HB3  sing N N 215 
MET CG  SD   sing N N 216 
MET CG  HG2  sing N N 217 
MET CG  HG3  sing N N 218 
MET SD  CE   sing N N 219 
MET CE  HE1  sing N N 220 
MET CE  HE2  sing N N 221 
MET CE  HE3  sing N N 222 
MET OXT HXT  sing N N 223 
PHE N   CA   sing N N 224 
PHE N   H    sing N N 225 
PHE N   H2   sing N N 226 
PHE CA  C    sing N N 227 
PHE CA  CB   sing N N 228 
PHE CA  HA   sing N N 229 
PHE C   O    doub N N 230 
PHE C   OXT  sing N N 231 
PHE CB  CG   sing N N 232 
PHE CB  HB2  sing N N 233 
PHE CB  HB3  sing N N 234 
PHE CG  CD1  doub Y N 235 
PHE CG  CD2  sing Y N 236 
PHE CD1 CE1  sing Y N 237 
PHE CD1 HD1  sing N N 238 
PHE CD2 CE2  doub Y N 239 
PHE CD2 HD2  sing N N 240 
PHE CE1 CZ   doub Y N 241 
PHE CE1 HE1  sing N N 242 
PHE CE2 CZ   sing Y N 243 
PHE CE2 HE2  sing N N 244 
PHE CZ  HZ   sing N N 245 
PHE OXT HXT  sing N N 246 
PRO N   CA   sing N N 247 
PRO N   CD   sing N N 248 
PRO N   H    sing N N 249 
PRO CA  C    sing N N 250 
PRO CA  CB   sing N N 251 
PRO CA  HA   sing N N 252 
PRO C   O    doub N N 253 
PRO C   OXT  sing N N 254 
PRO CB  CG   sing N N 255 
PRO CB  HB2  sing N N 256 
PRO CB  HB3  sing N N 257 
PRO CG  CD   sing N N 258 
PRO CG  HG2  sing N N 259 
PRO CG  HG3  sing N N 260 
PRO CD  HD2  sing N N 261 
PRO CD  HD3  sing N N 262 
PRO OXT HXT  sing N N 263 
SER N   CA   sing N N 264 
SER N   H    sing N N 265 
SER N   H2   sing N N 266 
SER CA  C    sing N N 267 
SER CA  CB   sing N N 268 
SER CA  HA   sing N N 269 
SER C   O    doub N N 270 
SER C   OXT  sing N N 271 
SER CB  OG   sing N N 272 
SER CB  HB2  sing N N 273 
SER CB  HB3  sing N N 274 
SER OG  HG   sing N N 275 
SER OXT HXT  sing N N 276 
THR N   CA   sing N N 277 
THR N   H    sing N N 278 
THR N   H2   sing N N 279 
THR CA  C    sing N N 280 
THR CA  CB   sing N N 281 
THR CA  HA   sing N N 282 
THR C   O    doub N N 283 
THR C   OXT  sing N N 284 
THR CB  OG1  sing N N 285 
THR CB  CG2  sing N N 286 
THR CB  HB   sing N N 287 
THR OG1 HG1  sing N N 288 
THR CG2 HG21 sing N N 289 
THR CG2 HG22 sing N N 290 
THR CG2 HG23 sing N N 291 
THR OXT HXT  sing N N 292 
TRP N   CA   sing N N 293 
TRP N   H    sing N N 294 
TRP N   H2   sing N N 295 
TRP CA  C    sing N N 296 
TRP CA  CB   sing N N 297 
TRP CA  HA   sing N N 298 
TRP C   O    doub N N 299 
TRP C   OXT  sing N N 300 
TRP CB  CG   sing N N 301 
TRP CB  HB2  sing N N 302 
TRP CB  HB3  sing N N 303 
TRP CG  CD1  doub Y N 304 
TRP CG  CD2  sing Y N 305 
TRP CD1 NE1  sing Y N 306 
TRP CD1 HD1  sing N N 307 
TRP CD2 CE2  doub Y N 308 
TRP CD2 CE3  sing Y N 309 
TRP NE1 CE2  sing Y N 310 
TRP NE1 HE1  sing N N 311 
TRP CE2 CZ2  sing Y N 312 
TRP CE3 CZ3  doub Y N 313 
TRP CE3 HE3  sing N N 314 
TRP CZ2 CH2  doub Y N 315 
TRP CZ2 HZ2  sing N N 316 
TRP CZ3 CH2  sing Y N 317 
TRP CZ3 HZ3  sing N N 318 
TRP CH2 HH2  sing N N 319 
TRP OXT HXT  sing N N 320 
TYR N   CA   sing N N 321 
TYR N   H    sing N N 322 
TYR N   H2   sing N N 323 
TYR CA  C    sing N N 324 
TYR CA  CB   sing N N 325 
TYR CA  HA   sing N N 326 
TYR C   O    doub N N 327 
TYR C   OXT  sing N N 328 
TYR CB  CG   sing N N 329 
TYR CB  HB2  sing N N 330 
TYR CB  HB3  sing N N 331 
TYR CG  CD1  doub Y N 332 
TYR CG  CD2  sing Y N 333 
TYR CD1 CE1  sing Y N 334 
TYR CD1 HD1  sing N N 335 
TYR CD2 CE2  doub Y N 336 
TYR CD2 HD2  sing N N 337 
TYR CE1 CZ   doub Y N 338 
TYR CE1 HE1  sing N N 339 
TYR CE2 CZ   sing Y N 340 
TYR CE2 HE2  sing N N 341 
TYR CZ  OH   sing N N 342 
TYR OH  HH   sing N N 343 
TYR OXT HXT  sing N N 344 
VAL N   CA   sing N N 345 
VAL N   H    sing N N 346 
VAL N   H2   sing N N 347 
VAL CA  C    sing N N 348 
VAL CA  CB   sing N N 349 
VAL CA  HA   sing N N 350 
VAL C   O    doub N N 351 
VAL C   OXT  sing N N 352 
VAL CB  CG1  sing N N 353 
VAL CB  CG2  sing N N 354 
VAL CB  HB   sing N N 355 
VAL CG1 HG11 sing N N 356 
VAL CG1 HG12 sing N N 357 
VAL CG1 HG13 sing N N 358 
VAL CG2 HG21 sing N N 359 
VAL CG2 HG22 sing N N 360 
VAL CG2 HG23 sing N N 361 
VAL OXT HXT  sing N N 362 
# 
_atom_sites.entry_id                    3H5I 
_atom_sites.fract_transf_matrix[1][1]   0.01109497 
_atom_sites.fract_transf_matrix[1][2]   -0.00189406 
_atom_sites.fract_transf_matrix[1][3]   -0.00712894 
_atom_sites.fract_transf_matrix[2][1]   -0.00050527 
_atom_sites.fract_transf_matrix[2][2]   0.00027772 
_atom_sites.fract_transf_matrix[2][3]   -0.01331052 
_atom_sites.fract_transf_matrix[3][1]   0.00134874 
_atom_sites.fract_transf_matrix[3][2]   0.00750403 
_atom_sites.fract_transf_matrix[3][3]   0.00010537 
_atom_sites.fract_transf_vector[1]      0.028639 
_atom_sites.fract_transf_vector[2]      0.197184 
_atom_sites.fract_transf_vector[3]      0.228097 
# 
loop_
_atom_type.symbol 
C  
CL 
N  
NA 
O  
S  
# 
loop_
_atom_site.group_PDB 
_atom_site.id 
_atom_site.type_symbol 
_atom_site.label_atom_id 
_atom_site.label_alt_id 
_atom_site.label_comp_id 
_atom_site.label_asym_id 
_atom_site.label_entity_id 
_atom_site.label_seq_id 
_atom_site.pdbx_PDB_ins_code 
_atom_site.Cartn_x 
_atom_site.Cartn_y 
_atom_site.Cartn_z 
_atom_site.occupancy 
_atom_site.B_iso_or_equiv 
_atom_site.pdbx_formal_charge 
_atom_site.auth_seq_id 
_atom_site.auth_comp_id 
_atom_site.auth_asym_id 
_atom_site.auth_atom_id 
_atom_site.pdbx_PDB_model_num 
ATOM   1   N  N   . LYS A 1 6   ? 11.071  -10.149 -2.887  1.00 38.61 ? 4   LYS A N   1 
ATOM   2   C  CA  . LYS A 1 6   ? 9.813   -9.502  -2.382  1.00 39.10 ? 4   LYS A CA  1 
ATOM   3   C  C   . LYS A 1 6   ? 9.311   -8.402  -3.312  1.00 38.67 ? 4   LYS A C   1 
ATOM   4   O  O   . LYS A 1 6   ? 10.080  -7.496  -3.681  1.00 40.04 ? 4   LYS A O   1 
ATOM   5   C  CB  . LYS A 1 6   ? 10.014  -8.918  -0.979  1.00 39.70 ? 4   LYS A CB  1 
ATOM   6   C  CG  . LYS A 1 6   ? 10.245  -9.970  0.114   1.00 41.02 ? 4   LYS A CG  1 
ATOM   7   C  CD  . LYS A 1 6   ? 8.967   -10.718 0.383   1.00 43.62 ? 4   LYS A CD  1 
ATOM   8   C  CE  . LYS A 1 6   ? 9.003   -11.518 1.675   1.00 46.66 ? 4   LYS A CE  1 
ATOM   9   N  NZ  . LYS A 1 6   ? 8.855   -12.966 1.392   1.00 48.32 ? 4   LYS A NZ  1 
ATOM   10  N  N   . LYS A 1 7   ? 8.026   -8.485  -3.670  1.00 36.88 ? 5   LYS A N   1 
ATOM   11  C  CA  . LYS A 1 7   ? 7.406   -7.556  -4.617  1.00 35.79 ? 5   LYS A CA  1 
ATOM   12  C  C   . LYS A 1 7   ? 6.493   -6.602  -3.876  1.00 31.83 ? 5   LYS A C   1 
ATOM   13  O  O   . LYS A 1 7   ? 5.654   -7.035  -3.126  1.00 30.71 ? 5   LYS A O   1 
ATOM   14  C  CB  . LYS A 1 7   ? 6.534   -8.303  -5.610  1.00 36.75 ? 5   LYS A CB  1 
ATOM   15  C  CG  . LYS A 1 7   ? 7.274   -9.313  -6.489  1.00 41.24 ? 5   LYS A CG  1 
ATOM   16  C  CD  . LYS A 1 7   ? 6.276   -10.116 -7.314  1.00 45.33 ? 5   LYS A CD  1 
ATOM   17  C  CE  . LYS A 1 7   ? 5.335   -10.958 -6.450  1.00 46.99 ? 5   LYS A CE  1 
ATOM   18  N  NZ  . LYS A 1 7   ? 4.375   -11.732 -7.294  1.00 50.20 ? 5   LYS A NZ  1 
ATOM   19  N  N   . ILE A 1 8   ? 6.688   -5.313  -4.085  1.00 29.79 ? 6   ILE A N   1 
ATOM   20  C  CA  . ILE A 1 8   ? 5.845   -4.293  -3.458  1.00 27.65 ? 6   ILE A CA  1 
ATOM   21  C  C   . ILE A 1 8   ? 5.081   -3.546  -4.533  1.00 25.51 ? 6   ILE A C   1 
ATOM   22  O  O   . ILE A 1 8   ? 5.651   -3.113  -5.550  1.00 25.42 ? 6   ILE A O   1 
ATOM   23  C  CB  . ILE A 1 8   ? 6.644   -3.279  -2.605  1.00 28.04 ? 6   ILE A CB  1 
ATOM   24  C  CG1 . ILE A 1 8   ? 7.548   -4.007  -1.606  1.00 31.89 ? 6   ILE A CG1 1 
ATOM   25  C  CG2 . ILE A 1 8   ? 5.671   -2.337  -1.854  1.00 27.43 ? 6   ILE A CG2 1 
ATOM   26  C  CD1 . ILE A 1 8   ? 8.315   -3.043  -0.704  1.00 34.97 ? 6   ILE A CD1 1 
ATOM   27  N  N   . LEU A 1 9   ? 3.780   -3.390  -4.309  1.00 24.23 ? 7   LEU A N   1 
ATOM   28  C  CA  . LEU A 1 9   ? 2.955   -2.560  -5.159  1.00 22.91 ? 7   LEU A CA  1 
ATOM   29  C  C   . LEU A 1 9   ? 2.697   -1.243  -4.442  1.00 22.16 ? 7   LEU A C   1 
ATOM   30  O  O   . LEU A 1 9   ? 2.266   -1.228  -3.286  1.00 21.24 ? 7   LEU A O   1 
ATOM   31  C  CB  . LEU A 1 9   ? 1.630   -3.226  -5.457  1.00 23.47 ? 7   LEU A CB  1 
ATOM   32  C  CG  . LEU A 1 9   ? 0.642   -2.494  -6.375  1.00 22.97 ? 7   LEU A CG  1 
ATOM   33  C  CD1 . LEU A 1 9   ? 1.213   -2.213  -7.753  1.00 23.05 ? 7   LEU A CD1 1 
ATOM   34  C  CD2 . LEU A 1 9   ? -0.640  -3.318  -6.433  1.00 22.72 ? 7   LEU A CD2 1 
ATOM   35  N  N   . ILE A 1 10  ? 3.001   -0.151  -5.129  1.00 21.00 ? 8   ILE A N   1 
ATOM   36  C  CA  . ILE A 1 10  ? 2.743   1.194   -4.616  1.00 21.68 ? 8   ILE A CA  1 
ATOM   37  C  C   . ILE A 1 10  ? 1.570   1.734   -5.394  1.00 21.81 ? 8   ILE A C   1 
ATOM   38  O  O   . ILE A 1 10  ? 1.593   1.771   -6.647  1.00 23.10 ? 8   ILE A O   1 
ATOM   39  C  CB  . ILE A 1 10  ? 3.891   2.190   -4.831  1.00 21.92 ? 8   ILE A CB  1 
ATOM   40  C  CG1 . ILE A 1 10  ? 5.147   1.785   -4.063  1.00 25.67 ? 8   ILE A CG1 1 
ATOM   41  C  CG2 . ILE A 1 10  ? 3.448   3.596   -4.377  1.00 22.08 ? 8   ILE A CG2 1 
ATOM   42  C  CD1 . ILE A 1 10  ? 6.426   2.335   -4.701  1.00 28.37 ? 8   ILE A CD1 1 
ATOM   43  N  N   . VAL A 1 11  ? 0.546   2.153   -4.671  1.00 21.61 ? 9   VAL A N   1 
ATOM   44  C  CA  . VAL A 1 11  ? -0.671  2.677   -5.287  1.00 22.53 ? 9   VAL A CA  1 
ATOM   45  C  C   . VAL A 1 11  ? -0.817  4.121   -4.825  1.00 23.62 ? 9   VAL A C   1 
ATOM   46  O  O   . VAL A 1 11  ? -1.078  4.388   -3.651  1.00 21.78 ? 9   VAL A O   1 
ATOM   47  C  CB  . VAL A 1 11  ? -1.913  1.813   -4.925  1.00 23.14 ? 9   VAL A CB  1 
ATOM   48  C  CG1 . VAL A 1 11  ? -3.159  2.274   -5.748  1.00 23.56 ? 9   VAL A CG1 1 
ATOM   49  C  CG2 . VAL A 1 11  ? -1.614  0.320   -5.203  1.00 23.08 ? 9   VAL A CG2 1 
ATOM   50  N  N   . GLU A 1 12  ? -0.669  5.065   -5.771  1.00 24.07 ? 10  GLU A N   1 
ATOM   51  C  CA  . GLU A 1 12  ? -0.501  6.463   -5.424  1.00 25.80 ? 10  GLU A CA  1 
ATOM   52  C  C   . GLU A 1 12  ? -0.867  7.308   -6.640  1.00 25.94 ? 10  GLU A C   1 
ATOM   53  O  O   . GLU A 1 12  ? -0.521  6.964   -7.768  1.00 26.56 ? 10  GLU A O   1 
ATOM   54  C  CB  . GLU A 1 12  ? 0.959   6.673   -4.948  1.00 27.28 ? 10  GLU A CB  1 
ATOM   55  C  CG  . GLU A 1 12  ? 1.463   8.060   -4.699  1.00 29.01 ? 10  GLU A CG  1 
ATOM   56  C  CD  . GLU A 1 12  ? 0.559   8.939   -3.857  1.00 33.63 ? 10  GLU A CD  1 
ATOM   57  O  OE1 . GLU A 1 12  ? 0.360   8.675   -2.643  1.00 38.49 ? 10  GLU A OE1 1 
ATOM   58  O  OE2 . GLU A 1 12  ? 0.046   9.922   -4.421  1.00 33.40 ? 10  GLU A OE2 1 
ATOM   59  N  N   . ASP A 1 13  ? -1.665  8.334   -6.387  1.00 25.46 ? 11  ASP A N   1 
ATOM   60  C  CA  . ASP A 1 13  ? -2.138  9.261   -7.420  1.00 27.06 ? 11  ASP A CA  1 
ATOM   61  C  C   . ASP A 1 13  ? -0.999  10.109  -8.029  1.00 25.86 ? 11  ASP A C   1 
ATOM   62  O  O   . ASP A 1 13  ? -1.051  10.463  -9.206  1.00 25.97 ? 11  ASP A O   1 
ATOM   63  C  CB  . ASP A 1 13  ? -3.237  10.146  -6.796  1.00 27.73 ? 11  ASP A CB  1 
ATOM   64  C  CG  . ASP A 1 13  ? -3.910  11.041  -7.808  1.00 33.98 ? 11  ASP A CG  1 
ATOM   65  O  OD1 . ASP A 1 13  ? -4.541  10.522  -8.777  1.00 37.58 ? 11  ASP A OD1 1 
ATOM   66  O  OD2 . ASP A 1 13  ? -3.806  12.264  -7.623  1.00 37.92 ? 11  ASP A OD2 1 
ATOM   67  N  N   . SER A 1 14  ? 0.002   10.455  -7.230  1.00 24.63 ? 12  SER A N   1 
ATOM   68  C  CA  . SER A 1 14  ? 1.122   11.262  -7.703  1.00 24.12 ? 12  SER A CA  1 
ATOM   69  C  C   . SER A 1 14  ? 2.217   10.345  -8.162  1.00 24.21 ? 12  SER A C   1 
ATOM   70  O  O   . SER A 1 14  ? 2.808   9.628   -7.336  1.00 24.21 ? 12  SER A O   1 
ATOM   71  C  CB  . SER A 1 14  ? 1.641   12.160  -6.614  1.00 24.79 ? 12  SER A CB  1 
ATOM   72  O  OG  . SER A 1 14  ? 2.908   12.739  -6.956  1.00 25.20 ? 12  SER A OG  1 
ATOM   73  N  N   . LYS A 1 15  ? 2.505   10.347  -9.457  1.00 22.60 ? 13  LYS A N   1 
ATOM   74  C  CA  . LYS A 1 15  ? 3.668   9.608   -9.964  1.00 24.26 ? 13  LYS A CA  1 
ATOM   75  C  C   . LYS A 1 15  ? 4.962   10.043  -9.293  1.00 23.85 ? 13  LYS A C   1 
ATOM   76  O  O   . LYS A 1 15  ? 5.824   9.214   -9.018  1.00 23.69 ? 13  LYS A O   1 
ATOM   77  C  CB  . LYS A 1 15  ? 3.791   9.743   -11.476 1.00 24.72 ? 13  LYS A CB  1 
ATOM   78  C  CG  . LYS A 1 15  ? 4.804   8.835   -12.099 1.00 28.02 ? 13  LYS A CG  1 
ATOM   79  C  CD  . LYS A 1 15  ? 4.642   8.828   -13.626 1.00 30.82 ? 13  LYS A CD  1 
ATOM   80  C  CE  . LYS A 1 15  ? 5.757   8.045   -14.303 1.00 33.48 ? 13  LYS A CE  1 
ATOM   81  N  NZ  . LYS A 1 15  ? 5.610   8.048   -15.772 1.00 32.39 ? 13  LYS A NZ  1 
ATOM   82  N  N   . PHE A 1 16  ? 5.087   11.320  -8.980  1.00 23.62 ? 14  PHE A N   1 
ATOM   83  C  CA  . PHE A 1 16  ? 6.292   11.799  -8.316  1.00 24.92 ? 14  PHE A CA  1 
ATOM   84  C  C   . PHE A 1 16  ? 6.459   11.134  -6.941  1.00 25.46 ? 14  PHE A C   1 
ATOM   85  O  O   . PHE A 1 16  ? 7.525   10.612  -6.613  1.00 25.71 ? 14  PHE A O   1 
ATOM   86  C  CB  . PHE A 1 16  ? 6.268   13.310  -8.119  1.00 25.70 ? 14  PHE A CB  1 
ATOM   87  C  CG  . PHE A 1 16  ? 7.530   13.829  -7.486  1.00 26.89 ? 14  PHE A CG  1 
ATOM   88  C  CD1 . PHE A 1 16  ? 8.656   14.005  -8.261  1.00 29.83 ? 14  PHE A CD1 1 
ATOM   89  C  CD2 . PHE A 1 16  ? 7.598   14.078  -6.132  1.00 32.65 ? 14  PHE A CD2 1 
ATOM   90  C  CE1 . PHE A 1 16  ? 9.846   14.455  -7.704  1.00 30.66 ? 14  PHE A CE1 1 
ATOM   91  C  CE2 . PHE A 1 16  ? 8.804   14.520  -5.552  1.00 32.49 ? 14  PHE A CE2 1 
ATOM   92  C  CZ  . PHE A 1 16  ? 9.904   14.708  -6.352  1.00 33.01 ? 14  PHE A CZ  1 
ATOM   93  N  N   . GLN A 1 17  ? 5.398   11.135  -6.150  1.00 25.97 ? 15  GLN A N   1 
ATOM   94  C  CA  . GLN A 1 17  ? 5.459   10.467  -4.828  1.00 27.56 ? 15  GLN A CA  1 
ATOM   95  C  C   . GLN A 1 17  ? 5.740   8.980   -4.957  1.00 26.84 ? 15  GLN A C   1 
ATOM   96  O  O   . GLN A 1 17  ? 6.588   8.450   -4.202  1.00 27.31 ? 15  GLN A O   1 
ATOM   97  C  CB  . GLN A 1 17  ? 4.161   10.658  -4.077  1.00 27.99 ? 15  GLN A CB  1 
ATOM   98  C  CG  . GLN A 1 17  ? 3.834   12.097  -3.791  1.00 35.32 ? 15  GLN A CG  1 
ATOM   99  C  CD  . GLN A 1 17  ? 3.957   12.413  -2.350  1.00 42.03 ? 15  GLN A CD  1 
ATOM   100 O  OE1 . GLN A 1 17  ? 5.011   12.177  -1.734  1.00 44.29 ? 15  GLN A OE1 1 
ATOM   101 N  NE2 . GLN A 1 17  ? 2.866   12.905  -1.767  1.00 45.68 ? 15  GLN A NE2 1 
ATOM   102 N  N   . ALA A 1 18  ? 5.036   8.313   -5.893  1.00 26.45 ? 16  ALA A N   1 
ATOM   103 C  CA  . ALA A 1 18  ? 5.199   6.881   -6.152  1.00 26.19 ? 16  ALA A CA  1 
ATOM   104 C  C   . ALA A 1 18  ? 6.644   6.558   -6.520  1.00 26.49 ? 16  ALA A C   1 
ATOM   105 O  O   . ALA A 1 18  ? 7.265   5.646   -5.958  1.00 25.28 ? 16  ALA A O   1 
ATOM   106 C  CB  . ALA A 1 18  ? 4.247   6.412   -7.265  1.00 25.71 ? 16  ALA A CB  1 
ATOM   107 N  N   . LYS A 1 19  ? 7.207   7.315   -7.449  1.00 25.66 ? 17  LYS A N   1 
ATOM   108 C  CA  . LYS A 1 19  ? 8.609   7.126   -7.832  1.00 27.57 ? 17  LYS A CA  1 
ATOM   109 C  C   . LYS A 1 19  ? 9.601   7.407   -6.702  1.00 26.61 ? 17  LYS A C   1 
ATOM   110 O  O   . LYS A 1 19  ? 10.653  6.744   -6.628  1.00 27.61 ? 17  LYS A O   1 
ATOM   111 C  CB  . LYS A 1 19  ? 8.938   7.989   -9.055  1.00 27.60 ? 17  LYS A CB  1 
ATOM   112 C  CG  . LYS A 1 19  ? 8.364   7.427   -10.318 1.00 32.14 ? 17  LYS A CG  1 
ATOM   113 C  CD  . LYS A 1 19  ? 9.348   6.475   -10.952 1.00 38.09 ? 17  LYS A CD  1 
ATOM   114 C  CE  . LYS A 1 19  ? 8.798   5.821   -12.199 1.00 41.28 ? 17  LYS A CE  1 
ATOM   115 N  NZ  . LYS A 1 19  ? 9.687   4.704   -12.613 1.00 43.01 ? 17  LYS A NZ  1 
ATOM   116 N  N   . THR A 1 20  ? 9.288   8.375   -5.852  1.00 25.56 ? 18  THR A N   1 
ATOM   117 C  CA  . THR A 1 20  ? 10.144  8.743   -4.740  1.00 26.51 ? 18  THR A CA  1 
ATOM   118 C  C   . THR A 1 20  ? 10.213  7.572   -3.747  1.00 26.46 ? 18  THR A C   1 
ATOM   119 O  O   . THR A 1 20  ? 11.311  7.157   -3.316  1.00 25.28 ? 18  THR A O   1 
ATOM   120 C  CB  . THR A 1 20  ? 9.651   10.024  -4.048  1.00 27.55 ? 18  THR A CB  1 
ATOM   121 O  OG1 . THR A 1 20  ? 9.869   11.160  -4.923  1.00 29.54 ? 18  THR A OG1 1 
ATOM   122 C  CG2 . THR A 1 20  ? 10.337  10.258  -2.731  1.00 28.57 ? 18  THR A CG2 1 
ATOM   123 N  N   . ILE A 1 21  ? 9.043   7.016   -3.441  1.00 24.57 ? 19  ILE A N   1 
ATOM   124 C  CA  . ILE A 1 21  ? 8.970   5.824   -2.590  1.00 25.26 ? 19  ILE A CA  1 
ATOM   125 C  C   . ILE A 1 21  ? 9.629   4.602   -3.263  1.00 24.86 ? 19  ILE A C   1 
ATOM   126 O  O   . ILE A 1 21  ? 10.376  3.890   -2.608  1.00 25.41 ? 19  ILE A O   1 
ATOM   127 C  CB  . ILE A 1 21  ? 7.508   5.522   -2.168  1.00 24.96 ? 19  ILE A CB  1 
ATOM   128 C  CG1 . ILE A 1 21  ? 6.991   6.650   -1.285  1.00 27.01 ? 19  ILE A CG1 1 
ATOM   129 C  CG2 . ILE A 1 21  ? 7.434   4.094   -1.451  1.00 24.51 ? 19  ILE A CG2 1 
ATOM   130 C  CD1 . ILE A 1 21  ? 5.461   6.798   -1.228  1.00 28.33 ? 19  ILE A CD1 1 
ATOM   131 N  N   . ALA A 1 22  ? 9.354   4.346   -4.545  1.00 24.82 ? 20  ALA A N   1 
ATOM   132 C  CA  . ALA A 1 22  ? 9.988   3.243   -5.300  1.00 25.89 ? 20  ALA A CA  1 
ATOM   133 C  C   . ALA A 1 22  ? 11.523  3.270   -5.229  1.00 27.71 ? 20  ALA A C   1 
ATOM   134 O  O   . ALA A 1 22  ? 12.187  2.221   -5.020  1.00 26.65 ? 20  ALA A O   1 
ATOM   135 C  CB  . ALA A 1 22  ? 9.520   3.224   -6.763  1.00 26.20 ? 20  ALA A CB  1 
ATOM   136 N  N   . ASN A 1 23  ? 12.090  4.458   -5.397  1.00 28.00 ? 21  ASN A N   1 
ATOM   137 C  CA  . ASN A 1 23  ? 13.544  4.624   -5.319  1.00 29.73 ? 21  ASN A CA  1 
ATOM   138 C  C   . ASN A 1 23  ? 14.088  4.254   -3.957  1.00 30.04 ? 21  ASN A C   1 
ATOM   139 O  O   . ASN A 1 23  ? 15.100  3.545   -3.888  1.00 30.67 ? 21  ASN A O   1 
ATOM   140 C  CB  . ASN A 1 23  ? 13.947  6.058   -5.692  1.00 30.45 ? 21  ASN A CB  1 
ATOM   141 C  CG  . ASN A 1 23  ? 13.758  6.348   -7.165  1.00 32.01 ? 21  ASN A CG  1 
ATOM   142 O  OD1 . ASN A 1 23  ? 13.730  5.439   -7.994  1.00 35.68 ? 21  ASN A OD1 1 
ATOM   143 N  ND2 . ASN A 1 23  ? 13.591  7.630   -7.500  1.00 35.62 ? 21  ASN A ND2 1 
ATOM   144 N  N   . ILE A 1 24  ? 13.399  4.675   -2.900  1.00 30.01 ? 22  ILE A N   1 
ATOM   145 C  CA  . ILE A 1 24  ? 13.777  4.323   -1.525  1.00 30.44 ? 22  ILE A CA  1 
ATOM   146 C  C   . ILE A 1 24  ? 13.737  2.803   -1.369  1.00 29.84 ? 22  ILE A C   1 
ATOM   147 O  O   . ILE A 1 24  ? 14.690  2.210   -0.863  1.00 29.45 ? 22  ILE A O   1 
ATOM   148 C  CB  . ILE A 1 24  ? 12.866  4.973   -0.449  1.00 29.83 ? 22  ILE A CB  1 
ATOM   149 C  CG1 . ILE A 1 24  ? 13.026  6.499   -0.434  1.00 30.94 ? 22  ILE A CG1 1 
ATOM   150 C  CG2 . ILE A 1 24  ? 13.130  4.339   0.942   1.00 31.01 ? 22  ILE A CG2 1 
ATOM   151 C  CD1 . ILE A 1 24  ? 11.951  7.264   0.300   1.00 31.15 ? 22  ILE A CD1 1 
ATOM   152 N  N   . LEU A 1 25  ? 12.644  2.179   -1.813  1.00 28.94 ? 23  LEU A N   1 
ATOM   153 C  CA  . LEU A 1 25  ? 12.478  0.732   -1.688  1.00 29.07 ? 23  LEU A CA  1 
ATOM   154 C  C   . LEU A 1 25  ? 13.528  -0.060  -2.491  1.00 30.85 ? 23  LEU A C   1 
ATOM   155 O  O   . LEU A 1 25  ? 14.038  -1.063  -2.017  1.00 30.10 ? 23  LEU A O   1 
ATOM   156 C  CB  . LEU A 1 25  ? 11.071  0.295   -2.104  1.00 28.02 ? 23  LEU A CB  1 
ATOM   157 C  CG  . LEU A 1 25  ? 9.949   0.811   -1.196  1.00 26.28 ? 23  LEU A CG  1 
ATOM   158 C  CD1 . LEU A 1 25  ? 8.621   0.543   -1.878  1.00 27.43 ? 23  LEU A CD1 1 
ATOM   159 C  CD2 . LEU A 1 25  ? 10.002  0.164   0.192   1.00 27.53 ? 23  LEU A CD2 1 
ATOM   160 N  N   . ASN A 1 26  ? 13.831  0.387   -3.699  1.00 31.62 ? 24  ASN A N   1 
ATOM   161 C  CA  . ASN A 1 26  ? 14.869  -0.235  -4.513  1.00 33.77 ? 24  ASN A CA  1 
ATOM   162 C  C   . ASN A 1 26  ? 16.220  -0.204  -3.839  1.00 34.46 ? 24  ASN A C   1 
ATOM   163 O  O   . ASN A 1 26  ? 17.019  -1.117  -4.024  1.00 35.50 ? 24  ASN A O   1 
ATOM   164 C  CB  . ASN A 1 26  ? 15.048  0.494   -5.829  1.00 34.08 ? 24  ASN A CB  1 
ATOM   165 C  CG  . ASN A 1 26  ? 13.983  0.198   -6.843  1.00 36.59 ? 24  ASN A CG  1 
ATOM   166 O  OD1 . ASN A 1 26  ? 13.830  0.993   -7.775  1.00 42.41 ? 24  ASN A OD1 1 
ATOM   167 N  ND2 . ASN A 1 26  ? 13.257  -0.917  -6.715  1.00 37.88 ? 24  ASN A ND2 1 
ATOM   168 N  N   . LYS A 1 27  ? 16.489  0.859   -3.096  1.00 35.46 ? 25  LYS A N   1 
ATOM   169 C  CA  . LYS A 1 27  ? 17.760  1.004   -2.389  1.00 37.08 ? 25  LYS A CA  1 
ATOM   170 C  C   . LYS A 1 27  ? 17.938  -0.150  -1.359  1.00 38.11 ? 25  LYS A C   1 
ATOM   171 O  O   . LYS A 1 27  ? 19.067  -0.575  -1.054  1.00 37.15 ? 25  LYS A O   1 
ATOM   172 C  CB  . LYS A 1 27  ? 17.808  2.376   -1.726  1.00 37.01 ? 25  LYS A CB  1 
ATOM   173 C  CG  . LYS A 1 27  ? 18.842  2.558   -0.701  1.00 36.94 ? 25  LYS A CG  1 
ATOM   174 C  CD  . LYS A 1 27  ? 18.749  3.940   -0.131  1.00 38.20 ? 25  LYS A CD  1 
ATOM   175 C  CE  . LYS A 1 27  ? 19.759  4.118   0.993   1.00 39.78 ? 25  LYS A CE  1 
ATOM   176 N  NZ  . LYS A 1 27  ? 19.662  5.471   1.563   1.00 38.04 ? 25  LYS A NZ  1 
ATOM   177 N  N   . TYR A 1 28  ? 16.818  -0.666  -0.840  1.00 38.54 ? 26  TYR A N   1 
ATOM   178 C  CA  . TYR A 1 28  ? 16.877  -1.759  0.138   1.00 38.28 ? 26  TYR A CA  1 
ATOM   179 C  C   . TYR A 1 28  ? 16.651  -3.147  -0.470  1.00 39.04 ? 26  TYR A C   1 
ATOM   180 O  O   . TYR A 1 28  ? 16.553  -4.139  0.256   1.00 40.83 ? 26  TYR A O   1 
ATOM   181 C  CB  . TYR A 1 28  ? 15.935  -1.453  1.298   1.00 38.53 ? 26  TYR A CB  1 
ATOM   182 C  CG  . TYR A 1 28  ? 16.296  -0.195  2.049   1.00 37.04 ? 26  TYR A CG  1 
ATOM   183 C  CD1 . TYR A 1 28  ? 17.106  -0.242  3.187   1.00 38.30 ? 26  TYR A CD1 1 
ATOM   184 C  CD2 . TYR A 1 28  ? 15.876  1.059   1.619   1.00 37.31 ? 26  TYR A CD2 1 
ATOM   185 C  CE1 . TYR A 1 28  ? 17.458  0.904   3.888   1.00 34.96 ? 26  TYR A CE1 1 
ATOM   186 C  CE2 . TYR A 1 28  ? 16.237  2.228   2.311   1.00 36.35 ? 26  TYR A CE2 1 
ATOM   187 C  CZ  . TYR A 1 28  ? 17.031  2.141   3.454   1.00 38.62 ? 26  TYR A CZ  1 
ATOM   188 O  OH  . TYR A 1 28  ? 17.384  3.273   4.165   1.00 36.26 ? 26  TYR A OH  1 
ATOM   189 N  N   . GLY A 1 29  ? 16.597  -3.245  -1.792  1.00 38.71 ? 27  GLY A N   1 
ATOM   190 C  CA  . GLY A 1 29  ? 16.538  -4.529  -2.477  1.00 38.67 ? 27  GLY A CA  1 
ATOM   191 C  C   . GLY A 1 29  ? 15.175  -4.998  -2.928  1.00 39.60 ? 27  GLY A C   1 
ATOM   192 O  O   . GLY A 1 29  ? 15.043  -6.120  -3.428  1.00 40.46 ? 27  GLY A O   1 
ATOM   193 N  N   . TYR A 1 30  ? 14.147  -4.152  -2.797  1.00 39.05 ? 28  TYR A N   1 
ATOM   194 C  CA  . TYR A 1 30  ? 12.806  -4.532  -3.233  1.00 38.70 ? 28  TYR A CA  1 
ATOM   195 C  C   . TYR A 1 30  ? 12.604  -4.247  -4.706  1.00 38.62 ? 28  TYR A C   1 
ATOM   196 O  O   . TYR A 1 30  ? 13.094  -3.245  -5.208  1.00 38.79 ? 28  TYR A O   1 
ATOM   197 C  CB  . TYR A 1 30  ? 11.756  -3.787  -2.409  1.00 38.76 ? 28  TYR A CB  1 
ATOM   198 C  CG  . TYR A 1 30  ? 11.844  -4.132  -0.953  1.00 39.06 ? 28  TYR A CG  1 
ATOM   199 C  CD1 . TYR A 1 30  ? 11.279  -5.304  -0.485  1.00 42.56 ? 28  TYR A CD1 1 
ATOM   200 C  CD2 . TYR A 1 30  ? 12.522  -3.317  -0.053  1.00 40.14 ? 28  TYR A CD2 1 
ATOM   201 C  CE1 . TYR A 1 30  ? 11.369  -5.649  0.830   1.00 43.29 ? 28  TYR A CE1 1 
ATOM   202 C  CE2 . TYR A 1 30  ? 12.611  -3.649  1.271   1.00 41.58 ? 28  TYR A CE2 1 
ATOM   203 C  CZ  . TYR A 1 30  ? 12.032  -4.826  1.706   1.00 43.36 ? 28  TYR A CZ  1 
ATOM   204 O  OH  . TYR A 1 30  ? 12.088  -5.191  3.008   1.00 45.80 ? 28  TYR A OH  1 
ATOM   205 N  N   . THR A 1 31  ? 11.907  -5.136  -5.393  1.00 38.60 ? 29  THR A N   1 
ATOM   206 C  CA  . THR A 1 31  ? 11.423  -4.806  -6.723  1.00 39.01 ? 29  THR A CA  1 
ATOM   207 C  C   . THR A 1 31  ? 10.023  -4.206  -6.501  1.00 36.92 ? 29  THR A C   1 
ATOM   208 O  O   . THR A 1 31  ? 9.269   -4.639  -5.634  1.00 37.65 ? 29  THR A O   1 
ATOM   209 C  CB  . THR A 1 31  ? 11.438  -6.001  -7.727  1.00 39.47 ? 29  THR A CB  1 
ATOM   210 O  OG1 . THR A 1 31  ? 10.320  -6.879  -7.508  1.00 43.88 ? 29  THR A OG1 1 
ATOM   211 C  CG2 . THR A 1 31  ? 12.755  -6.787  -7.623  1.00 40.66 ? 29  THR A CG2 1 
ATOM   212 N  N   . VAL A 1 32  ? 9.712   -3.184  -7.268  1.00 34.59 ? 30  VAL A N   1 
ATOM   213 C  CA  . VAL A 1 32  ? 8.554   -2.367  -6.997  1.00 33.25 ? 30  VAL A CA  1 
ATOM   214 C  C   . VAL A 1 32  ? 7.763   -2.223  -8.286  1.00 32.19 ? 30  VAL A C   1 
ATOM   215 O  O   . VAL A 1 32  ? 8.375   -2.055  -9.369  1.00 30.95 ? 30  VAL A O   1 
ATOM   216 C  CB  . VAL A 1 32  ? 9.005   -0.997  -6.505  1.00 33.19 ? 30  VAL A CB  1 
ATOM   217 C  CG1 . VAL A 1 32  ? 7.825   -0.036  -6.410  1.00 34.01 ? 30  VAL A CG1 1 
ATOM   218 C  CG2 . VAL A 1 32  ? 9.691   -1.149  -5.159  1.00 32.45 ? 30  VAL A CG2 1 
ATOM   219 N  N   . GLU A 1 33  ? 6.437   -2.324  -8.179  1.00 29.58 ? 31  GLU A N   1 
ATOM   220 C  CA  . GLU A 1 33  ? 5.521   -1.857  -9.239  1.00 29.41 ? 31  GLU A CA  1 
ATOM   221 C  C   . GLU A 1 33  ? 4.647   -0.699  -8.741  1.00 27.40 ? 31  GLU A C   1 
ATOM   222 O  O   . GLU A 1 33  ? 4.370   -0.584  -7.556  1.00 25.82 ? 31  GLU A O   1 
ATOM   223 C  CB  . GLU A 1 33  ? 4.646   -2.988  -9.772  1.00 30.42 ? 31  GLU A CB  1 
ATOM   224 C  CG  . GLU A 1 33  ? 5.457   -4.073  -10.493 1.00 35.99 ? 31  GLU A CG  1 
ATOM   225 C  CD  . GLU A 1 33  ? 6.054   -3.617  -11.832 1.00 42.39 ? 31  GLU A CD  1 
ATOM   226 O  OE1 . GLU A 1 33  ? 5.404   -2.826  -12.567 1.00 46.55 ? 31  GLU A OE1 1 
ATOM   227 O  OE2 . GLU A 1 33  ? 7.190   -4.062  -12.147 1.00 48.45 ? 31  GLU A OE2 1 
ATOM   228 N  N   . ILE A 1 34  ? 4.285   0.193   -9.654  1.00 25.45 ? 32  ILE A N   1 
ATOM   229 C  CA  . ILE A 1 34  ? 3.474   1.348   -9.354  1.00 25.48 ? 32  ILE A CA  1 
ATOM   230 C  C   . ILE A 1 34  ? 2.160   1.292   -10.114 1.00 26.20 ? 32  ILE A C   1 
ATOM   231 O  O   . ILE A 1 34  ? 2.167   1.015   -11.328 1.00 25.58 ? 32  ILE A O   1 
ATOM   232 C  CB  . ILE A 1 34  ? 4.218   2.643   -9.745  1.00 25.99 ? 32  ILE A CB  1 
ATOM   233 C  CG1 . ILE A 1 34  ? 5.420   2.831   -8.832  1.00 26.22 ? 32  ILE A CG1 1 
ATOM   234 C  CG2 . ILE A 1 34  ? 3.278   3.875   -9.699  1.00 26.28 ? 32  ILE A CG2 1 
ATOM   235 C  CD1 . ILE A 1 34  ? 6.404   3.918   -9.316  1.00 26.77 ? 32  ILE A CD1 1 
ATOM   236 N  N   . ALA A 1 35  ? 1.046   1.531   -9.397  1.00 24.92 ? 33  ALA A N   1 
ATOM   237 C  CA  . ALA A 1 35  ? -0.284  1.726   -9.991  1.00 25.36 ? 33  ALA A CA  1 
ATOM   238 C  C   . ALA A 1 35  ? -0.722  3.120   -9.626  1.00 25.09 ? 33  ALA A C   1 
ATOM   239 O  O   . ALA A 1 35  ? -0.670  3.511   -8.452  1.00 24.55 ? 33  ALA A O   1 
ATOM   240 C  CB  . ALA A 1 35  ? -1.279  0.679   -9.467  1.00 24.57 ? 33  ALA A CB  1 
ATOM   241 N  N   . LEU A 1 36  ? -1.189  3.887   -10.604 1.00 25.22 ? 34  LEU A N   1 
ATOM   242 C  CA  . LEU A 1 36  ? -1.553  5.275   -10.344 1.00 25.16 ? 34  LEU A CA  1 
ATOM   243 C  C   . LEU A 1 36  ? -3.052  5.483   -10.074 1.00 26.49 ? 34  LEU A C   1 
ATOM   244 O  O   . LEU A 1 36  ? -3.488  6.604   -9.784  1.00 26.94 ? 34  LEU A O   1 
ATOM   245 C  CB  . LEU A 1 36  ? -1.084  6.167   -11.520 1.00 26.05 ? 34  LEU A CB  1 
ATOM   246 C  CG  . LEU A 1 36  ? 0.406   6.158   -11.838 1.00 24.48 ? 34  LEU A CG  1 
ATOM   247 C  CD1 . LEU A 1 36  ? 0.684   6.937   -13.135 1.00 27.69 ? 34  LEU A CD1 1 
ATOM   248 C  CD2 . LEU A 1 36  ? 1.180   6.741   -10.646 1.00 24.22 ? 34  LEU A CD2 1 
ATOM   249 N  N   . THR A 1 37  ? -3.832  4.403   -10.142 1.00 26.89 ? 35  THR A N   1 
ATOM   250 C  CA  . THR A 1 37  ? -5.233  4.412   -9.706  1.00 26.92 ? 35  THR A CA  1 
ATOM   251 C  C   . THR A 1 37  ? -5.503  3.104   -8.940  1.00 26.09 ? 35  THR A C   1 
ATOM   252 O  O   . THR A 1 37  ? -4.788  2.118   -9.100  1.00 24.69 ? 35  THR A O   1 
ATOM   253 C  CB  . THR A 1 37  ? -6.221  4.527   -10.923 1.00 28.31 ? 35  THR A CB  1 
ATOM   254 O  OG1 . THR A 1 37  ? -6.109  3.357   -11.730 1.00 29.28 ? 35  THR A OG1 1 
ATOM   255 C  CG2 . THR A 1 37  ? -5.896  5.765   -11.805 1.00 29.74 ? 35  THR A CG2 1 
ATOM   256 N  N   . GLY A 1 38  ? -6.561  3.095   -8.126  1.00 26.75 ? 36  GLY A N   1 
ATOM   257 C  CA  . GLY A 1 38  ? -6.954  1.876   -7.437  1.00 27.08 ? 36  GLY A CA  1 
ATOM   258 C  C   . GLY A 1 38  ? -7.448  0.851   -8.436  1.00 26.70 ? 36  GLY A C   1 
ATOM   259 O  O   . GLY A 1 38  ? -7.257  -0.325  -8.252  1.00 25.28 ? 36  GLY A O   1 
ATOM   260 N  N   . GLU A 1 39  ? -8.085  1.329   -9.495  1.00 26.64 ? 37  GLU A N   1 
ATOM   261 C  CA  . GLU A 1 39  ? -8.632  0.426   -10.524 1.00 28.10 ? 37  GLU A CA  1 
ATOM   262 C  C   . GLU A 1 39  ? -7.518  -0.330  -11.207 1.00 27.53 ? 37  GLU A C   1 
ATOM   263 O  O   . GLU A 1 39  ? -7.598  -1.541  -11.378 1.00 27.69 ? 37  GLU A O   1 
ATOM   264 C  CB  . GLU A 1 39  ? -9.468  1.217   -11.539 1.00 29.15 ? 37  GLU A CB  1 
ATOM   265 C  CG  . GLU A 1 39  ? -10.785 1.760   -11.007 1.00 30.81 ? 37  GLU A CG  1 
ATOM   266 C  CD  . GLU A 1 39  ? -10.707 3.103   -10.234 1.00 35.13 ? 37  GLU A CD  1 
ATOM   267 O  OE1 . GLU A 1 39  ? -9.614  3.742   -10.051 1.00 32.52 ? 37  GLU A OE1 1 
ATOM   268 O  OE2 . GLU A 1 39  ? -11.793 3.531   -9.788  1.00 35.19 ? 37  GLU A OE2 1 
ATOM   269 N  N   . ALA A 1 40  ? -6.436  0.383   -11.553 1.00 26.57 ? 38  ALA A N   1 
ATOM   270 C  CA  . ALA A 1 40  ? -5.224  -0.244  -12.082 1.00 26.10 ? 38  ALA A CA  1 
ATOM   271 C  C   . ALA A 1 40  ? -4.646  -1.315  -11.145 1.00 25.49 ? 38  ALA A C   1 
ATOM   272 O  O   . ALA A 1 40  ? -4.201  -2.371  -11.591 1.00 24.79 ? 38  ALA A O   1 
ATOM   273 C  CB  . ALA A 1 40  ? -4.165  0.828   -12.389 1.00 25.89 ? 38  ALA A CB  1 
ATOM   274 N  N   . ALA A 1 41  ? -4.637  -1.033  -9.850  1.00 25.14 ? 39  ALA A N   1 
ATOM   275 C  CA  . ALA A 1 41  ? -4.133  -1.969  -8.854  1.00 25.40 ? 39  ALA A CA  1 
ATOM   276 C  C   . ALA A 1 41  ? -4.948  -3.241  -8.792  1.00 25.23 ? 39  ALA A C   1 
ATOM   277 O  O   . ALA A 1 41  ? -4.406  -4.345  -8.694  1.00 25.35 ? 39  ALA A O   1 
ATOM   278 C  CB  . ALA A 1 41  ? -4.104  -1.288  -7.438  1.00 24.75 ? 39  ALA A CB  1 
ATOM   279 N  N   . VAL A 1 42  ? -6.255  -3.075  -8.757  1.00 25.33 ? 40  VAL A N   1 
ATOM   280 C  CA  . VAL A 1 42  ? -7.177  -4.223  -8.702  1.00 25.85 ? 40  VAL A CA  1 
ATOM   281 C  C   . VAL A 1 42  ? -7.008  -5.042  -9.978  1.00 25.90 ? 40  VAL A C   1 
ATOM   282 O  O   . VAL A 1 42  ? -6.975  -6.253  -9.923  1.00 26.24 ? 40  VAL A O   1 
ATOM   283 C  CB  . VAL A 1 42  ? -8.623  -3.768  -8.532  1.00 25.48 ? 40  VAL A CB  1 
ATOM   284 C  CG1 . VAL A 1 42  ? -9.625  -4.955  -8.677  1.00 25.64 ? 40  VAL A CG1 1 
ATOM   285 C  CG2 . VAL A 1 42  ? -8.821  -3.053  -7.161  1.00 23.87 ? 40  VAL A CG2 1 
ATOM   286 N  N   . GLU A 1 43  ? -6.842  -4.371  -11.111 1.00 27.67 ? 41  GLU A N   1 
ATOM   287 C  CA  . GLU A 1 43  ? -6.675  -5.079  -12.383 1.00 29.25 ? 41  GLU A CA  1 
ATOM   288 C  C   . GLU A 1 43  ? -5.398  -5.887  -12.369 1.00 29.82 ? 41  GLU A C   1 
ATOM   289 O  O   . GLU A 1 43  ? -5.362  -7.013  -12.846 1.00 30.64 ? 41  GLU A O   1 
ATOM   290 C  CB  . GLU A 1 43  ? -6.674  -4.109  -13.552 1.00 29.94 ? 41  GLU A CB  1 
ATOM   291 C  CG  . GLU A 1 43  ? -6.626  -4.807  -14.919 1.00 34.11 ? 41  GLU A CG  1 
ATOM   292 C  CD  . GLU A 1 43  ? -6.444  -3.834  -16.074 1.00 38.49 ? 41  GLU A CD  1 
ATOM   293 O  OE1 . GLU A 1 43  ? -6.203  -2.631  -15.825 1.00 41.87 ? 41  GLU A OE1 1 
ATOM   294 O  OE2 . GLU A 1 43  ? -6.544  -4.298  -17.236 1.00 40.78 ? 41  GLU A OE2 1 
ATOM   295 N  N   . LYS A 1 44  ? -4.338  -5.319  -11.799 1.00 30.20 ? 42  LYS A N   1 
ATOM   296 C  CA  . LYS A 1 44  ? -3.056  -5.993  -11.778 1.00 31.01 ? 42  LYS A CA  1 
ATOM   297 C  C   . LYS A 1 44  ? -3.124  -7.230  -10.921 1.00 30.45 ? 42  LYS A C   1 
ATOM   298 O  O   . LYS A 1 44  ? -2.697  -8.301  -11.353 1.00 30.40 ? 42  LYS A O   1 
ATOM   299 C  CB  . LYS A 1 44  ? -1.968  -5.055  -11.241 1.00 32.00 ? 42  LYS A CB  1 
ATOM   300 C  CG  . LYS A 1 44  ? -0.562  -5.463  -11.597 1.00 35.51 ? 42  LYS A CG  1 
ATOM   301 C  CD  . LYS A 1 44  ? 0.460   -4.318  -11.318 1.00 40.27 ? 42  LYS A CD  1 
ATOM   302 C  CE  . LYS A 1 44  ? 0.182   -3.065  -12.176 1.00 42.70 ? 42  LYS A CE  1 
ATOM   303 N  NZ  . LYS A 1 44  ? 1.363   -2.136  -12.327 1.00 44.24 ? 42  LYS A NZ  1 
ATOM   304 N  N   . VAL A 1 45  ? -3.683  -7.100  -9.711  1.00 29.14 ? 43  VAL A N   1 
ATOM   305 C  CA  . VAL A 1 45  ? -3.750  -8.228  -8.784  1.00 28.39 ? 43  VAL A CA  1 
ATOM   306 C  C   . VAL A 1 45  ? -4.761  -9.305  -9.258  1.00 29.11 ? 43  VAL A C   1 
ATOM   307 O  O   . VAL A 1 45  ? -4.446  -10.519 -9.254  1.00 29.81 ? 43  VAL A O   1 
ATOM   308 C  CB  . VAL A 1 45  ? -4.079  -7.759  -7.364  1.00 29.49 ? 43  VAL A CB  1 
ATOM   309 C  CG1 . VAL A 1 45  ? -4.272  -8.925  -6.414  1.00 26.57 ? 43  VAL A CG1 1 
ATOM   310 C  CG2 . VAL A 1 45  ? -2.968  -6.866  -6.843  1.00 27.89 ? 43  VAL A CG2 1 
ATOM   311 N  N   . SER A 1 46  ? -5.947  -8.877  -9.679  1.00 28.57 ? 44  SER A N   1 
ATOM   312 C  CA  . SER A 1 46  ? -6.959  -9.840  -10.184 1.00 30.39 ? 44  SER A CA  1 
ATOM   313 C  C   . SER A 1 46  ? -6.488  -10.540 -11.465 1.00 32.23 ? 44  SER A C   1 
ATOM   314 O  O   . SER A 1 46  ? -6.892  -11.673 -11.731 1.00 32.77 ? 44  SER A O   1 
ATOM   315 C  CB  . SER A 1 46  ? -8.312  -9.180  -10.412 1.00 29.92 ? 44  SER A CB  1 
ATOM   316 O  OG  . SER A 1 46  ? -8.278  -8.163  -11.400 1.00 27.09 ? 44  SER A OG  1 
ATOM   317 N  N   . GLY A 1 47  ? -5.659  -9.838  -12.246 1.00 34.12 ? 45  GLY A N   1 
ATOM   318 C  CA  . GLY A 1 47  ? -4.987  -10.390 -13.420 1.00 34.88 ? 45  GLY A CA  1 
ATOM   319 C  C   . GLY A 1 47  ? -3.965  -11.462 -13.101 1.00 36.08 ? 45  GLY A C   1 
ATOM   320 O  O   . GLY A 1 47  ? -3.491  -12.137 -14.000 1.00 36.69 ? 45  GLY A O   1 
ATOM   321 N  N   . GLY A 1 48  ? -3.582  -11.609 -11.838 1.00 35.87 ? 46  GLY A N   1 
ATOM   322 C  CA  . GLY A 1 48  ? -2.761  -12.716 -11.406 1.00 36.02 ? 46  GLY A CA  1 
ATOM   323 C  C   . GLY A 1 48  ? -1.392  -12.375 -10.839 1.00 36.44 ? 46  GLY A C   1 
ATOM   324 O  O   . GLY A 1 48  ? -0.605  -13.280 -10.583 1.00 37.06 ? 46  GLY A O   1 
ATOM   325 N  N   . TRP A 1 49  ? -1.108  -11.087 -10.630 1.00 35.80 ? 47  TRP A N   1 
ATOM   326 C  CA  . TRP A 1 49  ? 0.170   -10.655 -10.085 1.00 35.56 ? 47  TRP A CA  1 
ATOM   327 C  C   . TRP A 1 49  ? -0.072  -10.268 -8.632  1.00 35.00 ? 47  TRP A C   1 
ATOM   328 O  O   . TRP A 1 49  ? -0.752  -9.298  -8.363  1.00 33.75 ? 47  TRP A O   1 
ATOM   329 C  CB  . TRP A 1 49  ? 0.714   -9.481  -10.891 1.00 35.78 ? 47  TRP A CB  1 
ATOM   330 C  CG  . TRP A 1 49  ? 2.086   -9.021  -10.446 1.00 37.28 ? 47  TRP A CG  1 
ATOM   331 C  CD1 . TRP A 1 49  ? 3.294   -9.528  -10.836 1.00 38.03 ? 47  TRP A CD1 1 
ATOM   332 C  CD2 . TRP A 1 49  ? 2.370   -7.958  -9.516  1.00 35.60 ? 47  TRP A CD2 1 
ATOM   333 N  NE1 . TRP A 1 49  ? 4.318   -8.844  -10.203 1.00 39.05 ? 47  TRP A NE1 1 
ATOM   334 C  CE2 . TRP A 1 49  ? 3.773   -7.880  -9.386  1.00 36.45 ? 47  TRP A CE2 1 
ATOM   335 C  CE3 . TRP A 1 49  ? 1.570   -7.078  -8.784  1.00 34.73 ? 47  TRP A CE3 1 
ATOM   336 C  CZ2 . TRP A 1 49  ? 4.401   -6.945  -8.540  1.00 36.76 ? 47  TRP A CZ2 1 
ATOM   337 C  CZ3 . TRP A 1 49  ? 2.192   -6.137  -7.952  1.00 33.92 ? 47  TRP A CZ3 1 
ATOM   338 C  CH2 . TRP A 1 49  ? 3.593   -6.084  -7.840  1.00 33.03 ? 47  TRP A CH2 1 
ATOM   339 N  N   . TYR A 1 50  ? 0.465   -11.050 -7.707  1.00 35.07 ? 48  TYR A N   1 
ATOM   340 C  CA  . TYR A 1 50  ? 0.208   -10.862 -6.297  1.00 35.28 ? 48  TYR A CA  1 
ATOM   341 C  C   . TYR A 1 50  ? 1.430   -10.286 -5.582  1.00 34.57 ? 48  TYR A C   1 
ATOM   342 O  O   . TYR A 1 50  ? 2.462   -10.938 -5.484  1.00 34.67 ? 48  TYR A O   1 
ATOM   343 C  CB  . TYR A 1 50  ? -0.235  -12.179 -5.669  1.00 36.46 ? 48  TYR A CB  1 
ATOM   344 C  CG  . TYR A 1 50  ? -1.559  -12.677 -6.235  1.00 40.10 ? 48  TYR A CG  1 
ATOM   345 C  CD1 . TYR A 1 50  ? -1.623  -13.365 -7.454  1.00 45.42 ? 48  TYR A CD1 1 
ATOM   346 C  CD2 . TYR A 1 50  ? -2.734  -12.462 -5.557  1.00 43.58 ? 48  TYR A CD2 1 
ATOM   347 C  CE1 . TYR A 1 50  ? -2.851  -13.822 -7.967  1.00 46.69 ? 48  TYR A CE1 1 
ATOM   348 C  CE2 . TYR A 1 50  ? -3.955  -12.903 -6.060  1.00 47.18 ? 48  TYR A CE2 1 
ATOM   349 C  CZ  . TYR A 1 50  ? -4.017  -13.582 -7.253  1.00 46.83 ? 48  TYR A CZ  1 
ATOM   350 O  OH  . TYR A 1 50  ? -5.262  -13.995 -7.710  1.00 50.15 ? 48  TYR A OH  1 
ATOM   351 N  N   . PRO A 1 51  ? 1.318   -9.052  -5.057  1.00 32.43 ? 49  PRO A N   1 
ATOM   352 C  CA  . PRO A 1 51  ? 2.499   -8.535  -4.361  1.00 31.37 ? 49  PRO A CA  1 
ATOM   353 C  C   . PRO A 1 51  ? 2.614   -9.087  -2.932  1.00 30.20 ? 49  PRO A C   1 
ATOM   354 O  O   . PRO A 1 51  ? 1.655   -9.601  -2.361  1.00 31.00 ? 49  PRO A O   1 
ATOM   355 C  CB  . PRO A 1 51  ? 2.269   -7.011  -4.385  1.00 31.30 ? 49  PRO A CB  1 
ATOM   356 C  CG  . PRO A 1 51  ? 0.807   -6.891  -4.301  1.00 31.24 ? 49  PRO A CG  1 
ATOM   357 C  CD  . PRO A 1 51  ? 0.257   -8.045  -5.151  1.00 32.08 ? 49  PRO A CD  1 
ATOM   358 N  N   . ASP A 1 52  ? 3.811   -9.003  -2.366  1.00 29.68 ? 50  ASP A N   1 
ATOM   359 C  CA  . ASP A 1 52  ? 4.023   -9.391  -0.982  1.00 28.79 ? 50  ASP A CA  1 
ATOM   360 C  C   . ASP A 1 52  ? 3.511   -8.314  -0.022  1.00 27.48 ? 50  ASP A C   1 
ATOM   361 O  O   . ASP A 1 52  ? 3.222   -8.588  1.152   1.00 25.80 ? 50  ASP A O   1 
ATOM   362 C  CB  . ASP A 1 52  ? 5.510   -9.644  -0.792  1.00 30.03 ? 50  ASP A CB  1 
ATOM   363 C  CG  . ASP A 1 52  ? 5.991   -10.840 -1.654  1.00 32.58 ? 50  ASP A CG  1 
ATOM   364 O  OD1 . ASP A 1 52  ? 5.537   -11.946 -1.363  1.00 38.46 ? 50  ASP A OD1 1 
ATOM   365 O  OD2 . ASP A 1 52  ? 6.734   -10.634 -2.633  1.00 37.65 ? 50  ASP A OD2 1 
ATOM   366 N  N   . LEU A 1 53  ? 3.349   -7.090  -0.545  1.00 25.59 ? 51  LEU A N   1 
ATOM   367 C  CA  . LEU A 1 53  ? 2.864   -5.965  0.265   1.00 24.59 ? 51  LEU A CA  1 
ATOM   368 C  C   . LEU A 1 53  ? 2.387   -4.821  -0.630  1.00 23.13 ? 51  LEU A C   1 
ATOM   369 O  O   . LEU A 1 53  ? 2.978   -4.583  -1.682  1.00 22.94 ? 51  LEU A O   1 
ATOM   370 C  CB  . LEU A 1 53  ? 3.964   -5.509  1.229   1.00 24.86 ? 51  LEU A CB  1 
ATOM   371 C  CG  . LEU A 1 53  ? 3.533   -4.363  2.155   1.00 28.24 ? 51  LEU A CG  1 
ATOM   372 C  CD1 . LEU A 1 53  ? 3.736   -4.690  3.620   1.00 32.54 ? 51  LEU A CD1 1 
ATOM   373 C  CD2 . LEU A 1 53  ? 4.288   -3.149  1.786   1.00 30.87 ? 51  LEU A CD2 1 
ATOM   374 N  N   . ILE A 1 54  ? 1.324   -4.138  -0.209  1.00 22.66 ? 52  ILE A N   1 
ATOM   375 C  CA  . ILE A 1 54  ? 0.810   -2.952  -0.899  1.00 22.47 ? 52  ILE A CA  1 
ATOM   376 C  C   . ILE A 1 54  ? 0.995   -1.705  -0.017  1.00 22.39 ? 52  ILE A C   1 
ATOM   377 O  O   . ILE A 1 54  ? 0.657   -1.727  1.169   1.00 23.36 ? 52  ILE A O   1 
ATOM   378 C  CB  . ILE A 1 54  ? -0.682  -3.074  -1.296  1.00 23.41 ? 52  ILE A CB  1 
ATOM   379 C  CG1 . ILE A 1 54  ? -0.846  -4.257  -2.259  1.00 25.84 ? 52  ILE A CG1 1 
ATOM   380 C  CG2 . ILE A 1 54  ? -1.186  -1.724  -1.959  1.00 22.47 ? 52  ILE A CG2 1 
ATOM   381 C  CD1 . ILE A 1 54  ? -2.289  -4.630  -2.581  1.00 26.89 ? 52  ILE A CD1 1 
ATOM   382 N  N   . LEU A 1 55  ? 1.602   -0.664  -0.591  1.00 21.84 ? 53  LEU A N   1 
ATOM   383 C  CA  . LEU A 1 55  ? 1.630   0.668   0.020   1.00 22.16 ? 53  LEU A CA  1 
ATOM   384 C  C   . LEU A 1 55  ? 0.555   1.457   -0.700  1.00 22.13 ? 53  LEU A C   1 
ATOM   385 O  O   . LEU A 1 55  ? 0.668   1.712   -1.878  1.00 22.48 ? 53  LEU A O   1 
ATOM   386 C  CB  . LEU A 1 55  ? 2.995   1.338   -0.160  1.00 21.72 ? 53  LEU A CB  1 
ATOM   387 C  CG  . LEU A 1 55  ? 4.151   0.691   0.607   1.00 24.63 ? 53  LEU A CG  1 
ATOM   388 C  CD1 . LEU A 1 55  ? 5.482   1.293   0.244   1.00 22.71 ? 53  LEU A CD1 1 
ATOM   389 C  CD2 . LEU A 1 55  ? 3.934   0.849   2.115   1.00 27.72 ? 53  LEU A CD2 1 
ATOM   390 N  N   . MET A 1 56  ? -0.483  1.818   0.028   1.00 22.21 ? 54  MET A N   1 
ATOM   391 C  CA  . MET A 1 56  ? -1.716  2.354   -0.531  1.00 23.53 ? 54  MET A CA  1 
ATOM   392 C  C   . MET A 1 56  ? -1.996  3.783   -0.042  1.00 24.04 ? 54  MET A C   1 
ATOM   393 O  O   . MET A 1 56  ? -2.278  3.993   1.123   1.00 23.49 ? 54  MET A O   1 
ATOM   394 C  CB  . MET A 1 56  ? -2.895  1.465   -0.114  1.00 23.35 ? 54  MET A CB  1 
ATOM   395 C  CG  . MET A 1 56  ? -4.252  1.851   -0.703  1.00 25.77 ? 54  MET A CG  1 
ATOM   396 S  SD  . MET A 1 56  ? -4.512  1.206   -2.381  1.00 18.77 ? 54  MET A SD  1 
ATOM   397 C  CE  . MET A 1 56  ? -4.590  -0.468  -1.965  1.00 29.55 ? 54  MET A CE  1 
ATOM   398 N  N   . ASP A 1 57  ? -1.980  4.737   -0.971  1.00 25.86 ? 55  ASP A N   1 
ATOM   399 C  CA  . ASP A 1 57  ? -2.437  6.121   -0.710  1.00 27.83 ? 55  ASP A CA  1 
ATOM   400 C  C   . ASP A 1 57  ? -3.912  6.028   -0.285  1.00 28.52 ? 55  ASP A C   1 
ATOM   401 O  O   . ASP A 1 57  ? -4.714  5.389   -0.963  1.00 28.15 ? 55  ASP A O   1 
ATOM   402 C  CB  . ASP A 1 57  ? -2.259  6.942   -2.002  1.00 27.70 ? 55  ASP A CB  1 
ATOM   403 C  CG  . ASP A 1 57  ? -2.780  8.411   -1.919  1.00 33.83 ? 55  ASP A CG  1 
ATOM   404 O  OD1 . ASP A 1 57  ? -3.043  8.910   -0.823  1.00 37.73 ? 55  ASP A OD1 1 
ATOM   405 O  OD2 . ASP A 1 57  ? -2.901  9.052   -3.017  1.00 40.68 ? 55  ASP A OD2 1 
ATOM   406 N  N   . ILE A 1 58  ? -4.241  6.641   0.846   1.00 29.57 ? 56  ILE A N   1 
ATOM   407 C  CA  . ILE A 1 58  ? -5.610  6.664   1.362   1.00 31.86 ? 56  ILE A CA  1 
ATOM   408 C  C   . ILE A 1 58  ? -6.599  7.378   0.432   1.00 32.31 ? 56  ILE A C   1 
ATOM   409 O  O   . ILE A 1 58  ? -7.694  6.878   0.198   1.00 33.02 ? 56  ILE A O   1 
ATOM   410 C  CB  . ILE A 1 58  ? -5.672  7.355   2.742   1.00 32.56 ? 56  ILE A CB  1 
ATOM   411 C  CG1 . ILE A 1 58  ? -5.118  6.418   3.809   1.00 34.31 ? 56  ILE A CG1 1 
ATOM   412 C  CG2 . ILE A 1 58  ? -7.117  7.745   3.095   1.00 34.88 ? 56  ILE A CG2 1 
ATOM   413 C  CD1 . ILE A 1 58  ? -5.017  7.052   5.165   1.00 36.29 ? 56  ILE A CD1 1 
ATOM   414 N  N   . GLU A 1 59  ? -6.201  8.535   -0.088  1.00 33.33 ? 57  GLU A N   1 
ATOM   415 C  CA  . GLU A 1 59  ? -7.094  9.382   -0.882  1.00 34.18 ? 57  GLU A CA  1 
ATOM   416 C  C   . GLU A 1 59  ? -7.244  8.890   -2.326  1.00 34.74 ? 57  GLU A C   1 
ATOM   417 O  O   . GLU A 1 59  ? -8.367  8.685   -2.804  1.00 35.81 ? 57  GLU A O   1 
ATOM   418 C  CB  . GLU A 1 59  ? -6.611  10.848  -0.835  1.00 34.34 ? 57  GLU A CB  1 
ATOM   419 N  N   . LEU A 1 60  ? -6.125  8.686   -3.012  1.00 34.06 ? 58  LEU A N   1 
ATOM   420 C  CA  . LEU A 1 60  ? -6.101  8.437   -4.460  1.00 34.51 ? 58  LEU A CA  1 
ATOM   421 C  C   . LEU A 1 60  ? -6.735  9.645   -5.181  1.00 35.74 ? 58  LEU A C   1 
ATOM   422 O  O   . LEU A 1 60  ? -6.671  10.750  -4.650  1.00 36.72 ? 58  LEU A O   1 
ATOM   423 C  CB  . LEU A 1 60  ? -6.679  7.053   -4.844  1.00 34.32 ? 58  LEU A CB  1 
ATOM   424 C  CG  . LEU A 1 60  ? -5.825  5.863   -4.391  1.00 31.43 ? 58  LEU A CG  1 
ATOM   425 C  CD1 . LEU A 1 60  ? -6.416  4.484   -4.759  1.00 28.52 ? 58  LEU A CD1 1 
ATOM   426 C  CD2 . LEU A 1 60  ? -4.391  5.999   -4.942  1.00 30.77 ? 58  LEU A CD2 1 
ATOM   427 N  N   . GLY A 1 61  ? -7.305  9.483   -6.359  1.00 36.11 ? 59  GLY A N   1 
ATOM   428 C  CA  . GLY A 1 61  ? -7.755  10.657  -7.118  1.00 37.09 ? 59  GLY A CA  1 
ATOM   429 C  C   . GLY A 1 61  ? -9.245  10.632  -7.312  1.00 37.80 ? 59  GLY A C   1 
ATOM   430 O  O   . GLY A 1 61  ? -9.992  10.530  -6.359  1.00 38.26 ? 59  GLY A O   1 
ATOM   431 N  N   . GLU A 1 62  ? -9.656  10.678  -8.568  1.00 38.91 ? 60  GLU A N   1 
ATOM   432 C  CA  . GLU A 1 62  ? -11.053 10.817  -8.951  1.00 39.86 ? 60  GLU A CA  1 
ATOM   433 C  C   . GLU A 1 62  ? -11.785 9.463   -8.914  1.00 39.85 ? 60  GLU A C   1 
ATOM   434 O  O   . GLU A 1 62  ? -13.018 9.414   -8.798  1.00 41.26 ? 60  GLU A O   1 
ATOM   435 C  CB  . GLU A 1 62  ? -11.136 11.492  -10.354 1.00 40.35 ? 60  GLU A CB  1 
ATOM   436 N  N   . GLY A 1 63  ? -11.033 8.366   -8.956  1.00 39.24 ? 61  GLY A N   1 
ATOM   437 C  CA  . GLY A 1 63  ? -11.627 7.024   -8.928  1.00 38.90 ? 61  GLY A CA  1 
ATOM   438 C  C   . GLY A 1 63  ? -11.845 6.519   -7.507  1.00 37.43 ? 61  GLY A C   1 
ATOM   439 O  O   . GLY A 1 63  ? -12.033 7.315   -6.577  1.00 37.55 ? 61  GLY A O   1 
ATOM   440 N  N   . MET A 1 64  ? -11.831 5.191   -7.348  1.00 36.06 ? 62  MET A N   1 
ATOM   441 C  CA  . MET A 1 64  ? -11.931 4.553   -6.035  1.00 34.45 ? 62  MET A CA  1 
ATOM   442 C  C   . MET A 1 64  ? -10.799 5.046   -5.110  1.00 33.52 ? 62  MET A C   1 
ATOM   443 O  O   . MET A 1 64  ? -9.713  5.385   -5.579  1.00 32.69 ? 62  MET A O   1 
ATOM   444 C  CB  . MET A 1 64  ? -11.973 2.995   -6.148  1.00 34.69 ? 62  MET A CB  1 
ATOM   445 C  CG  . MET A 1 64  ? -10.826 2.267   -6.951  1.00 33.39 ? 62  MET A CG  1 
ATOM   446 S  SD  . MET A 1 64  ? -11.054 0.492   -7.446  1.00 26.32 ? 62  MET A SD  1 
ATOM   447 C  CE  . MET A 1 64  ? -11.895 -0.033  -5.883  1.00 23.18 ? 62  MET A CE  1 
ATOM   448 N  N   . ASP A 1 65  ? -11.093 5.156   -3.817  1.00 31.60 ? 63  ASP A N   1 
ATOM   449 C  CA  . ASP A 1 65  ? -10.111 5.599   -2.835  1.00 30.75 ? 63  ASP A CA  1 
ATOM   450 C  C   . ASP A 1 65  ? -9.340  4.393   -2.315  1.00 28.34 ? 63  ASP A C   1 
ATOM   451 O  O   . ASP A 1 65  ? -9.617  3.273   -2.690  1.00 26.03 ? 63  ASP A O   1 
ATOM   452 C  CB  . ASP A 1 65  ? -10.746 6.460   -1.716  1.00 31.22 ? 63  ASP A CB  1 
ATOM   453 C  CG  . ASP A 1 65  ? -11.653 5.657   -0.725  1.00 35.65 ? 63  ASP A CG  1 
ATOM   454 O  OD1 . ASP A 1 65  ? -11.489 4.436   -0.536  1.00 35.23 ? 63  ASP A OD1 1 
ATOM   455 O  OD2 . ASP A 1 65  ? -12.530 6.297   -0.072  1.00 43.11 ? 63  ASP A OD2 1 
ATOM   456 N  N   . GLY A 1 66  ? -8.370  4.632   -1.443  1.00 27.01 ? 64  GLY A N   1 
ATOM   457 C  CA  . GLY A 1 66  ? -7.476  3.562   -1.013  1.00 25.76 ? 64  GLY A CA  1 
ATOM   458 C  C   . GLY A 1 66  ? -8.141  2.541   -0.123  1.00 25.85 ? 64  GLY A C   1 
ATOM   459 O  O   . GLY A 1 66  ? -7.737  1.396   -0.113  1.00 25.99 ? 64  GLY A O   1 
ATOM   460 N  N   . VAL A 1 67  ? -9.152  2.958   0.641   1.00 25.81 ? 65  VAL A N   1 
ATOM   461 C  CA  . VAL A 1 67  ? -9.841  2.035   1.534   1.00 26.79 ? 65  VAL A CA  1 
ATOM   462 C  C   . VAL A 1 67  ? -10.688 1.075   0.696   1.00 26.40 ? 65  VAL A C   1 
ATOM   463 O  O   . VAL A 1 67  ? -10.676 -0.111  0.938   1.00 26.12 ? 65  VAL A O   1 
ATOM   464 C  CB  . VAL A 1 67  ? -10.672 2.772   2.611   1.00 27.02 ? 65  VAL A CB  1 
ATOM   465 C  CG1 . VAL A 1 67  ? -11.531 1.775   3.412   1.00 28.09 ? 65  VAL A CG1 1 
ATOM   466 C  CG2 . VAL A 1 67  ? -9.705  3.565   3.529   1.00 27.82 ? 65  VAL A CG2 1 
ATOM   467 N  N   . GLN A 1 68  ? -11.383 1.611   -0.311  1.00 26.37 ? 66  GLN A N   1 
ATOM   468 C  CA  . GLN A 1 68  ? -12.131 0.794   -1.290  1.00 26.98 ? 66  GLN A CA  1 
ATOM   469 C  C   . GLN A 1 68  ? -11.217 -0.172  -2.029  1.00 26.22 ? 66  GLN A C   1 
ATOM   470 O  O   . GLN A 1 68  ? -11.530 -1.344  -2.181  1.00 26.52 ? 66  GLN A O   1 
ATOM   471 C  CB  . GLN A 1 68  ? -12.819 1.702   -2.306  1.00 28.09 ? 66  GLN A CB  1 
ATOM   472 C  CG  . GLN A 1 68  ? -13.962 2.512   -1.726  1.00 31.39 ? 66  GLN A CG  1 
ATOM   473 C  CD  . GLN A 1 68  ? -14.608 3.420   -2.757  1.00 35.63 ? 66  GLN A CD  1 
ATOM   474 O  OE1 . GLN A 1 68  ? -14.016 4.411   -3.201  1.00 35.60 ? 66  GLN A OE1 1 
ATOM   475 N  NE2 . GLN A 1 68  ? -15.836 3.087   -3.139  1.00 37.41 ? 66  GLN A NE2 1 
ATOM   476 N  N   . THR A 1 69  ? -10.075 0.335   -2.509  1.00 25.88 ? 67  THR A N   1 
ATOM   477 C  CA  . THR A 1 69  ? -9.103  -0.505  -3.214  1.00 24.81 ? 67  THR A CA  1 
ATOM   478 C  C   . THR A 1 69  ? -8.615  -1.633  -2.320  1.00 24.17 ? 67  THR A C   1 
ATOM   479 O  O   . THR A 1 69  ? -8.576  -2.774  -2.743  1.00 25.37 ? 67  THR A O   1 
ATOM   480 C  CB  . THR A 1 69  ? -7.938  0.344   -3.780  1.00 24.58 ? 67  THR A CB  1 
ATOM   481 O  OG1 . THR A 1 69  ? -8.507  1.405   -4.534  1.00 26.58 ? 67  THR A OG1 1 
ATOM   482 C  CG2 . THR A 1 69  ? -6.997  -0.481  -4.682  1.00 25.82 ? 67  THR A CG2 1 
ATOM   483 N  N   . ALA A 1 70  ? -8.238  -1.317  -1.085  1.00 23.20 ? 68  ALA A N   1 
ATOM   484 C  CA  . ALA A 1 70  ? -7.819  -2.337  -0.121  1.00 24.19 ? 68  ALA A CA  1 
ATOM   485 C  C   . ALA A 1 70  ? -8.899  -3.391  0.128   1.00 24.06 ? 68  ALA A C   1 
ATOM   486 O  O   . ALA A 1 70  ? -8.604  -4.577  0.169   1.00 24.44 ? 68  ALA A O   1 
ATOM   487 C  CB  . ALA A 1 70  ? -7.408  -1.672  1.242   1.00 23.14 ? 68  ALA A CB  1 
ATOM   488 N  N   . LEU A 1 71  ? -10.135 -2.954  0.296   1.00 24.58 ? 69  LEU A N   1 
ATOM   489 C  CA  . LEU A 1 71  ? -11.234 -3.891  0.562   1.00 25.86 ? 69  LEU A CA  1 
ATOM   490 C  C   . LEU A 1 71  ? -11.490 -4.814  -0.651  1.00 25.40 ? 69  LEU A C   1 
ATOM   491 O  O   . LEU A 1 71  ? -11.722 -5.996  -0.478  1.00 25.56 ? 69  LEU A O   1 
ATOM   492 C  CB  . LEU A 1 71  ? -12.510 -3.147  0.979   1.00 26.88 ? 69  LEU A CB  1 
ATOM   493 C  CG  . LEU A 1 71  ? -13.723 -4.060  1.327   1.00 30.49 ? 69  LEU A CG  1 
ATOM   494 C  CD1 . LEU A 1 71  ? -13.361 -5.145  2.352   1.00 32.74 ? 69  LEU A CD1 1 
ATOM   495 C  CD2 . LEU A 1 71  ? -14.941 -3.248  1.802   1.00 31.25 ? 69  LEU A CD2 1 
ATOM   496 N  N   . ALA A 1 72  ? -11.371 -4.271  -1.867  1.00 25.34 ? 70  ALA A N   1 
ATOM   497 C  CA  . ALA A 1 72  ? -11.504 -5.055  -3.099  1.00 25.16 ? 70  ALA A CA  1 
ATOM   498 C  C   . ALA A 1 72  ? -10.375 -6.090  -3.195  1.00 25.64 ? 70  ALA A C   1 
ATOM   499 O  O   . ALA A 1 72  ? -10.615 -7.276  -3.405  1.00 26.02 ? 70  ALA A O   1 
ATOM   500 C  CB  . ALA A 1 72  ? -11.539 -4.109  -4.341  1.00 24.57 ? 70  ALA A CB  1 
ATOM   501 N  N   . ILE A 1 73  ? -9.130  -5.652  -2.983  1.00 26.84 ? 71  ILE A N   1 
ATOM   502 C  CA  . ILE A 1 73  ? -7.976  -6.551  -3.067  1.00 27.97 ? 71  ILE A CA  1 
ATOM   503 C  C   . ILE A 1 73  ? -8.032  -7.645  -2.022  1.00 28.43 ? 71  ILE A C   1 
ATOM   504 O  O   . ILE A 1 73  ? -7.717  -8.806  -2.326  1.00 28.32 ? 71  ILE A O   1 
ATOM   505 C  CB  . ILE A 1 73  ? -6.623  -5.795  -3.037  1.00 28.54 ? 71  ILE A CB  1 
ATOM   506 C  CG1 . ILE A 1 73  ? -6.461  -5.039  -4.362  1.00 30.96 ? 71  ILE A CG1 1 
ATOM   507 C  CG2 . ILE A 1 73  ? -5.428  -6.803  -2.807  1.00 28.92 ? 71  ILE A CG2 1 
ATOM   508 C  CD1 . ILE A 1 73  ? -5.335  -3.993  -4.395  1.00 33.02 ? 71  ILE A CD1 1 
ATOM   509 N  N   . GLN A 1 74  ? -8.529  -7.318  -0.833  1.00 29.26 ? 72  GLN A N   1 
ATOM   510 C  CA  A GLN A 1 74  ? -8.576  -8.285  0.252   0.50 29.76 ? 72  GLN A CA  1 
ATOM   511 C  CA  B GLN A 1 74  ? -8.586  -8.297  0.259   0.50 29.96 ? 72  GLN A CA  1 
ATOM   512 C  C   . GLN A 1 74  ? -9.645  -9.387  -0.027  1.00 30.06 ? 72  GLN A C   1 
ATOM   513 O  O   . GLN A 1 74  ? -9.612  -10.457 0.551   1.00 29.96 ? 72  GLN A O   1 
ATOM   514 C  CB  A GLN A 1 74  ? -8.675  -7.551  1.614   0.50 29.91 ? 72  GLN A CB  1 
ATOM   515 C  CB  B GLN A 1 74  ? -8.712  -7.626  1.656   0.50 30.24 ? 72  GLN A CB  1 
ATOM   516 C  CG  A GLN A 1 74  ? -7.303  -6.845  1.927   0.50 29.69 ? 72  GLN A CG  1 
ATOM   517 C  CG  B GLN A 1 74  ? -10.092 -7.412  2.260   0.50 30.89 ? 72  GLN A CG  1 
ATOM   518 C  CD  A GLN A 1 74  ? -7.216  -6.027  3.239   0.50 28.25 ? 72  GLN A CD  1 
ATOM   519 C  CD  B GLN A 1 74  ? -10.025 -6.979  3.729   0.50 30.22 ? 72  GLN A CD  1 
ATOM   520 O  OE1 A GLN A 1 74  ? -8.207  -5.757  3.924   0.50 27.09 ? 72  GLN A OE1 1 
ATOM   521 O  OE1 B GLN A 1 74  ? -9.028  -6.419  4.194   0.50 35.24 ? 72  GLN A OE1 1 
ATOM   522 N  NE2 A GLN A 1 74  ? -6.002  -5.620  3.568   0.50 24.49 ? 72  GLN A NE2 1 
ATOM   523 N  NE2 B GLN A 1 74  ? -11.076 -7.231  4.452   0.50 26.01 ? 72  GLN A NE2 1 
ATOM   524 N  N   . GLN A 1 75  ? -10.530 -9.155  -0.988  1.00 29.96 ? 73  GLN A N   1 
ATOM   525 C  CA  . GLN A 1 75  ? -11.443 -10.211 -1.445  1.00 30.32 ? 73  GLN A CA  1 
ATOM   526 C  C   . GLN A 1 75  ? -10.713 -11.216 -2.373  1.00 31.25 ? 73  GLN A C   1 
ATOM   527 O  O   . GLN A 1 75  ? -11.106 -12.388 -2.484  1.00 31.59 ? 73  GLN A O   1 
ATOM   528 C  CB  . GLN A 1 75  ? -12.624 -9.604  -2.184  1.00 29.72 ? 73  GLN A CB  1 
ATOM   529 C  CG  . GLN A 1 75  ? -13.376 -8.572  -1.420  1.00 30.34 ? 73  GLN A CG  1 
ATOM   530 C  CD  . GLN A 1 75  ? -13.688 -9.028  -0.024  1.00 33.96 ? 73  GLN A CD  1 
ATOM   531 O  OE1 . GLN A 1 75  ? -14.156 -10.149 0.184   1.00 35.89 ? 73  GLN A OE1 1 
ATOM   532 N  NE2 . GLN A 1 75  ? -13.423 -8.171  0.950   1.00 32.77 ? 73  GLN A NE2 1 
ATOM   533 N  N   . ILE A 1 76  ? -9.661  -10.741 -3.040  1.00 31.33 ? 74  ILE A N   1 
ATOM   534 C  CA  . ILE A 1 76  ? -8.864  -11.532 -3.992  1.00 32.44 ? 74  ILE A CA  1 
ATOM   535 C  C   . ILE A 1 76  ? -7.816  -12.328 -3.249  1.00 33.86 ? 74  ILE A C   1 
ATOM   536 O  O   . ILE A 1 76  ? -7.625  -13.525 -3.483  1.00 33.37 ? 74  ILE A O   1 
ATOM   537 C  CB  . ILE A 1 76  ? -8.203  -10.629 -5.085  1.00 32.08 ? 74  ILE A CB  1 
ATOM   538 C  CG1 . ILE A 1 76  ? -9.248  -9.759  -5.772  1.00 32.79 ? 74  ILE A CG1 1 
ATOM   539 C  CG2 . ILE A 1 76  ? -7.500  -11.476 -6.125  1.00 31.93 ? 74  ILE A CG2 1 
ATOM   540 C  CD1 . ILE A 1 76  ? -8.695  -8.658  -6.614  1.00 35.07 ? 74  ILE A CD1 1 
ATOM   541 N  N   . SER A 1 77  ? -7.145  -11.674 -2.304  1.00 34.98 ? 75  SER A N   1 
ATOM   542 C  CA  . SER A 1 77  ? -6.112  -12.332 -1.528  1.00 36.76 ? 75  SER A CA  1 
ATOM   543 C  C   . SER A 1 77  ? -5.819  -11.533 -0.287  1.00 37.05 ? 75  SER A C   1 
ATOM   544 O  O   . SER A 1 77  ? -5.853  -10.309 -0.330  1.00 36.22 ? 75  SER A O   1 
ATOM   545 C  CB  . SER A 1 77  ? -4.836  -12.407 -2.346  1.00 37.78 ? 75  SER A CB  1 
ATOM   546 O  OG  . SER A 1 77  ? -3.891  -13.263 -1.730  1.00 42.43 ? 75  SER A OG  1 
ATOM   547 N  N   . GLU A 1 78  ? -5.522  -12.243 0.797   1.00 38.20 ? 76  GLU A N   1 
ATOM   548 C  CA  . GLU A 1 78  ? -5.044  -11.652 2.035   1.00 39.39 ? 76  GLU A CA  1 
ATOM   549 C  C   . GLU A 1 78  ? -3.564  -11.234 1.782   1.00 39.44 ? 76  GLU A C   1 
ATOM   550 O  O   . GLU A 1 78  ? -2.625  -12.061 1.786   1.00 41.72 ? 76  GLU A O   1 
ATOM   551 C  CB  . GLU A 1 78  ? -5.190  -12.656 3.214   1.00 39.77 ? 76  GLU A CB  1 
ATOM   552 N  N   . LEU A 1 79  ? -3.384  -9.972  1.438   1.00 37.95 ? 77  LEU A N   1 
ATOM   553 C  CA  . LEU A 1 79  ? -2.064  -9.371  1.288   1.00 36.21 ? 77  LEU A CA  1 
ATOM   554 C  C   . LEU A 1 79  ? -2.017  -8.254  2.305   1.00 33.66 ? 77  LEU A C   1 
ATOM   555 O  O   . LEU A 1 79  ? -3.042  -7.583  2.529   1.00 34.25 ? 77  LEU A O   1 
ATOM   556 C  CB  . LEU A 1 79  ? -1.873  -8.765  -0.119  1.00 37.05 ? 77  LEU A CB  1 
ATOM   557 C  CG  . LEU A 1 79  ? -2.004  -9.768  -1.249  1.00 38.61 ? 77  LEU A CG  1 
ATOM   558 C  CD1 . LEU A 1 79  ? -2.009  -9.047  -2.539  1.00 37.85 ? 77  LEU A CD1 1 
ATOM   559 C  CD2 . LEU A 1 79  ? -0.877  -10.852 -1.161  1.00 41.17 ? 77  LEU A CD2 1 
ATOM   560 N  N   . PRO A 1 80  ? -0.836  -8.021  2.897   1.00 30.71 ? 78  PRO A N   1 
ATOM   561 C  CA  . PRO A 1 80  ? -0.717  -6.890  3.822   1.00 29.50 ? 78  PRO A CA  1 
ATOM   562 C  C   . PRO A 1 80  ? -0.782  -5.531  3.112   1.00 27.50 ? 78  PRO A C   1 
ATOM   563 O  O   . PRO A 1 80  ? -0.083  -5.314  2.113   1.00 27.12 ? 78  PRO A O   1 
ATOM   564 C  CB  . PRO A 1 80  ? 0.652   -7.069  4.462   1.00 29.50 ? 78  PRO A CB  1 
ATOM   565 C  CG  . PRO A 1 80  ? 1.375   -8.055  3.616   1.00 31.67 ? 78  PRO A CG  1 
ATOM   566 C  CD  . PRO A 1 80  ? 0.428   -8.713  2.679   1.00 30.18 ? 78  PRO A CD  1 
ATOM   567 N  N   . VAL A 1 81  ? -1.588  -4.632  3.675   1.00 26.04 ? 79  VAL A N   1 
ATOM   568 C  CA  . VAL A 1 81  ? -1.675  -3.244  3.199   1.00 25.28 ? 79  VAL A CA  1 
ATOM   569 C  C   . VAL A 1 81  ? -1.165  -2.292  4.291   1.00 24.18 ? 79  VAL A C   1 
ATOM   570 O  O   . VAL A 1 81  ? -1.551  -2.405  5.471   1.00 25.00 ? 79  VAL A O   1 
ATOM   571 C  CB  . VAL A 1 81  ? -3.105  -2.896  2.817   1.00 25.58 ? 79  VAL A CB  1 
ATOM   572 C  CG1 . VAL A 1 81  ? -3.212  -1.418  2.360   1.00 24.91 ? 79  VAL A CG1 1 
ATOM   573 C  CG2 . VAL A 1 81  ? -3.622  -3.881  1.685   1.00 26.72 ? 79  VAL A CG2 1 
ATOM   574 N  N   . VAL A 1 82  ? -0.271  -1.399  3.896   1.00 22.89 ? 80  VAL A N   1 
ATOM   575 C  CA  . VAL A 1 82  ? 0.168   -0.277  4.724   1.00 21.51 ? 80  VAL A CA  1 
ATOM   576 C  C   . VAL A 1 82  ? -0.345  0.961   3.977   1.00 21.15 ? 80  VAL A C   1 
ATOM   577 O  O   . VAL A 1 82  ? -0.109  1.124   2.760   1.00 20.67 ? 80  VAL A O   1 
ATOM   578 C  CB  . VAL A 1 82  ? 1.708   -0.244  4.885   1.00 21.80 ? 80  VAL A CB  1 
ATOM   579 C  CG1 . VAL A 1 82  ? 2.249   1.100   5.495   1.00 17.33 ? 80  VAL A CG1 1 
ATOM   580 C  CG2 . VAL A 1 82  ? 2.209   -1.450  5.753   1.00 20.80 ? 80  VAL A CG2 1 
ATOM   581 N  N   . PHE A 1 83  ? -1.079  1.793   4.688   1.00 20.28 ? 81  PHE A N   1 
ATOM   582 C  CA  . PHE A 1 83  ? -1.590  3.003   4.085   1.00 21.58 ? 81  PHE A CA  1 
ATOM   583 C  C   . PHE A 1 83  ? -0.574  4.165   4.176   1.00 21.86 ? 81  PHE A C   1 
ATOM   584 O  O   . PHE A 1 83  ? 0.045   4.400   5.204   1.00 21.58 ? 81  PHE A O   1 
ATOM   585 C  CB  . PHE A 1 83  ? -2.876  3.412   4.751   1.00 22.42 ? 81  PHE A CB  1 
ATOM   586 C  CG  . PHE A 1 83  ? -4.022  2.548   4.417   1.00 23.52 ? 81  PHE A CG  1 
ATOM   587 C  CD1 . PHE A 1 83  ? -4.608  2.626   3.163   1.00 25.18 ? 81  PHE A CD1 1 
ATOM   588 C  CD2 . PHE A 1 83  ? -4.530  1.648   5.347   1.00 23.17 ? 81  PHE A CD2 1 
ATOM   589 C  CE1 . PHE A 1 83  ? -5.689  1.834   2.823   1.00 24.84 ? 81  PHE A CE1 1 
ATOM   590 C  CE2 . PHE A 1 83  ? -5.615  0.854   4.995   1.00 25.61 ? 81  PHE A CE2 1 
ATOM   591 C  CZ  . PHE A 1 83  ? -6.182  0.947   3.731   1.00 26.05 ? 81  PHE A CZ  1 
ATOM   592 N  N   . LEU A 1 84  ? -0.504  4.923   3.085   1.00 23.48 ? 82  LEU A N   1 
ATOM   593 C  CA  . LEU A 1 84  ? 0.204   6.186   2.997   1.00 24.66 ? 82  LEU A CA  1 
ATOM   594 C  C   . LEU A 1 84  ? -0.765  7.335   3.247   1.00 25.93 ? 82  LEU A C   1 
ATOM   595 O  O   . LEU A 1 84  ? -1.902  7.369   2.682   1.00 24.21 ? 82  LEU A O   1 
ATOM   596 C  CB  . LEU A 1 84  ? 0.777   6.336   1.597   1.00 25.04 ? 82  LEU A CB  1 
ATOM   597 C  CG  . LEU A 1 84  ? 1.664   5.191   1.153   1.00 27.02 ? 82  LEU A CG  1 
ATOM   598 C  CD1 . LEU A 1 84  ? 1.918   5.211   -0.368  1.00 28.66 ? 82  LEU A CD1 1 
ATOM   599 C  CD2 . LEU A 1 84  ? 2.964   5.251   2.003   1.00 28.18 ? 82  LEU A CD2 1 
ATOM   600 N  N   . THR A 1 85  ? -0.340  8.290   4.065   1.00 26.65 ? 83  THR A N   1 
ATOM   601 C  CA  . THR A 1 85  ? -1.207  9.434   4.366   1.00 29.65 ? 83  THR A CA  1 
ATOM   602 C  C   . THR A 1 85  ? -0.507  10.761  4.022   1.00 31.73 ? 83  THR A C   1 
ATOM   603 O  O   . THR A 1 85  ? 0.718   10.866  4.093   1.00 31.41 ? 83  THR A O   1 
ATOM   604 C  CB  . THR A 1 85  ? -1.704  9.414   5.831   1.00 29.84 ? 83  THR A CB  1 
ATOM   605 O  OG1 . THR A 1 85  ? -0.616  9.706   6.721   1.00 33.19 ? 83  THR A OG1 1 
ATOM   606 C  CG2 . THR A 1 85  ? -2.298  8.055   6.165   1.00 32.28 ? 83  THR A CG2 1 
ATOM   607 N  N   . ALA A 1 86  ? -1.286  11.745  3.585   1.00 34.61 ? 84  ALA A N   1 
ATOM   608 C  CA  . ALA A 1 86  ? -0.759  13.085  3.285   1.00 37.64 ? 84  ALA A CA  1 
ATOM   609 C  C   . ALA A 1 86  ? -1.078  14.052  4.393   1.00 40.25 ? 84  ALA A C   1 
ATOM   610 O  O   . ALA A 1 86  ? -0.523  15.144  4.425   1.00 41.22 ? 84  ALA A O   1 
ATOM   611 C  CB  . ALA A 1 86  ? -1.344  13.632  1.966   1.00 37.91 ? 84  ALA A CB  1 
ATOM   612 N  N   . HIS A 1 87  ? -1.995  13.673  5.276   1.00 43.08 ? 85  HIS A N   1 
ATOM   613 C  CA  . HIS A 1 87  ? -2.490  14.576  6.320   1.00 45.71 ? 85  HIS A CA  1 
ATOM   614 C  C   . HIS A 1 87  ? -2.201  13.972  7.677   1.00 47.07 ? 85  HIS A C   1 
ATOM   615 O  O   . HIS A 1 87  ? -2.194  12.752  7.830   1.00 47.11 ? 85  HIS A O   1 
ATOM   616 C  CB  . HIS A 1 87  ? -3.993  14.827  6.169   1.00 45.95 ? 85  HIS A CB  1 
ATOM   617 C  CG  . HIS A 1 87  ? -4.382  15.406  4.841   1.00 48.98 ? 85  HIS A CG  1 
ATOM   618 N  ND1 . HIS A 1 87  ? -3.939  16.645  4.405   1.00 52.04 ? 85  HIS A ND1 1 
ATOM   619 C  CD2 . HIS A 1 87  ? -5.164  14.914  3.848   1.00 50.57 ? 85  HIS A CD2 1 
ATOM   620 C  CE1 . HIS A 1 87  ? -4.425  16.882  3.198   1.00 53.12 ? 85  HIS A CE1 1 
ATOM   621 N  NE2 . HIS A 1 87  ? -5.172  15.849  2.836   1.00 52.92 ? 85  HIS A NE2 1 
ATOM   622 N  N   . THR A 1 88  ? -1.979  14.836  8.664   1.00 48.94 ? 86  THR A N   1 
ATOM   623 C  CA  . THR A 1 88  ? -1.727  14.384  10.023  1.00 50.19 ? 86  THR A CA  1 
ATOM   624 C  C   . THR A 1 88  ? -2.943  13.615  10.580  1.00 50.64 ? 86  THR A C   1 
ATOM   625 O  O   . THR A 1 88  ? -2.778  12.583  11.255  1.00 50.33 ? 86  THR A O   1 
ATOM   626 C  CB  . THR A 1 88  ? -1.278  15.570  10.953  1.00 50.37 ? 86  THR A CB  1 
ATOM   627 O  OG1 . THR A 1 88  ? -0.536  15.049  12.058  1.00 51.96 ? 86  THR A OG1 1 
ATOM   628 C  CG2 . THR A 1 88  ? -2.459  16.410  11.453  1.00 50.89 ? 86  THR A CG2 1 
ATOM   629 N  N   . GLU A 1 89  ? -4.148  14.101  10.267  1.00 51.06 ? 87  GLU A N   1 
ATOM   630 C  CA  . GLU A 1 89  ? -5.367  13.364  10.576  1.00 51.70 ? 87  GLU A CA  1 
ATOM   631 C  C   . GLU A 1 89  ? -6.224  13.135  9.306   1.00 51.46 ? 87  GLU A C   1 
ATOM   632 O  O   . GLU A 1 89  ? -7.113  13.950  8.966   1.00 51.40 ? 87  GLU A O   1 
ATOM   633 C  CB  . GLU A 1 89  ? -6.155  13.999  11.737  1.00 52.24 ? 87  GLU A CB  1 
ATOM   634 C  CG  . GLU A 1 89  ? -6.369  15.504  11.683  1.00 54.69 ? 87  GLU A CG  1 
ATOM   635 C  CD  . GLU A 1 89  ? -7.287  15.989  12.813  1.00 57.19 ? 87  GLU A CD  1 
ATOM   636 O  OE1 . GLU A 1 89  ? -8.387  16.527  12.521  1.00 59.58 ? 87  GLU A OE1 1 
ATOM   637 O  OE2 . GLU A 1 89  ? -6.921  15.793  13.993  1.00 56.36 ? 87  GLU A OE2 1 
ATOM   638 N  N   . PRO A 1 90  ? -5.966  12.001  8.618   1.00 50.76 ? 88  PRO A N   1 
ATOM   639 C  CA  . PRO A 1 90  ? -6.611  11.637  7.348   1.00 51.29 ? 88  PRO A CA  1 
ATOM   640 C  C   . PRO A 1 90  ? -8.128  11.432  7.427   1.00 51.69 ? 88  PRO A C   1 
ATOM   641 O  O   . PRO A 1 90  ? -8.639  10.938  8.435   1.00 51.54 ? 88  PRO A O   1 
ATOM   642 C  CB  . PRO A 1 90  ? -5.970  10.280  7.017   1.00 51.08 ? 88  PRO A CB  1 
ATOM   643 C  CG  . PRO A 1 90  ? -5.609  9.704   8.312   1.00 50.15 ? 88  PRO A CG  1 
ATOM   644 C  CD  . PRO A 1 90  ? -5.170  10.870  9.149   1.00 50.74 ? 88  PRO A CD  1 
ATOM   645 N  N   . ALA A 1 91  ? -8.827  11.778  6.349   1.00 51.50 ? 89  ALA A N   1 
ATOM   646 C  CA  . ALA A 1 91  ? -10.209 11.367  6.194   1.00 51.74 ? 89  ALA A CA  1 
ATOM   647 C  C   . ALA A 1 91  ? -10.192 9.848   5.960   1.00 51.14 ? 89  ALA A C   1 
ATOM   648 O  O   . ALA A 1 91  ? -9.767  9.361   4.890   1.00 50.74 ? 89  ALA A O   1 
ATOM   649 C  CB  . ALA A 1 91  ? -10.885 12.112  5.012   1.00 51.42 ? 89  ALA A CB  1 
ATOM   650 N  N   . VAL A 1 92  ? -10.629 9.118   6.983   1.00 50.41 ? 90  VAL A N   1 
ATOM   651 C  CA  . VAL A 1 92  ? -10.741 7.670   6.917   1.00 49.55 ? 90  VAL A CA  1 
ATOM   652 C  C   . VAL A 1 92  ? -12.218 7.369   6.930   1.00 47.86 ? 90  VAL A C   1 
ATOM   653 O  O   . VAL A 1 92  ? -12.920 7.693   7.885   1.00 48.05 ? 90  VAL A O   1 
ATOM   654 C  CB  . VAL A 1 92  ? -10.070 6.958   8.128   1.00 49.84 ? 90  VAL A CB  1 
ATOM   655 C  CG1 . VAL A 1 92  ? -10.165 5.457   7.968   1.00 50.86 ? 90  VAL A CG1 1 
ATOM   656 C  CG2 . VAL A 1 92  ? -8.627  7.373   8.259   1.00 50.36 ? 90  VAL A CG2 1 
ATOM   657 N  N   . VAL A 1 93  ? -12.687 6.752   5.852   1.00 46.14 ? 91  VAL A N   1 
ATOM   658 C  CA  . VAL A 1 93  ? -14.077 6.387   5.738   1.00 44.70 ? 91  VAL A CA  1 
ATOM   659 C  C   . VAL A 1 93  ? -14.405 5.257   6.725   1.00 44.01 ? 91  VAL A C   1 
ATOM   660 O  O   . VAL A 1 93  ? -13.526 4.487   7.149   1.00 42.23 ? 91  VAL A O   1 
ATOM   661 C  CB  . VAL A 1 93  ? -14.441 6.013   4.274   1.00 45.03 ? 91  VAL A CB  1 
ATOM   662 C  CG1 . VAL A 1 93  ? -14.238 7.246   3.360   1.00 44.99 ? 91  VAL A CG1 1 
ATOM   663 C  CG2 . VAL A 1 93  ? -13.618 4.812   3.793   1.00 43.86 ? 91  VAL A CG2 1 
ATOM   664 N  N   . GLU A 1 94  ? -15.679 5.184   7.100   1.00 42.96 ? 92  GLU A N   1 
ATOM   665 C  CA  . GLU A 1 94  ? -16.150 4.188   8.068   1.00 43.30 ? 92  GLU A CA  1 
ATOM   666 C  C   . GLU A 1 94  ? -15.813 2.737   7.653   1.00 41.69 ? 92  GLU A C   1 
ATOM   667 O  O   . GLU A 1 94  ? -15.658 1.861   8.498   1.00 41.87 ? 92  GLU A O   1 
ATOM   668 C  CB  . GLU A 1 94  ? -17.669 4.333   8.273   1.00 43.74 ? 92  GLU A CB  1 
ATOM   669 C  CG  . GLU A 1 94  ? -18.066 4.370   9.736   1.00 48.37 ? 92  GLU A CG  1 
ATOM   670 C  CD  . GLU A 1 94  ? -19.558 4.141   9.946   1.00 53.15 ? 92  GLU A CD  1 
ATOM   671 O  OE1 . GLU A 1 94  ? -20.250 5.102   10.366  1.00 57.01 ? 92  GLU A OE1 1 
ATOM   672 O  OE2 . GLU A 1 94  ? -20.023 3.002   9.683   1.00 55.55 ? 92  GLU A OE2 1 
ATOM   673 N  N   . LYS A 1 95  ? -15.707 2.510   6.346   1.00 39.63 ? 93  LYS A N   1 
ATOM   674 C  CA  . LYS A 1 95  ? -15.364 1.220   5.771   1.00 38.38 ? 93  LYS A CA  1 
ATOM   675 C  C   . LYS A 1 95  ? -13.989 0.668   6.195   1.00 37.01 ? 93  LYS A C   1 
ATOM   676 O  O   . LYS A 1 95  ? -13.707 -0.538  6.035   1.00 35.74 ? 93  LYS A O   1 
ATOM   677 C  CB  . LYS A 1 95  ? -15.394 1.406   4.252   1.00 39.38 ? 93  LYS A CB  1 
ATOM   678 C  CG  . LYS A 1 95  ? -15.267 0.142   3.413   1.00 40.97 ? 93  LYS A CG  1 
ATOM   679 C  CD  . LYS A 1 95  ? -15.542 0.475   1.914   1.00 43.42 ? 93  LYS A CD  1 
ATOM   680 C  CE  . LYS A 1 95  ? -17.040 0.405   1.562   1.00 43.75 ? 93  LYS A CE  1 
ATOM   681 N  NZ  . LYS A 1 95  ? -17.270 0.715   0.113   1.00 42.40 ? 93  LYS A NZ  1 
ATOM   682 N  N   . ILE A 1 96  ? -13.121 1.541   6.718   1.00 35.57 ? 94  ILE A N   1 
ATOM   683 C  CA  . ILE A 1 96  ? -11.819 1.115   7.267   1.00 35.22 ? 94  ILE A CA  1 
ATOM   684 C  C   . ILE A 1 96  ? -11.971 -0.022  8.286   1.00 35.44 ? 94  ILE A C   1 
ATOM   685 O  O   . ILE A 1 96  ? -11.070 -0.867  8.414   1.00 34.13 ? 94  ILE A O   1 
ATOM   686 C  CB  . ILE A 1 96  ? -11.057 2.319   7.912   1.00 34.68 ? 94  ILE A CB  1 
ATOM   687 C  CG1 . ILE A 1 96  ? -9.588  1.961   8.191   1.00 34.74 ? 94  ILE A CG1 1 
ATOM   688 C  CG2 . ILE A 1 96  ? -11.794 2.796   9.186   1.00 34.85 ? 94  ILE A CG2 1 
ATOM   689 C  CD1 . ILE A 1 96  ? -8.778  1.663   6.959   1.00 36.12 ? 94  ILE A CD1 1 
ATOM   690 N  N   . ARG A 1 97  ? -13.115 -0.057  8.972   1.00 37.14 ? 95  ARG A N   1 
ATOM   691 C  CA  . ARG A 1 97  ? -13.455 -1.127  9.919   1.00 38.75 ? 95  ARG A CA  1 
ATOM   692 C  C   . ARG A 1 97  ? -13.397 -2.540  9.308   1.00 38.91 ? 95  ARG A C   1 
ATOM   693 O  O   . ARG A 1 97  ? -13.217 -3.507  10.042  1.00 38.98 ? 95  ARG A O   1 
ATOM   694 C  CB  . ARG A 1 97  ? -14.852 -0.900  10.524  1.00 39.98 ? 95  ARG A CB  1 
ATOM   695 C  CG  . ARG A 1 97  ? -16.015 -1.194  9.533   1.00 45.10 ? 95  ARG A CG  1 
ATOM   696 C  CD  . ARG A 1 97  ? -17.406 -1.341  10.164  1.00 50.96 ? 95  ARG A CD  1 
ATOM   697 N  NE  . ARG A 1 97  ? -17.834 -0.140  10.891  1.00 56.87 ? 95  ARG A NE  1 
ATOM   698 C  CZ  . ARG A 1 97  ? -19.103 0.204   11.125  1.00 59.44 ? 95  ARG A CZ  1 
ATOM   699 N  NH1 . ARG A 1 97  ? -20.105 -0.546  10.673  1.00 60.36 ? 95  ARG A NH1 1 
ATOM   700 N  NH2 . ARG A 1 97  ? -19.372 1.321   11.811  1.00 60.50 ? 95  ARG A NH2 1 
ATOM   701 N  N   . SER A 1 98  ? -13.573 -2.654  7.986   1.00 38.70 ? 96  SER A N   1 
ATOM   702 C  CA  . SER A 1 98  ? -13.568 -3.951  7.290   1.00 39.11 ? 96  SER A CA  1 
ATOM   703 C  C   . SER A 1 98  ? -12.227 -4.320  6.654   1.00 38.84 ? 96  SER A C   1 
ATOM   704 O  O   . SER A 1 98  ? -12.109 -5.391  6.063   1.00 38.81 ? 96  SER A O   1 
ATOM   705 C  CB  . SER A 1 98  ? -14.611 -3.949  6.173   1.00 39.42 ? 96  SER A CB  1 
ATOM   706 O  OG  . SER A 1 98  ? -15.877 -3.539  6.656   1.00 40.53 ? 96  SER A OG  1 
ATOM   707 N  N   . VAL A 1 99  ? -11.242 -3.418  6.730   1.00 37.93 ? 97  VAL A N   1 
ATOM   708 C  CA  . VAL A 1 99  ? -9.948  -3.598  6.065   1.00 37.41 ? 97  VAL A CA  1 
ATOM   709 C  C   . VAL A 1 99  ? -8.911  -4.022  7.090   1.00 37.20 ? 97  VAL A C   1 
ATOM   710 O  O   . VAL A 1 99  ? -8.866  -3.440  8.160   1.00 36.31 ? 97  VAL A O   1 
ATOM   711 C  CB  . VAL A 1 99  ? -9.537  -2.268  5.380   1.00 37.58 ? 97  VAL A CB  1 
ATOM   712 C  CG1 . VAL A 1 99  ? -8.091  -2.317  4.883   1.00 38.29 ? 97  VAL A CG1 1 
ATOM   713 C  CG2 . VAL A 1 99  ? -10.514 -1.966  4.260   1.00 37.45 ? 97  VAL A CG2 1 
ATOM   714 N  N   . THR A 1 100 ? -8.091  -5.031  6.783   1.00 37.28 ? 98  THR A N   1 
ATOM   715 C  CA  . THR A 1 100 ? -6.959  -5.381  7.664   1.00 38.08 ? 98  THR A CA  1 
ATOM   716 C  C   . THR A 1 100 ? -5.774  -4.502  7.262   1.00 36.31 ? 98  THR A C   1 
ATOM   717 O  O   . THR A 1 100 ? -5.269  -4.608  6.135   1.00 37.67 ? 98  THR A O   1 
ATOM   718 C  CB  . THR A 1 100 ? -6.556  -6.877  7.552   1.00 38.96 ? 98  THR A CB  1 
ATOM   719 O  OG1 . THR A 1 100 ? -7.735  -7.675  7.582   1.00 41.26 ? 98  THR A OG1 1 
ATOM   720 C  CG2 . THR A 1 100 ? -5.656  -7.296  8.698   1.00 39.42 ? 98  THR A CG2 1 
ATOM   721 N  N   . ALA A 1 101 ? -5.418  -3.566  8.134   1.00 34.27 ? 99  ALA A N   1 
ATOM   722 C  CA  . ALA A 1 101 ? -4.292  -2.661  7.902   1.00 32.80 ? 99  ALA A CA  1 
ATOM   723 C  C   . ALA A 1 101 ? -3.102  -3.120  8.746   1.00 31.66 ? 99  ALA A C   1 
ATOM   724 O  O   . ALA A 1 101 ? -3.277  -3.536  9.885   1.00 32.12 ? 99  ALA A O   1 
ATOM   725 C  CB  . ALA A 1 101 ? -4.683  -1.235  8.273   1.00 33.83 ? 99  ALA A CB  1 
ATOM   726 N  N   . TYR A 1 102 ? -1.910  -3.065  8.193   1.00 29.83 ? 100 TYR A N   1 
ATOM   727 C  CA  . TYR A 1 102 ? -0.701  -3.384  8.932   1.00 30.16 ? 100 TYR A CA  1 
ATOM   728 C  C   . TYR A 1 102 ? 0.024   -2.131  9.422   1.00 29.83 ? 100 TYR A C   1 
ATOM   729 O  O   . TYR A 1 102 ? 0.982   -2.231  10.183  1.00 31.30 ? 100 TYR A O   1 
ATOM   730 C  CB  . TYR A 1 102 ? 0.261   -4.203  8.092   1.00 29.88 ? 100 TYR A CB  1 
ATOM   731 C  CG  . TYR A 1 102 ? -0.097  -5.669  8.041   1.00 32.47 ? 100 TYR A CG  1 
ATOM   732 C  CD1 . TYR A 1 102 ? -1.288  -6.096  7.438   1.00 34.11 ? 100 TYR A CD1 1 
ATOM   733 C  CD2 . TYR A 1 102 ? 0.727   -6.616  8.639   1.00 33.57 ? 100 TYR A CD2 1 
ATOM   734 C  CE1 . TYR A 1 102 ? -1.635  -7.444  7.406   1.00 36.84 ? 100 TYR A CE1 1 
ATOM   735 C  CE2 . TYR A 1 102 ? 0.391   -7.966  8.607   1.00 37.63 ? 100 TYR A CE2 1 
ATOM   736 C  CZ  . TYR A 1 102 ? -0.782  -8.372  7.989   1.00 37.91 ? 100 TYR A CZ  1 
ATOM   737 O  OH  . TYR A 1 102 ? -1.083  -9.716  7.969   1.00 41.16 ? 100 TYR A OH  1 
ATOM   738 N  N   . GLY A 1 103 ? -0.394  -0.954  8.953   1.00 27.91 ? 101 GLY A N   1 
ATOM   739 C  CA  . GLY A 1 103 ? 0.285   0.244   9.356   1.00 26.82 ? 101 GLY A CA  1 
ATOM   740 C  C   . GLY A 1 103 ? -0.223  1.446   8.595   1.00 25.58 ? 101 GLY A C   1 
ATOM   741 O  O   . GLY A 1 103 ? -0.952  1.295   7.618   1.00 23.25 ? 101 GLY A O   1 
ATOM   742 N  N   . TYR A 1 104 ? 0.174   2.618   9.080   1.00 25.26 ? 102 TYR A N   1 
ATOM   743 C  CA  . TYR A 1 104 ? -0.085  3.911   8.415   1.00 24.43 ? 102 TYR A CA  1 
ATOM   744 C  C   . TYR A 1 104 ? 1.195   4.694   8.501   1.00 25.73 ? 102 TYR A C   1 
ATOM   745 O  O   . TYR A 1 104 ? 1.773   4.827   9.593   1.00 25.50 ? 102 TYR A O   1 
ATOM   746 C  CB  . TYR A 1 104 ? -1.181  4.718   9.128   1.00 25.40 ? 102 TYR A CB  1 
ATOM   747 C  CG  . TYR A 1 104 ? -2.539  4.057   9.087   1.00 23.65 ? 102 TYR A CG  1 
ATOM   748 C  CD1 . TYR A 1 104 ? -3.503  4.467   8.190   1.00 24.11 ? 102 TYR A CD1 1 
ATOM   749 C  CD2 . TYR A 1 104 ? -2.838  3.005   9.946   1.00 23.35 ? 102 TYR A CD2 1 
ATOM   750 C  CE1 . TYR A 1 104 ? -4.758  3.840   8.141   1.00 23.80 ? 102 TYR A CE1 1 
ATOM   751 C  CE2 . TYR A 1 104 ? -4.080  2.368   9.894   1.00 25.77 ? 102 TYR A CE2 1 
ATOM   752 C  CZ  . TYR A 1 104 ? -5.025  2.806   8.996   1.00 26.30 ? 102 TYR A CZ  1 
ATOM   753 O  OH  . TYR A 1 104 ? -6.243  2.183   8.963   1.00 29.42 ? 102 TYR A OH  1 
ATOM   754 N  N   . VAL A 1 105 ? 1.615   5.278   7.394   1.00 25.17 ? 103 VAL A N   1 
ATOM   755 C  CA  . VAL A 1 105 ? 2.806   6.088   7.394   1.00 26.75 ? 103 VAL A CA  1 
ATOM   756 C  C   . VAL A 1 105 ? 2.588   7.367   6.584   1.00 28.20 ? 103 VAL A C   1 
ATOM   757 O  O   . VAL A 1 105 ? 1.921   7.350   5.540   1.00 26.47 ? 103 VAL A O   1 
ATOM   758 C  CB  . VAL A 1 105 ? 4.009   5.280   6.904   1.00 27.18 ? 103 VAL A CB  1 
ATOM   759 C  CG1 . VAL A 1 105 ? 3.780   4.720   5.534   1.00 28.04 ? 103 VAL A CG1 1 
ATOM   760 C  CG2 . VAL A 1 105 ? 5.278   6.097   6.955   1.00 29.34 ? 103 VAL A CG2 1 
ATOM   761 N  N   . MET A 1 106 ? 3.109   8.468   7.110   1.00 30.40 ? 104 MET A N   1 
ATOM   762 C  CA  A MET A 1 106 ? 3.090   9.756   6.409   0.50 31.82 ? 104 MET A CA  1 
ATOM   763 C  CA  B MET A 1 106 ? 3.079   9.740   6.395   0.50 32.02 ? 104 MET A CA  1 
ATOM   764 C  C   . MET A 1 106 ? 3.977   9.706   5.163   1.00 33.33 ? 104 MET A C   1 
ATOM   765 O  O   . MET A 1 106 ? 5.107   9.195   5.198   1.00 32.92 ? 104 MET A O   1 
ATOM   766 C  CB  A MET A 1 106 ? 3.553   10.892  7.337   0.50 32.28 ? 104 MET A CB  1 
ATOM   767 C  CB  B MET A 1 106 ? 3.483   10.878  7.328   0.50 32.70 ? 104 MET A CB  1 
ATOM   768 C  CG  A MET A 1 106 ? 2.577   11.225  8.486   0.50 33.02 ? 104 MET A CG  1 
ATOM   769 C  CG  B MET A 1 106 ? 2.372   11.249  8.301   0.50 34.03 ? 104 MET A CG  1 
ATOM   770 S  SD  A MET A 1 106 ? 3.059   12.738  9.412   0.50 36.51 ? 104 MET A SD  1 
ATOM   771 S  SD  B MET A 1 106 ? 1.141   12.312  7.527   0.50 40.47 ? 104 MET A SD  1 
ATOM   772 C  CE  A MET A 1 106 ? 4.744   12.364  9.897   0.50 36.07 ? 104 MET A CE  1 
ATOM   773 C  CE  B MET A 1 106 ? 2.132   13.408  6.537   0.50 39.66 ? 104 MET A CE  1 
ATOM   774 N  N   . LYS A 1 107 ? 3.494   10.251  4.049   1.00 34.99 ? 105 LYS A N   1 
ATOM   775 C  CA  . LYS A 1 107 ? 4.336   10.323  2.849   1.00 37.61 ? 105 LYS A CA  1 
ATOM   776 C  C   . LYS A 1 107 ? 5.593   11.209  3.075   1.00 38.91 ? 105 LYS A C   1 
ATOM   777 O  O   . LYS A 1 107 ? 6.605   11.027  2.419   1.00 39.83 ? 105 LYS A O   1 
ATOM   778 C  CB  . LYS A 1 107 ? 3.514   10.777  1.634   1.00 38.49 ? 105 LYS A CB  1 
ATOM   779 C  CG  . LYS A 1 107 ? 2.773   9.588   1.001   1.00 39.51 ? 105 LYS A CG  1 
ATOM   780 C  CD  . LYS A 1 107 ? 1.894   9.972   -0.166  1.00 41.39 ? 105 LYS A CD  1 
ATOM   781 C  CE  . LYS A 1 107 ? 0.634   10.631  0.290   1.00 40.85 ? 105 LYS A CE  1 
ATOM   782 N  NZ  . LYS A 1 107 ? -0.255  10.882  -0.859  1.00 41.92 ? 105 LYS A NZ  1 
ATOM   783 N  N   . SER A 1 108 ? 5.532   12.110  4.047   1.00 40.39 ? 106 SER A N   1 
ATOM   784 C  CA  . SER A 1 108 ? 6.694   12.911  4.448   1.00 41.84 ? 106 SER A CA  1 
ATOM   785 C  C   . SER A 1 108 ? 7.601   12.233  5.503   1.00 42.43 ? 106 SER A C   1 
ATOM   786 O  O   . SER A 1 108 ? 8.514   12.879  6.022   1.00 43.32 ? 106 SER A O   1 
ATOM   787 C  CB  . SER A 1 108 ? 6.204   14.241  5.021   1.00 42.07 ? 106 SER A CB  1 
ATOM   788 O  OG  . SER A 1 108 ? 5.400   14.025  6.170   1.00 43.73 ? 106 SER A OG  1 
ATOM   789 N  N   . ALA A 1 109 ? 7.339   10.970  5.860   1.00 41.94 ? 107 ALA A N   1 
ATOM   790 C  CA  . ALA A 1 109 ? 8.160   10.281  6.875   1.00 41.29 ? 107 ALA A CA  1 
ATOM   791 C  C   . ALA A 1 109 ? 9.571   9.973   6.364   1.00 41.08 ? 107 ALA A C   1 
ATOM   792 O  O   . ALA A 1 109 ? 9.820   9.819   5.158   1.00 40.26 ? 107 ALA A O   1 
ATOM   793 C  CB  . ALA A 1 109 ? 7.474   8.977   7.361   1.00 40.84 ? 107 ALA A CB  1 
ATOM   794 N  N   . THR A 1 110 ? 10.492  9.836   7.319   1.00 40.99 ? 108 THR A N   1 
ATOM   795 C  CA  . THR A 1 110 ? 11.872  9.465   7.020   1.00 40.31 ? 108 THR A CA  1 
ATOM   796 C  C   . THR A 1 110 ? 11.941  8.094   6.377   1.00 40.37 ? 108 THR A C   1 
ATOM   797 O  O   . THR A 1 110 ? 11.020  7.298   6.533   1.00 41.13 ? 108 THR A O   1 
ATOM   798 C  CB  . THR A 1 110 ? 12.721  9.427   8.303   1.00 39.95 ? 108 THR A CB  1 
ATOM   799 O  OG1 . THR A 1 110 ? 12.261  8.372   9.157   1.00 38.37 ? 108 THR A OG1 1 
ATOM   800 C  CG2 . THR A 1 110 ? 12.634  10.756  9.057   1.00 40.72 ? 108 THR A CG2 1 
ATOM   801 N  N   . GLU A 1 111 ? 13.039  7.833   5.667   1.00 39.55 ? 109 GLU A N   1 
ATOM   802 C  CA  . GLU A 1 111 ? 13.373  6.503   5.149   1.00 39.42 ? 109 GLU A CA  1 
ATOM   803 C  C   . GLU A 1 111 ? 13.312  5.437   6.234   1.00 38.01 ? 109 GLU A C   1 
ATOM   804 O  O   . GLU A 1 111 ? 12.859  4.335   5.978   1.00 37.17 ? 109 GLU A O   1 
ATOM   805 C  CB  . GLU A 1 111 ? 14.787  6.458   4.555   1.00 40.27 ? 109 GLU A CB  1 
ATOM   806 C  CG  . GLU A 1 111 ? 14.939  7.024   3.169   1.00 42.33 ? 109 GLU A CG  1 
ATOM   807 C  CD  . GLU A 1 111 ? 16.265  6.648   2.469   1.00 43.86 ? 109 GLU A CD  1 
ATOM   808 O  OE1 . GLU A 1 111 ? 17.020  5.743   2.918   1.00 41.30 ? 109 GLU A OE1 1 
ATOM   809 O  OE2 . GLU A 1 111 ? 16.541  7.269   1.415   1.00 44.72 ? 109 GLU A OE2 1 
ATOM   810 N  N   . GLN A 1 112 ? 13.779  5.771   7.437   1.00 35.96 ? 110 GLN A N   1 
ATOM   811 C  CA  . GLN A 1 112 ? 13.912  4.794   8.510   1.00 35.21 ? 110 GLN A CA  1 
ATOM   812 C  C   . GLN A 1 112 ? 12.552  4.331   8.967   1.00 33.25 ? 110 GLN A C   1 
ATOM   813 O  O   . GLN A 1 112 ? 12.339  3.156   9.211   1.00 32.74 ? 110 GLN A O   1 
ATOM   814 C  CB  . GLN A 1 112 ? 14.669  5.382   9.709   1.00 35.23 ? 110 GLN A CB  1 
ATOM   815 C  CG  . GLN A 1 112 ? 16.142  5.605   9.456   1.00 37.76 ? 110 GLN A CG  1 
ATOM   816 C  CD  . GLN A 1 112 ? 16.493  6.970   8.869   1.00 40.75 ? 110 GLN A CD  1 
ATOM   817 O  OE1 . GLN A 1 112 ? 15.619  7.755   8.470   1.00 42.30 ? 110 GLN A OE1 1 
ATOM   818 N  NE2 . GLN A 1 112 ? 17.798  7.278   8.859   1.00 40.03 ? 110 GLN A NE2 1 
ATOM   819 N  N   . VAL A 1 113 ? 11.634  5.277   9.114   1.00 32.14 ? 111 VAL A N   1 
ATOM   820 C  CA  . VAL A 1 113 ? 10.279  4.937   9.524   1.00 31.27 ? 111 VAL A CA  1 
ATOM   821 C  C   . VAL A 1 113 ? 9.594   4.124   8.420   1.00 30.44 ? 111 VAL A C   1 
ATOM   822 O  O   . VAL A 1 113 ? 8.923   3.118   8.724   1.00 30.82 ? 111 VAL A O   1 
ATOM   823 C  CB  . VAL A 1 113 ? 9.456   6.177   9.916   1.00 30.64 ? 111 VAL A CB  1 
ATOM   824 C  CG1 . VAL A 1 113 ? 7.983   5.844   9.943   1.00 30.05 ? 111 VAL A CG1 1 
ATOM   825 C  CG2 . VAL A 1 113 ? 9.943   6.686   11.297  1.00 31.56 ? 111 VAL A CG2 1 
ATOM   826 N  N   . LEU A 1 114 ? 9.759   4.529   7.166   1.00 29.56 ? 112 LEU A N   1 
ATOM   827 C  CA  . LEU A 1 114 ? 9.097   3.825   6.050   1.00 30.04 ? 112 LEU A CA  1 
ATOM   828 C  C   . LEU A 1 114 ? 9.603   2.401   5.881   1.00 29.42 ? 112 LEU A C   1 
ATOM   829 O  O   . LEU A 1 114 ? 8.823   1.469   5.816   1.00 28.81 ? 112 LEU A O   1 
ATOM   830 C  CB  . LEU A 1 114 ? 9.262   4.571   4.714   1.00 30.23 ? 112 LEU A CB  1 
ATOM   831 C  CG  . LEU A 1 114 ? 8.737   3.839   3.445   1.00 31.19 ? 112 LEU A CG  1 
ATOM   832 C  CD1 . LEU A 1 114 ? 7.211   3.720   3.441   1.00 33.64 ? 112 LEU A CD1 1 
ATOM   833 C  CD2 . LEU A 1 114 ? 9.214   4.519   2.192   1.00 32.49 ? 112 LEU A CD2 1 
ATOM   834 N  N   . ILE A 1 115 ? 10.918  2.222   5.843   1.00 28.91 ? 113 ILE A N   1 
ATOM   835 C  CA  . ILE A 1 115 ? 11.465  0.880   5.641   1.00 29.05 ? 113 ILE A CA  1 
ATOM   836 C  C   . ILE A 1 115 ? 11.189  -0.004  6.846   1.00 27.82 ? 113 ILE A C   1 
ATOM   837 O  O   . ILE A 1 115 ? 10.945  -1.172  6.678   1.00 28.67 ? 113 ILE A O   1 
ATOM   838 C  CB  . ILE A 1 115 ? 12.960  0.877   5.314   1.00 29.41 ? 113 ILE A CB  1 
ATOM   839 C  CG1 . ILE A 1 115 ? 13.182  1.545   3.966   1.00 34.70 ? 113 ILE A CG1 1 
ATOM   840 C  CG2 . ILE A 1 115 ? 13.479  -0.559  5.201   1.00 28.98 ? 113 ILE A CG2 1 
ATOM   841 C  CD1 . ILE A 1 115 ? 12.725  0.658   2.757   1.00 35.60 ? 113 ILE A CD1 1 
ATOM   842 N  N   . THR A 1 116 ? 11.175  0.555   8.057   1.00 26.95 ? 114 THR A N   1 
ATOM   843 C  CA  . THR A 1 116 ? 10.880  -0.261  9.236   1.00 26.65 ? 114 THR A CA  1 
ATOM   844 C  C   . THR A 1 116 ? 9.450   -0.831  9.190   1.00 25.79 ? 114 THR A C   1 
ATOM   845 O  O   . THR A 1 116 ? 9.232   -1.995  9.502   1.00 24.57 ? 114 THR A O   1 
ATOM   846 C  CB  . THR A 1 116 ? 11.123  0.509   10.579  1.00 26.57 ? 114 THR A CB  1 
ATOM   847 O  OG1 . THR A 1 116 ? 12.505  0.855   10.673  1.00 28.96 ? 114 THR A OG1 1 
ATOM   848 C  CG2 . THR A 1 116 ? 10.747  -0.341  11.791  1.00 26.59 ? 114 THR A CG2 1 
ATOM   849 N  N   . ILE A 1 117 ? 8.488   0.000   8.785   1.00 25.41 ? 115 ILE A N   1 
ATOM   850 C  CA  . ILE A 1 117 ? 7.121   -0.428  8.685   1.00 25.25 ? 115 ILE A CA  1 
ATOM   851 C  C   . ILE A 1 117 ? 6.960   -1.493  7.628   1.00 24.18 ? 115 ILE A C   1 
ATOM   852 O  O   . ILE A 1 117 ? 6.239   -2.486  7.862   1.00 24.24 ? 115 ILE A O   1 
ATOM   853 C  CB  . ILE A 1 117 ? 6.109   0.739   8.426   1.00 25.21 ? 115 ILE A CB  1 
ATOM   854 C  CG1 . ILE A 1 117 ? 6.093   1.724   9.589   1.00 30.13 ? 115 ILE A CG1 1 
ATOM   855 C  CG2 . ILE A 1 117 ? 4.719   0.146   8.265   1.00 27.17 ? 115 ILE A CG2 1 
ATOM   856 C  CD1 . ILE A 1 117 ? 5.972   1.073   10.978  1.00 33.45 ? 115 ILE A CD1 1 
ATOM   857 N  N   . VAL A 1 118 ? 7.596   -1.288  6.478   1.00 24.38 ? 116 VAL A N   1 
ATOM   858 C  CA  . VAL A 1 118 ? 7.599   -2.295  5.415   1.00 25.25 ? 116 VAL A CA  1 
ATOM   859 C  C   . VAL A 1 118 ? 8.175   -3.648  5.936   1.00 25.32 ? 116 VAL A C   1 
ATOM   860 O  O   . VAL A 1 118 ? 7.529   -4.686  5.816   1.00 25.51 ? 116 VAL A O   1 
ATOM   861 C  CB  . VAL A 1 118 ? 8.337   -1.757  4.180   1.00 25.96 ? 116 VAL A CB  1 
ATOM   862 C  CG1 . VAL A 1 118 ? 8.575   -2.856  3.148   1.00 26.53 ? 116 VAL A CG1 1 
ATOM   863 C  CG2 . VAL A 1 118 ? 7.544   -0.589  3.554   1.00 23.98 ? 116 VAL A CG2 1 
ATOM   864 N  N   . GLU A 1 119 ? 9.328   -3.599  6.575   1.00 27.24 ? 117 GLU A N   1 
ATOM   865 C  CA  . GLU A 1 119 ? 10.021  -4.828  7.011   1.00 28.86 ? 117 GLU A CA  1 
ATOM   866 C  C   . GLU A 1 119 ? 9.199   -5.537  8.056   1.00 28.38 ? 117 GLU A C   1 
ATOM   867 O  O   . GLU A 1 119 ? 9.064   -6.727  7.997   1.00 29.26 ? 117 GLU A O   1 
ATOM   868 C  CB  . GLU A 1 119 ? 11.398  -4.512  7.601   1.00 30.11 ? 117 GLU A CB  1 
ATOM   869 C  CG  . GLU A 1 119 ? 12.405  -3.933  6.605   1.00 33.73 ? 117 GLU A CG  1 
ATOM   870 C  CD  . GLU A 1 119 ? 12.991  -4.979  5.690   1.00 38.03 ? 117 GLU A CD  1 
ATOM   871 O  OE1 . GLU A 1 119 ? 12.801  -6.196  5.961   1.00 42.53 ? 117 GLU A OE1 1 
ATOM   872 O  OE2 . GLU A 1 119 ? 13.612  -4.581  4.696   1.00 40.05 ? 117 GLU A OE2 1 
ATOM   873 N  N   . MET A 1 120 ? 8.645   -4.795  9.008   1.00 27.54 ? 118 MET A N   1 
ATOM   874 C  CA  . MET A 1 120 ? 7.817   -5.404  10.061  1.00 28.35 ? 118 MET A CA  1 
ATOM   875 C  C   . MET A 1 120 ? 6.517   -5.984  9.503   1.00 27.78 ? 118 MET A C   1 
ATOM   876 O  O   . MET A 1 120 ? 6.173   -7.109  9.843   1.00 28.40 ? 118 MET A O   1 
ATOM   877 C  CB  . MET A 1 120 ? 7.565   -4.421  11.210  1.00 29.33 ? 118 MET A CB  1 
ATOM   878 C  CG  . MET A 1 120 ? 8.829   -4.130  12.037  1.00 35.30 ? 118 MET A CG  1 
ATOM   879 S  SD  . MET A 1 120 ? 8.614   -3.310  13.659  1.00 48.02 ? 118 MET A SD  1 
ATOM   880 C  CE  . MET A 1 120 ? 10.235  -3.622  14.446  1.00 41.97 ? 118 MET A CE  1 
ATOM   881 N  N   . ALA A 1 121 ? 5.839   -5.272  8.603   1.00 27.19 ? 119 ALA A N   1 
ATOM   882 C  CA  . ALA A 1 121 ? 4.612   -5.784  7.958   1.00 28.92 ? 119 ALA A CA  1 
ATOM   883 C  C   . ALA A 1 121 ? 4.868   -7.111  7.212   1.00 31.19 ? 119 ALA A C   1 
ATOM   884 O  O   . ALA A 1 121 ? 4.071   -8.052  7.292   1.00 32.31 ? 119 ALA A O   1 
ATOM   885 C  CB  . ALA A 1 121 ? 4.042   -4.727  6.974   1.00 28.82 ? 119 ALA A CB  1 
ATOM   886 N  N   . LEU A 1 122 ? 5.999   -7.175  6.522   1.00 33.67 ? 120 LEU A N   1 
ATOM   887 C  CA  . LEU A 1 122 ? 6.407   -8.364  5.783   1.00 35.98 ? 120 LEU A CA  1 
ATOM   888 C  C   . LEU A 1 122 ? 6.540   -9.576  6.758   1.00 39.14 ? 120 LEU A C   1 
ATOM   889 O  O   . LEU A 1 122 ? 5.986   -10.642 6.491   1.00 39.85 ? 120 LEU A O   1 
ATOM   890 C  CB  . LEU A 1 122 ? 7.691   -8.092  4.993   1.00 35.13 ? 120 LEU A CB  1 
ATOM   891 C  CG  . LEU A 1 122 ? 7.505   -7.220  3.722   1.00 34.02 ? 120 LEU A CG  1 
ATOM   892 C  CD1 . LEU A 1 122 ? 8.821   -6.789  3.116   1.00 31.63 ? 120 LEU A CD1 1 
ATOM   893 C  CD2 . LEU A 1 122 ? 6.604   -7.911  2.662   1.00 32.97 ? 120 LEU A CD2 1 
ATOM   894 N  N   . ARG A 1 123 ? 7.196   -9.372  7.895   1.00 41.99 ? 121 ARG A N   1 
ATOM   895 C  CA  . ARG A 1 123 ? 7.335   -10.445 8.904   1.00 44.33 ? 121 ARG A CA  1 
ATOM   896 C  C   . ARG A 1 123 ? 6.034   -10.768 9.646   1.00 45.92 ? 121 ARG A C   1 
ATOM   897 O  O   . ARG A 1 123 ? 5.730   -11.948 9.868   1.00 46.32 ? 121 ARG A O   1 
ATOM   898 C  CB  . ARG A 1 123 ? 8.430   -10.135 9.915   1.00 44.81 ? 121 ARG A CB  1 
ATOM   899 C  CG  . ARG A 1 123 ? 9.587   -9.352  9.407   1.00 47.54 ? 121 ARG A CG  1 
ATOM   900 C  CD  . ARG A 1 123 ? 10.949  -9.879  9.831   1.00 51.26 ? 121 ARG A CD  1 
ATOM   901 N  NE  . ARG A 1 123 ? 11.986  -9.166  9.101   1.00 54.61 ? 121 ARG A NE  1 
ATOM   902 C  CZ  . ARG A 1 123 ? 12.159  -9.219  7.770   1.00 60.20 ? 121 ARG A CZ  1 
ATOM   903 N  NH1 . ARG A 1 123 ? 11.389  -9.976  6.987   1.00 60.83 ? 121 ARG A NH1 1 
ATOM   904 N  NH2 . ARG A 1 123 ? 13.123  -8.503  7.194   1.00 62.18 ? 121 ARG A NH2 1 
ATOM   905 N  N   . LEU A 1 124 ? 5.268   -9.747  10.039  1.00 47.96 ? 122 LEU A N   1 
ATOM   906 C  CA  . LEU A 1 124 ? 3.959   -9.966  10.671  1.00 49.56 ? 122 LEU A CA  1 
ATOM   907 C  C   . LEU A 1 124 ? 3.021   -10.745 9.743   1.00 51.77 ? 122 LEU A C   1 
ATOM   908 O  O   . LEU A 1 124 ? 2.168   -11.505 10.214  1.00 51.59 ? 122 LEU A O   1 
ATOM   909 C  CB  . LEU A 1 124 ? 3.280   -8.650  11.078  1.00 49.86 ? 122 LEU A CB  1 
ATOM   910 C  CG  . LEU A 1 124 ? 3.836   -7.867  12.266  1.00 49.95 ? 122 LEU A CG  1 
ATOM   911 C  CD1 . LEU A 1 124 ? 3.268   -6.422  12.371  1.00 51.39 ? 122 LEU A CD1 1 
ATOM   912 C  CD2 . LEU A 1 124 ? 3.555   -8.658  13.522  1.00 50.77 ? 122 LEU A CD2 1 
ATOM   913 N  N   . TYR A 1 125 ? 3.165   -10.551 8.433   1.00 54.04 ? 123 TYR A N   1 
ATOM   914 C  CA  . TYR A 1 125 ? 2.285   -11.210 7.469   1.00 56.25 ? 123 TYR A CA  1 
ATOM   915 C  C   . TYR A 1 125 ? 2.546   -12.717 7.470   1.00 57.81 ? 123 TYR A C   1 
ATOM   916 O  O   . TYR A 1 125 ? 1.599   -13.511 7.628   1.00 57.94 ? 123 TYR A O   1 
ATOM   917 C  CB  . TYR A 1 125 ? 2.467   -10.620 6.070   1.00 56.24 ? 123 TYR A CB  1 
ATOM   918 C  CG  . TYR A 1 125 ? 1.731   -11.362 4.969   1.00 57.43 ? 123 TYR A CG  1 
ATOM   919 C  CD1 . TYR A 1 125 ? 0.373   -11.678 5.091   1.00 58.34 ? 123 TYR A CD1 1 
ATOM   920 C  CD2 . TYR A 1 125 ? 2.392   -11.724 3.790   1.00 59.41 ? 123 TYR A CD2 1 
ATOM   921 C  CE1 . TYR A 1 125 ? -0.302  -12.359 4.078   1.00 59.65 ? 123 TYR A CE1 1 
ATOM   922 C  CE2 . TYR A 1 125 ? 1.726   -12.401 2.769   1.00 60.42 ? 123 TYR A CE2 1 
ATOM   923 C  CZ  . TYR A 1 125 ? 0.385   -12.718 2.925   1.00 61.07 ? 123 TYR A CZ  1 
ATOM   924 O  OH  . TYR A 1 125 ? -0.264  -13.373 1.912   1.00 64.53 ? 123 TYR A OH  1 
ATOM   925 N  N   . GLU A 1 126 ? 3.815   -13.088 7.310   1.00 59.55 ? 124 GLU A N   1 
ATOM   926 C  CA  . GLU A 1 126 ? 4.267   -14.489 7.426   1.00 61.50 ? 124 GLU A CA  1 
ATOM   927 C  C   . GLU A 1 126 ? 3.834   -15.176 8.744   1.00 62.86 ? 124 GLU A C   1 
ATOM   928 O  O   . GLU A 1 126 ? 3.376   -16.320 8.735   1.00 63.11 ? 124 GLU A O   1 
ATOM   929 C  CB  . GLU A 1 126 ? 5.794   -14.557 7.310   1.00 61.70 ? 124 GLU A CB  1 
ATOM   930 C  CG  . GLU A 1 126 ? 6.333   -14.124 5.943   1.00 63.06 ? 124 GLU A CG  1 
ATOM   931 C  CD  . GLU A 1 126 ? 7.769   -13.606 6.005   1.00 65.07 ? 124 GLU A CD  1 
ATOM   932 O  OE1 . GLU A 1 126 ? 8.538   -14.077 6.882   1.00 66.27 ? 124 GLU A OE1 1 
ATOM   933 O  OE2 . GLU A 1 126 ? 8.120   -12.727 5.175   1.00 66.18 ? 124 GLU A OE2 1 
ATOM   934 N  N   . ALA A 1 127 ? 3.988   -14.470 9.864   1.00 64.74 ? 125 ALA A N   1 
ATOM   935 C  CA  . ALA A 1 127 ? 3.549   -14.960 11.181  1.00 66.04 ? 125 ALA A CA  1 
ATOM   936 C  C   . ALA A 1 127 ? 2.044   -15.293 11.258  1.00 67.52 ? 125 ALA A C   1 
ATOM   937 O  O   . ALA A 1 127 ? 1.670   -16.331 11.818  1.00 67.46 ? 125 ALA A O   1 
ATOM   938 C  CB  . ALA A 1 127 ? 3.914   -13.947 12.266  1.00 66.03 ? 125 ALA A CB  1 
ATOM   939 N  N   . ASN A 1 128 ? 1.191   -14.417 10.710  1.00 69.03 ? 126 ASN A N   1 
ATOM   940 C  CA  . ASN A 1 128 ? -0.267  -14.658 10.671  1.00 70.25 ? 126 ASN A CA  1 
ATOM   941 C  C   . ASN A 1 128 ? -0.660  -15.627 9.536   1.00 71.23 ? 126 ASN A C   1 
ATOM   942 O  O   . ASN A 1 128 ? -1.508  -16.501 9.739   1.00 71.29 ? 126 ASN A O   1 
ATOM   943 C  CB  . ASN A 1 128 ? -1.075  -13.346 10.515  1.00 70.39 ? 126 ASN A CB  1 
ATOM   944 C  CG  . ASN A 1 128 ? -0.807  -12.317 11.638  1.00 71.09 ? 126 ASN A CG  1 
ATOM   945 O  OD1 . ASN A 1 128 ? -0.778  -12.644 12.833  1.00 71.35 ? 126 ASN A OD1 1 
ATOM   946 N  ND2 . ASN A 1 128 ? -0.637  -11.056 11.238  1.00 71.54 ? 126 ASN A ND2 1 
ATOM   947 N  N   . VAL A 1 129 ? -0.054  -15.463 8.352   1.00 72.31 ? 127 VAL A N   1 
ATOM   948 C  CA  . VAL A 1 129 ? -0.370  -16.297 7.166   1.00 73.12 ? 127 VAL A CA  1 
ATOM   949 C  C   . VAL A 1 129 ? 0.039   -17.759 7.381   1.00 73.91 ? 127 VAL A C   1 
ATOM   950 O  O   . VAL A 1 129 ? -0.543  -18.667 6.778   1.00 74.28 ? 127 VAL A O   1 
ATOM   951 C  CB  . VAL A 1 129 ? 0.295   -15.766 5.859   1.00 72.94 ? 127 VAL A CB  1 
ATOM   952 N  N   . HIS A 1 130 ? 1.046   -17.967 8.229   1.00 74.44 ? 128 HIS A N   1 
ATOM   953 C  CA  . HIS A 1 130 ? 1.339   -19.279 8.823   1.00 74.99 ? 128 HIS A CA  1 
ATOM   954 C  C   . HIS A 1 130 ? 0.086   -20.155 9.099   1.00 74.88 ? 128 HIS A C   1 
ATOM   955 O  O   . HIS A 1 130 ? -0.514  -20.121 10.182  1.00 74.78 ? 128 HIS A O   1 
ATOM   956 C  CB  . HIS A 1 130 ? 2.123   -19.054 10.119  1.00 75.23 ? 128 HIS A CB  1 
ATOM   957 C  CG  . HIS A 1 130 ? 2.599   -20.308 10.771  1.00 76.08 ? 128 HIS A CG  1 
ATOM   958 N  ND1 . HIS A 1 130 ? 3.501   -21.165 10.177  1.00 77.29 ? 128 HIS A ND1 1 
ATOM   959 C  CD2 . HIS A 1 130 ? 2.313   -20.839 11.982  1.00 76.48 ? 128 HIS A CD2 1 
ATOM   960 C  CE1 . HIS A 1 130 ? 3.742   -22.180 10.988  1.00 77.39 ? 128 HIS A CE1 1 
ATOM   961 N  NE2 . HIS A 1 130 ? 3.033   -22.006 12.092  1.00 77.51 ? 128 HIS A NE2 1 
HETATM 962 NA NA  . NA  B 2 .   ? 2.556   -23.459 14.227  0.33 50.58 ? 139 NA  A NA  1 
HETATM 963 CL CL  . CL  C 3 .   ? -1.161  2.774   -13.473 1.00 36.79 ? 140 CL  A CL  1 
HETATM 964 O  O   . HOH D 4 .   ? 0.559   -24.411 12.880  1.00 55.03 ? 141 HOH A O   1 
HETATM 965 O  O   . HOH D 4 .   ? 3.464   13.578  -10.056 0.50 20.17 ? 142 HOH A O   1 
HETATM 966 O  O   . HOH D 4 .   ? 3.365   15.382  -5.597  1.00 20.66 ? 143 HOH A O   1 
HETATM 967 O  O   . HOH D 4 .   ? 1.363   12.215  -11.568 1.00 24.69 ? 144 HOH A O   1 
HETATM 968 O  O   . HOH D 4 .   ? 4.323   8.438   10.049  1.00 24.65 ? 145 HOH A O   1 
HETATM 969 O  O   . HOH D 4 .   ? -8.497  5.228   -7.873  1.00 27.00 ? 146 HOH A O   1 
HETATM 970 O  O   . HOH D 4 .   ? -4.515  11.070  4.165   1.00 33.82 ? 147 HOH A O   1 
HETATM 971 O  O   . HOH D 4 .   ? 12.069  -2.096  -9.200  1.00 33.58 ? 148 HOH A O   1 
HETATM 972 O  O   . HOH D 4 .   ? -1.681  -8.853  -13.759 1.00 30.83 ? 149 HOH A O   1 
HETATM 973 O  O   . HOH D 4 .   ? 13.522  8.680   -3.166  1.00 31.07 ? 150 HOH A O   1 
HETATM 974 O  O   . HOH D 4 .   ? 13.756  9.928   -5.517  1.00 34.28 ? 151 HOH A O   1 
HETATM 975 O  O   . HOH D 4 .   ? 9.360   10.305  10.162  1.00 41.70 ? 152 HOH A O   1 
HETATM 976 O  O   . HOH D 4 .   ? 5.455   -0.194  -12.413 1.00 32.94 ? 153 HOH A O   1 
HETATM 977 O  O   . HOH D 4 .   ? -5.439  8.077   -8.673  1.00 40.08 ? 154 HOH A O   1 
HETATM 978 O  O   . HOH D 4 .   ? 13.925  8.742   11.168  1.00 44.27 ? 155 HOH A O   1 
HETATM 979 O  O   . HOH D 4 .   ? -7.962  7.621   -8.560  1.00 37.19 ? 156 HOH A O   1 
HETATM 980 O  O   . HOH D 4 .   ? 2.259   -13.232 -8.709  1.00 37.72 ? 157 HOH A O   1 
HETATM 981 O  O   . HOH D 4 .   ? -7.632  -0.207  -14.703 1.00 38.63 ? 158 HOH A O   1 
HETATM 982 O  O   . HOH D 4 .   ? -6.047  -13.551 -10.159 1.00 48.23 ? 159 HOH A O   1 
HETATM 983 O  O   . HOH D 4 .   ? 17.175  3.688   -5.607  1.00 36.84 ? 160 HOH A O   1 
HETATM 984 O  O   . HOH D 4 .   ? 15.767  3.047   -8.192  1.00 48.72 ? 161 HOH A O   1 
HETATM 985 O  O   . HOH D 4 .   ? 3.743   5.752   11.255  1.00 35.31 ? 162 HOH A O   1 
# 
